data_8SWR
#
_entry.id   8SWR
#
_cell.length_a   89.430
_cell.length_b   111.005
_cell.length_c   97.870
_cell.angle_alpha   90.00
_cell.angle_beta   108.30
_cell.angle_gamma   90.00
#
_symmetry.space_group_name_H-M   'P 1 21 1'
#
loop_
_entity.id
_entity.type
_entity.pdbx_description
1 polymer 'Purine nucleoside phosphorylase'
2 non-polymer 2-amino-7-{[(3R,4R)-3-hydroxy-4-(hydroxymethyl)pyrrolidin-1-yl]methyl}-3,5-dihydro-4H-pyrrolo[3,2-d]pyrimidin-4-one
3 non-polymer 'SULFATE ION'
4 non-polymer GUANINE
5 water water
#
_entity_poly.entity_id   1
_entity_poly.type   'polypeptide(L)'
_entity_poly.pdbx_seq_one_letter_code
;SMMSSLDINEQRALIKSAHRYISEKLEDHFSSEFLPKALVICGEGLSGISTKIADEPKPLILSYSTIPGFKVSTVPGHSG
ELIFGYMNGAPVVLMNGRLHSYEGHSLAETVHPIRALHLLGSINVLIVTNAAGGINASFKAGDLMCVYDHINFPGLCGFH
PLRGANFDEFGPRFLATSDAYDLELRKLLFSKKKELNIERKIHEGTYSYVHGPTFESRAESRFLRLAGTDAVGMSTVPEV
VTARHCGWRVLALSLITNECVVDPPASAHDENPVPIQEGKATHEEVLENSAKASKDVQELIFSVVAEI
;
_entity_poly.pdbx_strand_id   A,B,C,D,E,F
#
loop_
_chem_comp.id
_chem_comp.type
_chem_comp.name
_chem_comp.formula
GUN non-polymer GUANINE 'C5 H5 N5 O'
IM5 non-polymer 2-amino-7-{[(3R,4R)-3-hydroxy-4-(hydroxymethyl)pyrrolidin-1-yl]methyl}-3,5-dihydro-4H-pyrrolo[3,2-d]pyrimidin-4-one 'C12 H17 N5 O3'
SO4 non-polymer 'SULFATE ION' 'O4 S -2'
#
# COMPACT_ATOMS: atom_id res chain seq x y z
N ASP A 7 21.46 -6.94 11.76
CA ASP A 7 21.86 -8.32 11.96
C ASP A 7 23.01 -8.40 12.96
N ILE A 8 22.95 -9.41 13.83
CA ILE A 8 23.95 -9.54 14.89
C ILE A 8 25.21 -10.22 14.37
N ASN A 9 25.06 -11.25 13.53
CA ASN A 9 26.22 -11.93 12.98
C ASN A 9 27.05 -10.98 12.11
N GLU A 10 26.39 -10.14 11.32
CA GLU A 10 27.10 -9.09 10.60
C GLU A 10 27.74 -8.11 11.58
N GLN A 11 27.06 -7.84 12.70
CA GLN A 11 27.61 -6.91 13.68
C GLN A 11 28.82 -7.51 14.38
N ARG A 12 28.79 -8.82 14.65
CA ARG A 12 29.92 -9.48 15.30
C ARG A 12 31.16 -9.44 14.42
N ALA A 13 31.03 -9.87 13.17
CA ALA A 13 32.16 -9.83 12.26
C ALA A 13 32.73 -8.42 12.14
N LEU A 14 31.85 -7.42 12.03
CA LEU A 14 32.30 -6.04 12.04
C LEU A 14 33.06 -5.71 13.33
N ILE A 15 32.55 -6.19 14.47
CA ILE A 15 33.19 -5.92 15.75
C ILE A 15 34.55 -6.62 15.82
N LYS A 16 34.58 -7.91 15.48
CA LYS A 16 35.85 -8.63 15.50
C LYS A 16 36.81 -8.10 14.45
N SER A 17 36.29 -7.63 13.31
CA SER A 17 37.16 -7.07 12.28
C SER A 17 37.81 -5.78 12.76
N ALA A 18 37.04 -4.90 13.39
CA ALA A 18 37.61 -3.67 13.92
C ALA A 18 38.63 -3.96 15.01
N HIS A 19 38.36 -4.97 15.85
CA HIS A 19 39.29 -5.32 16.91
C HIS A 19 40.59 -5.88 16.32
N ARG A 20 40.49 -6.81 15.38
CA ARG A 20 41.68 -7.37 14.74
C ARG A 20 42.52 -6.27 14.11
N TYR A 21 41.87 -5.31 13.45
CA TYR A 21 42.56 -4.16 12.87
C TYR A 21 43.32 -3.38 13.93
N ILE A 22 42.64 -3.01 15.01
CA ILE A 22 43.26 -2.21 16.07
C ILE A 22 44.34 -3.02 16.78
N SER A 23 44.05 -4.28 17.10
CA SER A 23 45.04 -5.12 17.79
C SER A 23 46.32 -5.22 16.98
N GLU A 24 46.21 -5.29 15.66
CA GLU A 24 47.40 -5.39 14.81
C GLU A 24 48.23 -4.12 14.90
N LYS A 25 47.60 -2.96 14.66
CA LYS A 25 48.33 -1.70 14.68
C LYS A 25 48.89 -1.37 16.05
N LEU A 26 48.30 -1.92 17.11
CA LEU A 26 48.87 -1.75 18.44
C LEU A 26 50.18 -2.50 18.58
N GLU A 27 50.27 -3.70 17.99
CA GLU A 27 51.49 -4.49 18.11
C GLU A 27 52.61 -3.92 17.25
N ASP A 28 52.28 -3.40 16.06
CA ASP A 28 53.30 -2.85 15.19
C ASP A 28 53.91 -1.57 15.76
N HIS A 29 53.12 -0.78 16.46
CA HIS A 29 53.51 0.57 16.86
C HIS A 29 54.22 0.61 18.21
N PHE A 30 53.73 -0.12 19.20
CA PHE A 30 54.24 -0.04 20.56
C PHE A 30 55.20 -1.20 20.82
N SER A 31 56.43 -0.86 21.23
CA SER A 31 57.40 -1.88 21.58
C SER A 31 56.93 -2.72 22.76
N SER A 32 56.15 -2.13 23.66
CA SER A 32 55.51 -2.85 24.75
C SER A 32 54.07 -3.20 24.37
N GLU A 33 53.50 -4.11 25.15
CA GLU A 33 52.10 -4.47 24.94
C GLU A 33 51.20 -3.36 25.46
N PHE A 34 50.41 -2.77 24.56
CA PHE A 34 49.57 -1.63 24.91
C PHE A 34 48.20 -2.15 25.34
N LEU A 35 47.96 -2.15 26.65
CA LEU A 35 46.70 -2.58 27.25
C LEU A 35 46.02 -1.37 27.89
N PRO A 36 45.21 -0.62 27.16
CA PRO A 36 44.60 0.58 27.73
C PRO A 36 43.58 0.25 28.80
N LYS A 37 43.56 1.05 29.85
CA LYS A 37 42.71 0.82 31.00
C LYS A 37 41.44 1.67 31.01
N ALA A 38 41.38 2.71 30.19
CA ALA A 38 40.22 3.59 30.15
C ALA A 38 39.99 4.08 28.74
N LEU A 39 38.71 4.18 28.36
CA LEU A 39 38.31 4.84 27.12
C LEU A 39 37.75 6.21 27.48
N VAL A 40 38.30 7.25 26.88
CA VAL A 40 37.86 8.62 27.11
C VAL A 40 37.17 9.12 25.85
N ILE A 41 35.89 9.44 25.97
CA ILE A 41 35.11 9.98 24.87
C ILE A 41 35.05 11.50 25.04
N CYS A 42 35.63 12.23 24.10
CA CYS A 42 35.74 13.69 24.20
C CYS A 42 34.58 14.33 23.45
N GLY A 43 33.83 15.18 24.14
CA GLY A 43 32.74 15.89 23.52
C GLY A 43 33.25 16.94 22.54
N GLU A 44 32.30 17.70 21.99
CA GLU A 44 32.63 18.77 21.06
C GLU A 44 33.10 19.98 21.86
N GLY A 45 34.30 20.48 21.53
CA GLY A 45 34.95 21.52 22.31
C GLY A 45 35.92 20.99 23.34
N LEU A 46 35.91 19.69 23.61
CA LEU A 46 36.85 19.05 24.52
C LEU A 46 37.94 18.29 23.79
N SER A 47 38.20 18.63 22.53
CA SER A 47 39.28 17.96 21.81
C SER A 47 40.66 18.28 22.39
N GLY A 48 40.75 19.26 23.28
CA GLY A 48 42.01 19.60 23.91
C GLY A 48 42.60 18.50 24.77
N ILE A 49 41.80 17.50 25.16
CA ILE A 49 42.32 16.39 25.96
C ILE A 49 43.40 15.62 25.21
N SER A 50 43.40 15.68 23.88
CA SER A 50 44.44 15.02 23.11
C SER A 50 45.82 15.58 23.40
N THR A 51 45.91 16.80 23.91
CA THR A 51 47.20 17.40 24.22
C THR A 51 47.86 16.76 25.42
N LYS A 52 47.07 16.24 26.37
CA LYS A 52 47.62 15.62 27.57
C LYS A 52 48.17 14.22 27.32
N ILE A 53 48.07 13.70 26.11
CA ILE A 53 48.70 12.44 25.75
C ILE A 53 50.19 12.68 25.54
N ALA A 54 51.02 11.88 26.19
CA ALA A 54 52.46 12.08 26.14
C ALA A 54 53.01 11.82 24.75
N ASP A 55 54.01 12.61 24.36
CA ASP A 55 54.71 12.39 23.10
C ASP A 55 55.63 11.17 23.14
N GLU A 56 55.85 10.60 24.32
CA GLU A 56 56.69 9.42 24.48
C GLU A 56 56.05 8.53 25.54
N PRO A 57 55.82 7.23 25.23
CA PRO A 57 56.00 6.56 23.94
C PRO A 57 55.13 7.16 22.83
N LYS A 58 55.57 7.05 21.59
CA LYS A 58 54.90 7.71 20.48
C LYS A 58 53.45 7.24 20.38
N PRO A 59 52.47 8.14 20.45
CA PRO A 59 51.07 7.72 20.43
C PRO A 59 50.60 7.33 19.03
N LEU A 60 49.68 6.37 19.00
CA LEU A 60 49.11 5.87 17.76
C LEU A 60 47.77 6.54 17.50
N ILE A 61 47.56 6.95 16.25
CA ILE A 61 46.33 7.63 15.84
C ILE A 61 45.74 6.89 14.66
N LEU A 62 44.53 6.36 14.85
CA LEU A 62 43.79 5.66 13.79
C LEU A 62 42.55 6.47 13.44
N SER A 63 42.42 6.83 12.17
CA SER A 63 41.24 7.55 11.71
C SER A 63 40.06 6.61 11.59
N TYR A 64 38.87 7.12 11.92
CA TYR A 64 37.65 6.31 11.78
C TYR A 64 37.47 5.83 10.34
N SER A 65 38.01 6.57 9.37
CA SER A 65 37.89 6.19 7.98
C SER A 65 38.54 4.84 7.69
N THR A 66 39.62 4.51 8.40
CA THR A 66 40.34 3.28 8.14
C THR A 66 39.80 2.09 8.93
N ILE A 67 39.17 2.34 10.07
CA ILE A 67 38.72 1.24 10.94
C ILE A 67 37.44 0.65 10.34
N PRO A 68 37.35 -0.68 10.20
CA PRO A 68 36.16 -1.27 9.59
C PRO A 68 34.97 -1.21 10.54
N GLY A 69 33.84 -0.74 10.04
CA GLY A 69 32.65 -0.56 10.85
C GLY A 69 32.50 0.87 11.33
N PHE A 70 33.61 1.46 11.79
CA PHE A 70 33.60 2.84 12.24
C PHE A 70 33.12 3.76 11.13
N LYS A 71 31.99 4.42 11.36
CA LYS A 71 31.47 5.35 10.37
C LYS A 71 32.06 6.74 10.53
N SER A 79 36.87 14.40 11.14
CA SER A 79 36.47 13.08 10.67
C SER A 79 36.43 12.07 11.82
N GLY A 80 37.02 12.44 12.95
CA GLY A 80 37.07 11.56 14.10
C GLY A 80 38.22 10.58 14.03
N GLU A 81 38.73 10.22 15.22
CA GLU A 81 39.94 9.43 15.28
C GLU A 81 40.08 8.80 16.67
N LEU A 82 40.77 7.66 16.71
CA LEU A 82 41.17 7.01 17.95
C LEU A 82 42.64 7.32 18.23
N ILE A 83 42.91 7.83 19.42
CA ILE A 83 44.28 8.11 19.85
C ILE A 83 44.64 7.13 20.95
N PHE A 84 45.68 6.33 20.71
CA PHE A 84 46.19 5.36 21.68
C PHE A 84 47.51 5.86 22.23
N GLY A 85 47.57 6.04 23.55
CA GLY A 85 48.79 6.52 24.16
C GLY A 85 48.72 6.46 25.66
N TYR A 86 49.62 7.20 26.30
CA TYR A 86 49.76 7.22 27.75
C TYR A 86 49.43 8.61 28.27
N MET A 87 48.49 8.68 29.20
CA MET A 87 48.09 9.91 29.86
C MET A 87 48.41 9.79 31.34
N ASN A 88 49.23 10.72 31.84
CA ASN A 88 49.72 10.67 33.22
C ASN A 88 50.33 9.31 33.54
N GLY A 89 51.07 8.76 32.57
CA GLY A 89 51.67 7.45 32.71
C GLY A 89 50.73 6.28 32.49
N ALA A 90 49.44 6.53 32.30
CA ALA A 90 48.52 5.40 32.19
C ALA A 90 48.11 5.17 30.75
N PRO A 91 48.03 3.90 30.32
CA PRO A 91 47.58 3.61 28.95
C PRO A 91 46.10 3.90 28.79
N VAL A 92 45.76 4.73 27.80
CA VAL A 92 44.39 5.13 27.55
C VAL A 92 44.12 5.09 26.05
N VAL A 93 42.84 5.01 25.70
CA VAL A 93 42.38 5.21 24.34
C VAL A 93 41.39 6.37 24.35
N LEU A 94 41.55 7.27 23.38
CA LEU A 94 40.72 8.47 23.29
C LEU A 94 39.83 8.38 22.06
N MET A 95 38.54 8.65 22.25
CA MET A 95 37.60 8.82 21.15
C MET A 95 37.51 10.31 20.88
N ASN A 96 38.36 10.81 19.98
CA ASN A 96 38.38 12.23 19.64
C ASN A 96 37.24 12.48 18.66
N GLY A 97 36.11 12.95 19.17
CA GLY A 97 34.91 13.07 18.38
C GLY A 97 34.04 11.84 18.50
N ARG A 98 32.73 12.02 18.49
CA ARG A 98 31.79 10.92 18.62
C ARG A 98 30.77 10.99 17.48
N LEU A 99 29.98 9.92 17.37
CA LEU A 99 28.90 9.85 16.40
C LEU A 99 27.57 10.13 17.10
N HIS A 100 26.69 10.84 16.41
CA HIS A 100 25.39 11.21 16.97
C HIS A 100 24.27 10.64 16.12
N SER A 101 23.15 10.33 16.79
CA SER A 101 22.02 9.74 16.09
C SER A 101 21.37 10.72 15.12
N TYR A 102 21.40 12.02 15.42
CA TYR A 102 20.79 13.00 14.54
C TYR A 102 21.53 13.14 13.22
N GLU A 103 22.75 12.62 13.13
CA GLU A 103 23.46 12.58 11.85
C GLU A 103 22.89 11.53 10.90
N GLY A 104 22.07 10.61 11.40
CA GLY A 104 21.52 9.54 10.60
C GLY A 104 22.10 8.18 10.91
N HIS A 105 22.96 8.07 11.91
CA HIS A 105 23.54 6.78 12.29
C HIS A 105 22.63 6.07 13.28
N SER A 106 22.68 4.74 13.26
CA SER A 106 21.96 3.95 14.25
C SER A 106 22.72 3.95 15.56
N LEU A 107 21.97 3.78 16.66
CA LEU A 107 22.60 3.73 17.97
C LEU A 107 23.65 2.62 18.03
N ALA A 108 23.41 1.52 17.33
CA ALA A 108 24.40 0.45 17.27
C ALA A 108 25.68 0.92 16.60
N GLU A 109 25.57 1.79 15.60
CA GLU A 109 26.76 2.33 14.95
C GLU A 109 27.49 3.29 15.87
N THR A 110 26.75 4.13 16.61
CA THR A 110 27.38 5.12 17.49
C THR A 110 28.10 4.48 18.66
N VAL A 111 27.71 3.26 19.06
CA VAL A 111 28.34 2.57 20.17
C VAL A 111 29.14 1.35 19.73
N HIS A 112 29.20 1.08 18.42
CA HIS A 112 30.07 0.02 17.92
C HIS A 112 31.52 0.15 18.37
N PRO A 113 32.14 1.34 18.38
CA PRO A 113 33.54 1.40 18.85
C PRO A 113 33.75 0.86 20.25
N ILE A 114 32.80 1.08 21.16
CA ILE A 114 32.92 0.57 22.52
C ILE A 114 33.04 -0.96 22.50
N ARG A 115 32.22 -1.62 21.69
CA ARG A 115 32.26 -3.07 21.61
C ARG A 115 33.59 -3.56 21.08
N ALA A 116 34.10 -2.93 20.01
CA ALA A 116 35.36 -3.37 19.42
C ALA A 116 36.52 -3.21 20.40
N LEU A 117 36.61 -2.05 21.05
CA LEU A 117 37.70 -1.83 22.00
C LEU A 117 37.61 -2.77 23.19
N HIS A 118 36.40 -3.16 23.57
CA HIS A 118 36.22 -4.11 24.67
C HIS A 118 36.99 -5.40 24.42
N LEU A 119 37.07 -5.82 23.15
CA LEU A 119 37.74 -7.07 22.80
C LEU A 119 39.23 -7.04 23.07
N LEU A 120 39.80 -5.87 23.39
CA LEU A 120 41.18 -5.80 23.85
C LEU A 120 41.35 -6.34 25.25
N GLY A 121 40.27 -6.55 25.99
CA GLY A 121 40.33 -7.19 27.29
C GLY A 121 41.14 -6.43 28.33
N SER A 122 41.17 -5.11 28.25
CA SER A 122 41.95 -4.34 29.22
C SER A 122 41.15 -3.17 29.78
N ILE A 123 40.27 -2.59 28.98
CA ILE A 123 39.50 -1.43 29.41
C ILE A 123 38.41 -1.86 30.38
N ASN A 124 38.39 -1.23 31.55
CA ASN A 124 37.30 -1.44 32.51
C ASN A 124 36.68 -0.13 32.98
N VAL A 125 37.04 1.00 32.37
CA VAL A 125 36.53 2.31 32.76
C VAL A 125 36.19 3.10 31.50
N LEU A 126 35.00 3.69 31.47
CA LEU A 126 34.62 4.65 30.44
C LEU A 126 34.53 6.03 31.08
N ILE A 127 35.30 6.97 30.57
CA ILE A 127 35.20 8.38 30.95
C ILE A 127 34.61 9.12 29.76
N VAL A 128 33.41 9.67 29.93
CA VAL A 128 32.67 10.28 28.84
C VAL A 128 32.30 11.71 29.24
N THR A 129 32.56 12.65 28.32
CA THR A 129 32.24 14.05 28.53
C THR A 129 31.28 14.53 27.45
N ASN A 130 30.55 15.60 27.76
CA ASN A 130 29.63 16.18 26.79
C ASN A 130 29.32 17.62 27.21
N ALA A 131 28.65 18.32 26.31
CA ALA A 131 28.01 19.59 26.62
C ALA A 131 26.54 19.35 26.92
N ALA A 132 25.94 20.26 27.67
CA ALA A 132 24.56 20.05 28.08
C ALA A 132 23.92 21.38 28.45
N GLY A 133 22.63 21.51 28.14
CA GLY A 133 21.86 22.63 28.64
C GLY A 133 21.42 22.39 30.07
N GLY A 134 21.30 23.49 30.81
CA GLY A 134 20.93 23.40 32.21
C GLY A 134 19.44 23.44 32.46
N ILE A 135 18.88 22.34 32.92
CA ILE A 135 17.47 22.29 33.28
C ILE A 135 17.25 22.62 34.75
N ASN A 136 18.08 22.07 35.63
CA ASN A 136 18.09 22.48 37.03
C ASN A 136 18.27 23.99 37.12
N ALA A 137 17.28 24.67 37.68
CA ALA A 137 17.25 26.14 37.66
C ALA A 137 18.42 26.75 38.42
N SER A 138 19.03 26.02 39.36
CA SER A 138 20.18 26.53 40.10
C SER A 138 21.48 26.41 39.32
N PHE A 139 21.44 25.88 38.10
CA PHE A 139 22.64 25.75 37.29
C PHE A 139 22.93 27.04 36.54
N LYS A 140 24.19 27.20 36.13
CA LYS A 140 24.62 28.36 35.36
C LYS A 140 25.59 27.89 34.29
N ALA A 141 25.67 28.66 33.20
CA ALA A 141 26.62 28.35 32.15
C ALA A 141 28.05 28.47 32.68
N GLY A 142 28.85 27.44 32.43
CA GLY A 142 30.19 27.34 32.96
C GLY A 142 30.36 26.30 34.03
N ASP A 143 29.28 25.89 34.69
CA ASP A 143 29.35 24.87 35.71
C ASP A 143 29.54 23.49 35.08
N LEU A 144 30.08 22.57 35.88
CA LEU A 144 30.14 21.16 35.54
C LEU A 144 29.04 20.42 36.29
N MET A 145 28.61 19.29 35.74
CA MET A 145 27.72 18.38 36.45
C MET A 145 28.26 16.96 36.32
N CYS A 146 28.75 16.42 37.43
CA CYS A 146 29.07 15.00 37.49
C CYS A 146 27.77 14.20 37.45
N VAL A 147 27.68 13.29 36.47
CA VAL A 147 26.46 12.52 36.28
C VAL A 147 26.46 11.34 37.25
N TYR A 148 25.40 11.22 38.05
CA TYR A 148 25.21 10.05 38.89
C TYR A 148 23.92 9.31 38.61
N ASP A 149 23.13 9.77 37.63
CA ASP A 149 21.93 9.09 37.18
C ASP A 149 21.54 9.69 35.82
N HIS A 150 20.72 8.97 35.08
CA HIS A 150 20.25 9.48 33.80
C HIS A 150 18.80 9.10 33.56
N ILE A 151 18.20 9.78 32.60
CA ILE A 151 16.88 9.43 32.07
C ILE A 151 17.06 9.14 30.58
N ASN A 152 16.78 7.90 30.19
CA ASN A 152 16.86 7.50 28.78
C ASN A 152 15.45 7.38 28.22
N PHE A 153 14.83 8.54 28.05
CA PHE A 153 13.47 8.58 27.51
C PHE A 153 13.36 7.97 26.12
N PRO A 154 14.26 8.24 25.16
CA PRO A 154 14.16 7.53 23.88
C PRO A 154 14.27 6.02 24.03
N GLY A 155 15.07 5.54 24.98
CA GLY A 155 15.15 4.11 25.22
C GLY A 155 13.84 3.53 25.71
N LEU A 156 13.15 4.27 26.60
CA LEU A 156 11.82 3.84 27.03
C LEU A 156 10.85 3.73 25.86
N CYS A 157 11.07 4.51 24.80
CA CYS A 157 10.16 4.60 23.68
C CYS A 157 10.66 3.86 22.44
N GLY A 158 11.67 3.01 22.59
CA GLY A 158 12.06 2.08 21.55
C GLY A 158 13.37 2.39 20.86
N PHE A 159 14.01 3.53 21.15
CA PHE A 159 15.29 3.89 20.53
C PHE A 159 16.37 3.60 21.56
N HIS A 160 16.88 2.36 21.52
CA HIS A 160 17.71 1.82 22.58
C HIS A 160 18.95 1.15 21.99
N PRO A 161 20.13 1.40 22.58
CA PRO A 161 21.36 0.80 22.02
C PRO A 161 21.42 -0.72 22.16
N LEU A 162 20.66 -1.31 23.07
CA LEU A 162 20.68 -2.76 23.26
C LEU A 162 19.57 -3.47 22.49
N ARG A 163 18.75 -2.73 21.74
CA ARG A 163 17.71 -3.36 20.95
C ARG A 163 18.30 -4.34 19.95
N GLY A 164 17.64 -5.48 19.77
CA GLY A 164 18.16 -6.54 18.93
C GLY A 164 18.70 -7.68 19.76
N ALA A 165 19.12 -8.73 19.05
CA ALA A 165 19.66 -9.92 19.69
C ALA A 165 20.81 -9.55 20.62
N ASN A 166 20.85 -10.20 21.78
CA ASN A 166 21.83 -9.86 22.80
C ASN A 166 23.21 -10.36 22.42
N PHE A 167 24.23 -9.53 22.66
CA PHE A 167 25.62 -9.92 22.53
C PHE A 167 26.00 -10.71 23.78
N ASP A 168 25.64 -12.00 23.77
CA ASP A 168 25.77 -12.83 24.96
C ASP A 168 27.21 -12.96 25.45
N GLU A 169 28.19 -12.67 24.59
CA GLU A 169 29.59 -12.73 24.99
C GLU A 169 30.06 -11.45 25.68
N PHE A 170 29.19 -10.43 25.79
CA PHE A 170 29.55 -9.17 26.43
C PHE A 170 28.81 -8.93 27.74
N GLY A 171 27.52 -9.23 27.80
CA GLY A 171 26.74 -8.96 28.99
C GLY A 171 25.35 -9.56 28.95
N PRO A 172 24.57 -9.30 30.00
CA PRO A 172 23.27 -9.97 30.14
C PRO A 172 22.25 -9.42 29.16
N ARG A 173 21.22 -10.24 28.92
CA ARG A 173 20.09 -9.79 28.12
C ARG A 173 19.38 -8.62 28.79
N PHE A 174 19.22 -8.68 30.10
CA PHE A 174 18.55 -7.64 30.86
C PHE A 174 19.57 -6.99 31.80
N LEU A 175 19.64 -5.66 31.74
CA LEU A 175 20.72 -4.90 32.37
C LEU A 175 20.13 -3.84 33.28
N ALA A 176 20.52 -3.87 34.55
CA ALA A 176 20.12 -2.82 35.48
C ALA A 176 20.90 -1.54 35.17
N THR A 177 20.23 -0.40 35.36
CA THR A 177 20.88 0.90 35.22
C THR A 177 20.81 1.73 36.49
N SER A 178 20.24 1.21 37.56
CA SER A 178 20.24 1.93 38.83
C SER A 178 21.61 1.99 39.48
N ASP A 179 22.59 1.26 38.93
CA ASP A 179 23.97 1.27 39.41
C ASP A 179 24.92 1.69 38.30
N ALA A 180 24.48 2.60 37.43
CA ALA A 180 25.24 2.88 36.22
C ALA A 180 26.48 3.72 36.50
N TYR A 181 26.43 4.60 37.50
CA TYR A 181 27.46 5.61 37.72
C TYR A 181 28.22 5.28 39.00
N ASP A 182 29.40 4.68 38.81
CA ASP A 182 30.26 4.23 39.91
C ASP A 182 30.46 5.32 40.94
N LEU A 183 30.35 4.94 42.22
CA LEU A 183 30.46 5.92 43.29
C LEU A 183 31.91 6.31 43.55
N GLU A 184 32.83 5.34 43.61
CA GLU A 184 34.23 5.65 43.87
C GLU A 184 34.82 6.53 42.78
N LEU A 185 34.39 6.36 41.53
CA LEU A 185 34.91 7.19 40.45
C LEU A 185 34.44 8.63 40.57
N ARG A 186 33.24 8.85 41.12
CA ARG A 186 32.77 10.22 41.33
C ARG A 186 33.47 10.85 42.53
N LYS A 187 33.65 10.09 43.61
CA LYS A 187 34.42 10.59 44.74
C LYS A 187 35.83 10.96 44.32
N LEU A 188 36.43 10.14 43.45
CA LEU A 188 37.78 10.42 42.97
C LEU A 188 37.82 11.72 42.18
N LEU A 189 36.77 11.98 41.38
CA LEU A 189 36.73 13.21 40.60
C LEU A 189 36.71 14.43 41.50
N PHE A 190 35.85 14.42 42.52
CA PHE A 190 35.82 15.52 43.47
C PHE A 190 37.13 15.61 44.25
N SER A 191 37.77 14.47 44.52
CA SER A 191 39.08 14.50 45.15
C SER A 191 40.11 15.22 44.28
N LYS A 192 40.05 15.00 42.97
CA LYS A 192 40.97 15.69 42.06
C LYS A 192 40.62 17.16 41.90
N LYS A 193 39.33 17.51 42.01
CA LYS A 193 38.96 18.92 41.95
C LYS A 193 39.55 19.67 43.14
N LYS A 194 39.46 19.09 44.34
CA LYS A 194 40.03 19.71 45.52
C LYS A 194 41.56 19.75 45.42
N GLU A 195 42.17 18.65 44.98
CA GLU A 195 43.62 18.58 44.88
C GLU A 195 44.19 19.61 43.92
N LEU A 196 43.47 19.93 42.85
CA LEU A 196 43.95 20.85 41.82
C LEU A 196 43.56 22.30 42.07
N ASN A 197 42.84 22.58 43.16
CA ASN A 197 42.31 23.92 43.46
C ASN A 197 41.43 24.45 42.33
N ILE A 198 40.71 23.58 41.63
CA ILE A 198 39.77 24.03 40.61
C ILE A 198 38.57 24.65 41.31
N GLU A 199 38.25 25.90 40.98
CA GLU A 199 37.17 26.63 41.62
C GLU A 199 35.82 26.41 40.94
N ARG A 200 35.82 25.87 39.73
CA ARG A 200 34.58 25.71 38.97
C ARG A 200 33.61 24.78 39.70
N LYS A 201 32.33 25.11 39.62
CA LYS A 201 31.30 24.32 40.28
C LYS A 201 31.15 22.96 39.59
N ILE A 202 31.14 21.90 40.38
CA ILE A 202 30.81 20.57 39.89
C ILE A 202 29.58 20.11 40.68
N HIS A 203 28.41 20.20 40.07
CA HIS A 203 27.20 19.68 40.68
C HIS A 203 27.18 18.16 40.58
N GLU A 204 26.14 17.56 41.14
CA GLU A 204 25.82 16.16 40.95
C GLU A 204 24.36 16.06 40.57
N GLY A 205 24.06 15.37 39.48
CA GLY A 205 22.67 15.36 39.05
C GLY A 205 22.40 14.37 37.95
N THR A 206 21.19 14.49 37.40
CA THR A 206 20.64 13.54 36.43
C THR A 206 20.73 14.15 35.03
N TYR A 207 21.36 13.42 34.12
CA TYR A 207 21.49 13.81 32.73
C TYR A 207 20.41 13.12 31.90
N SER A 208 19.81 13.85 30.98
CA SER A 208 18.74 13.32 30.13
C SER A 208 19.18 13.33 28.68
N TYR A 209 19.07 12.18 28.02
CA TYR A 209 19.44 12.06 26.62
C TYR A 209 18.21 12.31 25.74
N VAL A 210 18.32 13.30 24.85
CA VAL A 210 17.32 13.51 23.81
C VAL A 210 18.03 13.45 22.46
N HIS A 211 17.24 13.22 21.42
CA HIS A 211 17.82 12.90 20.12
C HIS A 211 18.43 14.11 19.43
N GLY A 212 17.74 15.25 19.49
CA GLY A 212 18.16 16.42 18.74
C GLY A 212 17.73 16.31 17.29
N PRO A 213 18.26 17.19 16.43
CA PRO A 213 19.26 18.24 16.70
C PRO A 213 18.67 19.58 17.13
N THR A 214 17.36 19.67 17.31
CA THR A 214 16.76 20.90 17.80
C THR A 214 17.08 21.12 19.27
N PHE A 215 17.29 22.37 19.64
CA PHE A 215 17.28 22.72 21.06
C PHE A 215 15.85 22.65 21.57
N GLU A 216 15.71 22.46 22.87
CA GLU A 216 14.40 22.18 23.45
C GLU A 216 13.52 23.42 23.39
N SER A 217 12.23 23.19 23.13
CA SER A 217 11.24 24.23 23.33
C SER A 217 11.04 24.46 24.83
N ARG A 218 10.35 25.53 25.17
CA ARG A 218 10.05 25.82 26.56
C ARG A 218 9.28 24.67 27.21
N ALA A 219 8.22 24.21 26.54
CA ALA A 219 7.41 23.12 27.07
C ALA A 219 8.20 21.83 27.15
N GLU A 220 9.07 21.59 26.17
CA GLU A 220 9.90 20.39 26.21
C GLU A 220 10.85 20.42 27.40
N SER A 221 11.46 21.57 27.67
CA SER A 221 12.33 21.70 28.83
C SER A 221 11.53 21.59 30.13
N ARG A 222 10.33 22.18 30.17
CA ARG A 222 9.49 22.04 31.34
C ARG A 222 9.11 20.59 31.60
N PHE A 223 8.87 19.83 30.51
CA PHE A 223 8.61 18.40 30.65
C PHE A 223 9.83 17.68 31.20
N LEU A 224 11.03 18.06 30.74
CA LEU A 224 12.25 17.41 31.23
C LEU A 224 12.47 17.72 32.72
N ARG A 225 12.17 18.95 33.14
CA ARG A 225 12.40 19.32 34.53
CA ARG A 225 12.40 19.32 34.53
C ARG A 225 11.52 18.50 35.48
N LEU A 226 10.20 18.51 35.25
CA LEU A 226 9.31 17.76 36.11
C LEU A 226 9.62 16.27 36.07
N ALA A 227 10.21 15.79 34.98
CA ALA A 227 10.60 14.39 34.86
C ALA A 227 11.88 14.07 35.63
N GLY A 228 12.53 15.05 36.23
CA GLY A 228 13.73 14.81 37.01
C GLY A 228 15.04 15.14 36.34
N THR A 229 15.03 15.94 35.26
CA THR A 229 16.26 16.27 34.56
C THR A 229 16.98 17.44 35.23
N ASP A 230 18.30 17.31 35.35
CA ASP A 230 19.17 18.42 35.73
C ASP A 230 19.92 19.01 34.55
N ALA A 231 20.25 18.21 33.55
CA ALA A 231 20.94 18.67 32.37
C ALA A 231 20.53 17.81 31.19
N VAL A 232 20.34 18.43 30.03
CA VAL A 232 19.87 17.74 28.83
C VAL A 232 20.94 17.84 27.75
N GLY A 233 21.24 16.71 27.11
CA GLY A 233 22.19 16.68 26.02
C GLY A 233 21.74 15.75 24.91
N MET A 234 22.64 15.51 23.94
CA MET A 234 22.30 14.74 22.74
C MET A 234 23.18 13.51 22.59
N SER A 235 23.84 13.06 23.65
CA SER A 235 24.82 11.98 23.55
C SER A 235 24.87 11.24 24.89
N THR A 236 25.96 10.49 25.09
CA THR A 236 26.39 9.94 26.38
C THR A 236 25.64 8.67 26.80
N VAL A 237 24.34 8.78 27.08
CA VAL A 237 23.60 7.64 27.65
C VAL A 237 23.74 6.37 26.83
N PRO A 238 23.58 6.37 25.50
CA PRO A 238 23.79 5.11 24.76
C PRO A 238 25.18 4.52 24.94
N GLU A 239 26.20 5.37 25.04
CA GLU A 239 27.54 4.87 25.31
C GLU A 239 27.66 4.33 26.73
N VAL A 240 27.06 5.03 27.69
CA VAL A 240 27.10 4.58 29.09
C VAL A 240 26.43 3.21 29.21
N VAL A 241 25.25 3.07 28.62
CA VAL A 241 24.53 1.79 28.66
C VAL A 241 25.37 0.69 28.05
N THR A 242 25.98 0.98 26.89
CA THR A 242 26.80 -0.03 26.22
C THR A 242 28.04 -0.37 27.04
N ALA A 243 28.65 0.64 27.68
CA ALA A 243 29.80 0.37 28.53
C ALA A 243 29.42 -0.47 29.74
N ARG A 244 28.27 -0.19 30.35
CA ARG A 244 27.78 -1.00 31.45
C ARG A 244 27.54 -2.44 31.01
N HIS A 245 26.91 -2.62 29.84
CA HIS A 245 26.66 -3.96 29.32
C HIS A 245 27.95 -4.75 29.19
N CYS A 246 29.05 -4.08 28.83
CA CYS A 246 30.37 -4.70 28.78
C CYS A 246 30.98 -4.87 30.17
N GLY A 247 30.34 -4.37 31.21
CA GLY A 247 30.86 -4.51 32.56
C GLY A 247 31.83 -3.44 32.97
N TRP A 248 31.96 -2.35 32.22
CA TRP A 248 32.85 -1.27 32.60
C TRP A 248 32.22 -0.40 33.68
N ARG A 249 33.08 0.22 34.49
CA ARG A 249 32.64 1.32 35.34
C ARG A 249 32.64 2.62 34.53
N VAL A 250 31.75 3.53 34.90
CA VAL A 250 31.47 4.71 34.10
C VAL A 250 31.61 5.96 34.95
N LEU A 251 32.39 6.92 34.47
CA LEU A 251 32.42 8.28 35.00
C LEU A 251 32.00 9.22 33.89
N ALA A 252 30.93 9.97 34.12
CA ALA A 252 30.37 10.88 33.12
C ALA A 252 30.38 12.30 33.66
N LEU A 253 30.90 13.23 32.87
CA LEU A 253 31.04 14.62 33.28
C LEU A 253 30.38 15.51 32.23
N SER A 254 29.33 16.23 32.63
CA SER A 254 28.64 17.13 31.73
C SER A 254 29.16 18.55 31.89
N LEU A 255 29.15 19.29 30.79
CA LEU A 255 29.53 20.70 30.76
C LEU A 255 28.29 21.53 30.51
N ILE A 256 27.92 22.38 31.47
CA ILE A 256 26.73 23.21 31.36
C ILE A 256 27.08 24.41 30.49
N THR A 257 26.65 24.37 29.23
CA THR A 257 26.98 25.40 28.25
C THR A 257 25.90 26.45 28.09
N ASN A 258 24.70 26.22 28.62
CA ASN A 258 23.61 27.19 28.50
C ASN A 258 22.53 26.82 29.50
N GLU A 259 21.67 27.78 29.79
CA GLU A 259 20.55 27.61 30.71
CA GLU A 259 20.55 27.63 30.71
C GLU A 259 19.27 27.56 29.90
N CYS A 260 18.69 26.36 29.79
CA CYS A 260 17.49 26.16 28.98
C CYS A 260 16.39 27.14 29.37
N VAL A 261 15.70 27.66 28.36
CA VAL A 261 14.63 28.61 28.59
C VAL A 261 13.36 27.81 28.87
N VAL A 262 12.80 27.99 30.07
CA VAL A 262 11.66 27.21 30.53
C VAL A 262 10.41 28.04 30.75
N ASP A 263 10.53 29.36 30.90
CA ASP A 263 9.36 30.19 31.10
C ASP A 263 8.42 30.05 29.92
N PRO A 264 7.11 30.10 30.14
CA PRO A 264 6.19 30.09 29.00
C PRO A 264 6.42 31.30 28.12
N PRO A 265 6.20 31.16 26.82
CA PRO A 265 6.43 32.29 25.92
C PRO A 265 5.47 33.43 26.22
N ALA A 266 5.85 34.62 25.75
CA ALA A 266 5.03 35.81 25.97
C ALA A 266 3.63 35.61 25.42
N SER A 267 2.63 35.95 26.23
CA SER A 267 1.25 35.82 25.82
C SER A 267 0.83 36.98 24.92
N ALA A 268 -0.17 36.71 24.07
CA ALA A 268 -0.69 37.77 23.21
C ALA A 268 -1.30 38.90 24.04
N HIS A 269 -1.84 38.57 25.22
CA HIS A 269 -2.43 39.57 26.10
C HIS A 269 -1.40 40.29 26.97
N ASP A 270 -0.11 40.02 26.81
CA ASP A 270 0.90 40.69 27.62
C ASP A 270 1.13 42.09 27.06
N GLU A 271 0.97 43.11 27.90
CA GLU A 271 1.24 44.48 27.49
C GLU A 271 2.73 44.76 27.43
N ASN A 272 3.52 44.15 28.32
CA ASN A 272 4.97 44.28 28.33
C ASN A 272 5.59 42.90 28.14
N PRO A 273 5.47 42.33 26.93
CA PRO A 273 5.94 40.96 26.73
C PRO A 273 7.46 40.90 26.63
N VAL A 274 7.99 39.74 27.00
CA VAL A 274 9.41 39.46 26.87
C VAL A 274 9.65 38.90 25.46
N PRO A 275 10.69 39.32 24.76
CA PRO A 275 10.94 38.76 23.42
C PRO A 275 11.13 37.25 23.48
N ILE A 276 10.35 36.53 22.66
CA ILE A 276 10.43 35.07 22.64
C ILE A 276 11.80 34.57 22.20
N GLN A 277 12.55 35.38 21.45
CA GLN A 277 13.91 35.01 21.05
C GLN A 277 14.91 35.19 22.16
N GLU A 278 14.58 35.97 23.19
CA GLU A 278 15.53 36.25 24.27
C GLU A 278 16.01 34.97 24.93
N GLY A 279 17.32 34.89 25.14
CA GLY A 279 17.93 33.74 25.80
C GLY A 279 18.08 32.50 24.93
N LYS A 280 17.75 32.58 23.65
CA LYS A 280 17.73 31.40 22.80
C LYS A 280 19.09 30.72 22.74
N ALA A 281 19.07 29.40 22.71
CA ALA A 281 20.30 28.64 22.60
C ALA A 281 20.88 28.77 21.20
N THR A 282 22.21 28.83 21.12
CA THR A 282 22.93 28.85 19.86
C THR A 282 24.05 27.82 19.92
N HIS A 283 24.49 27.37 18.74
CA HIS A 283 25.62 26.46 18.70
C HIS A 283 26.92 27.19 19.02
N GLU A 284 27.03 28.45 18.59
CA GLU A 284 28.20 29.25 18.94
C GLU A 284 28.36 29.36 20.45
N GLU A 285 27.25 29.56 21.17
CA GLU A 285 27.30 29.64 22.62
C GLU A 285 27.83 28.35 23.23
N VAL A 286 27.43 27.20 22.69
CA VAL A 286 27.85 25.93 23.25
C VAL A 286 29.34 25.70 23.00
N LEU A 287 29.79 25.95 21.76
CA LEU A 287 31.19 25.78 21.45
C LEU A 287 32.06 26.69 22.31
N GLU A 288 31.64 27.93 22.48
CA GLU A 288 32.47 28.91 23.19
C GLU A 288 32.54 28.62 24.68
N ASN A 289 31.42 28.22 25.29
CA ASN A 289 31.45 27.87 26.70
C ASN A 289 32.13 26.54 26.94
N SER A 290 32.01 25.60 26.00
CA SER A 290 32.80 24.37 26.09
C SER A 290 34.29 24.67 26.03
N ALA A 291 34.68 25.62 25.18
CA ALA A 291 36.08 25.97 25.06
C ALA A 291 36.62 26.65 26.31
N LYS A 292 35.78 27.40 27.02
CA LYS A 292 36.27 28.13 28.19
C LYS A 292 36.54 27.19 29.35
N ALA A 293 35.71 26.17 29.54
CA ALA A 293 35.87 25.24 30.63
C ALA A 293 36.73 24.03 30.26
N SER A 294 37.31 24.02 29.07
CA SER A 294 38.03 22.83 28.61
C SER A 294 39.26 22.55 29.47
N LYS A 295 40.00 23.59 29.86
CA LYS A 295 41.24 23.38 30.59
C LYS A 295 41.00 22.66 31.91
N ASP A 296 40.00 23.11 32.68
CA ASP A 296 39.66 22.41 33.92
C ASP A 296 39.31 20.96 33.64
N VAL A 297 38.49 20.71 32.60
CA VAL A 297 38.05 19.35 32.29
C VAL A 297 39.24 18.48 31.91
N GLN A 298 40.14 19.00 31.07
CA GLN A 298 41.32 18.24 30.70
C GLN A 298 42.17 17.89 31.91
N GLU A 299 42.36 18.84 32.83
CA GLU A 299 43.22 18.58 33.98
C GLU A 299 42.55 17.65 34.98
N LEU A 300 41.23 17.76 35.14
CA LEU A 300 40.51 16.80 35.97
C LEU A 300 40.69 15.39 35.45
N ILE A 301 40.54 15.21 34.14
CA ILE A 301 40.68 13.87 33.55
C ILE A 301 42.13 13.39 33.62
N PHE A 302 43.08 14.30 33.41
CA PHE A 302 44.50 13.96 33.53
C PHE A 302 44.81 13.38 34.90
N SER A 303 44.26 13.99 35.96
CA SER A 303 44.51 13.48 37.30
C SER A 303 43.80 12.16 37.55
N VAL A 304 42.60 12.00 37.01
CA VAL A 304 41.78 10.84 37.33
C VAL A 304 42.36 9.56 36.71
N VAL A 305 42.80 9.64 35.45
CA VAL A 305 43.27 8.46 34.75
C VAL A 305 44.46 7.82 35.46
N ALA A 306 45.21 8.60 36.23
CA ALA A 306 46.38 8.08 36.93
C ALA A 306 46.02 7.24 38.15
N GLU A 307 44.74 7.19 38.54
CA GLU A 307 44.34 6.49 39.76
C GLU A 307 43.10 5.62 39.54
N ILE A 308 42.97 5.05 38.35
CA ILE A 308 41.85 4.13 38.09
C ILE A 308 42.33 2.69 38.13
N ASP B 7 3.29 -3.73 0.88
CA ASP B 7 3.78 -4.93 1.54
C ASP B 7 2.66 -5.67 2.25
N ILE B 8 1.68 -4.91 2.74
CA ILE B 8 0.56 -5.46 3.53
C ILE B 8 -0.04 -6.70 2.86
N ASN B 9 -0.02 -6.75 1.53
CA ASN B 9 -0.56 -7.91 0.83
C ASN B 9 0.24 -9.16 1.15
N GLU B 10 1.57 -9.11 0.98
CA GLU B 10 2.41 -10.25 1.32
C GLU B 10 2.36 -10.57 2.81
N GLN B 11 2.11 -9.54 3.64
CA GLN B 11 1.91 -9.79 5.07
C GLN B 11 0.59 -10.50 5.32
N ARG B 12 -0.47 -10.09 4.62
CA ARG B 12 -1.77 -10.75 4.78
C ARG B 12 -1.71 -12.20 4.33
N ALA B 13 -0.85 -12.52 3.37
CA ALA B 13 -0.73 -13.90 2.92
C ALA B 13 -0.13 -14.79 4.01
N LEU B 14 0.83 -14.26 4.76
CA LEU B 14 1.44 -15.04 5.84
C LEU B 14 0.41 -15.35 6.93
N ILE B 15 -0.42 -14.37 7.28
CA ILE B 15 -1.47 -14.60 8.27
C ILE B 15 -2.44 -15.67 7.77
N LYS B 16 -2.91 -15.53 6.54
CA LYS B 16 -3.77 -16.56 5.94
C LYS B 16 -3.05 -17.89 5.88
N SER B 17 -1.76 -17.89 5.55
CA SER B 17 -1.00 -19.12 5.48
C SER B 17 -0.88 -19.76 6.86
N ALA B 18 -0.66 -18.94 7.89
CA ALA B 18 -0.56 -19.48 9.24
C ALA B 18 -1.88 -20.10 9.68
N HIS B 19 -2.99 -19.41 9.41
CA HIS B 19 -4.30 -19.94 9.79
C HIS B 19 -4.60 -21.24 9.04
N ARG B 20 -4.34 -21.27 7.74
CA ARG B 20 -4.56 -22.50 6.98
C ARG B 20 -3.79 -23.66 7.57
N TYR B 21 -2.55 -23.41 8.00
CA TYR B 21 -1.75 -24.44 8.66
C TYR B 21 -2.40 -24.90 9.94
N ILE B 22 -2.69 -23.96 10.86
CA ILE B 22 -3.20 -24.31 12.18
C ILE B 22 -4.57 -24.97 12.07
N SER B 23 -5.46 -24.39 11.25
CA SER B 23 -6.79 -24.97 11.06
C SER B 23 -6.70 -26.39 10.53
N GLU B 24 -5.71 -26.66 9.68
CA GLU B 24 -5.54 -28.01 9.14
C GLU B 24 -5.17 -28.99 10.24
N LYS B 25 -4.21 -28.62 11.09
CA LYS B 25 -3.73 -29.53 12.12
C LYS B 25 -4.82 -29.83 13.15
N LEU B 26 -5.67 -28.84 13.45
CA LEU B 26 -6.73 -29.04 14.42
C LEU B 26 -7.75 -30.06 13.91
N GLU B 27 -8.08 -30.00 12.62
CA GLU B 27 -9.04 -30.94 12.05
C GLU B 27 -8.50 -32.37 12.08
N ASP B 28 -7.21 -32.53 11.79
CA ASP B 28 -6.60 -33.86 11.81
C ASP B 28 -6.56 -34.41 13.24
N HIS B 29 -6.28 -33.56 14.21
CA HIS B 29 -5.97 -34.00 15.57
C HIS B 29 -7.21 -34.27 16.42
N PHE B 30 -8.26 -33.45 16.27
CA PHE B 30 -9.43 -33.52 17.12
C PHE B 30 -10.59 -34.16 16.38
N SER B 31 -11.15 -35.23 16.95
CA SER B 31 -12.31 -35.87 16.35
C SER B 31 -13.47 -34.89 16.24
N SER B 32 -13.74 -34.16 17.30
CA SER B 32 -14.73 -33.09 17.27
C SER B 32 -14.06 -31.77 16.90
N GLU B 33 -14.86 -30.87 16.31
CA GLU B 33 -14.37 -29.55 15.95
C GLU B 33 -13.79 -28.84 17.17
N PHE B 34 -12.59 -28.29 17.01
CA PHE B 34 -11.91 -27.55 18.08
C PHE B 34 -11.97 -26.07 17.75
N LEU B 35 -12.74 -25.32 18.54
CA LEU B 35 -12.91 -23.88 18.35
C LEU B 35 -12.61 -23.20 19.68
N PRO B 36 -11.37 -22.76 19.87
CA PRO B 36 -10.99 -22.18 21.17
C PRO B 36 -11.67 -20.85 21.42
N LYS B 37 -12.09 -20.64 22.67
CA LYS B 37 -12.77 -19.42 23.06
C LYS B 37 -11.84 -18.40 23.69
N ALA B 38 -10.63 -18.78 24.07
CA ALA B 38 -9.70 -17.86 24.69
C ALA B 38 -8.28 -18.22 24.32
N LEU B 39 -7.45 -17.20 24.18
CA LEU B 39 -6.01 -17.35 24.01
C LEU B 39 -5.32 -16.89 25.28
N VAL B 40 -4.46 -17.74 25.83
CA VAL B 40 -3.73 -17.42 27.05
C VAL B 40 -2.26 -17.30 26.70
N ILE B 41 -1.74 -16.07 26.77
CA ILE B 41 -0.33 -15.81 26.53
C ILE B 41 0.39 -15.89 27.87
N CYS B 42 1.22 -16.91 28.04
CA CYS B 42 1.91 -17.17 29.29
C CYS B 42 3.25 -16.43 29.29
N GLY B 43 3.41 -15.49 30.22
CA GLY B 43 4.63 -14.72 30.34
C GLY B 43 5.69 -15.44 31.13
N GLU B 44 6.53 -14.65 31.80
CA GLU B 44 7.67 -15.15 32.55
C GLU B 44 7.26 -16.11 33.66
N GLY B 45 7.57 -17.40 33.49
CA GLY B 45 7.37 -18.37 34.55
C GLY B 45 5.95 -18.89 34.68
N LEU B 46 5.09 -18.64 33.71
CA LEU B 46 3.71 -19.15 33.74
C LEU B 46 3.52 -20.34 32.82
N SER B 47 4.60 -21.04 32.47
CA SER B 47 4.51 -22.22 31.62
C SER B 47 3.89 -23.41 32.32
N GLY B 48 3.76 -23.37 33.65
CA GLY B 48 3.09 -24.43 34.36
C GLY B 48 1.61 -24.55 34.05
N ILE B 49 1.02 -23.49 33.47
CA ILE B 49 -0.37 -23.55 33.03
C ILE B 49 -0.58 -24.68 32.02
N SER B 50 0.50 -25.10 31.34
CA SER B 50 0.40 -26.19 30.38
C SER B 50 -0.08 -27.48 31.04
N THR B 51 0.21 -27.66 32.33
CA THR B 51 -0.23 -28.87 33.04
C THR B 51 -1.71 -28.83 33.39
N LYS B 52 -2.32 -27.66 33.51
CA LYS B 52 -3.75 -27.55 33.75
C LYS B 52 -4.58 -27.88 32.52
N ILE B 53 -3.95 -28.25 31.41
CA ILE B 53 -4.67 -28.67 30.21
C ILE B 53 -5.08 -30.13 30.37
N ALA B 54 -6.37 -30.40 30.15
CA ALA B 54 -6.90 -31.74 30.31
C ALA B 54 -6.16 -32.73 29.40
N ASP B 55 -5.76 -33.85 29.97
CA ASP B 55 -5.10 -34.91 29.20
C ASP B 55 -6.06 -35.62 28.25
N GLU B 56 -7.35 -35.29 28.28
CA GLU B 56 -8.36 -35.89 27.42
C GLU B 56 -9.44 -34.87 27.09
N PRO B 57 -9.67 -34.57 25.79
CA PRO B 57 -8.99 -35.08 24.59
C PRO B 57 -7.50 -34.73 24.55
N LYS B 58 -6.71 -35.55 23.87
CA LYS B 58 -5.27 -35.33 23.82
C LYS B 58 -4.97 -33.98 23.21
N PRO B 59 -4.23 -33.11 23.89
CA PRO B 59 -3.98 -31.77 23.35
C PRO B 59 -3.04 -31.80 22.16
N LEU B 60 -3.16 -30.78 21.32
CA LEU B 60 -2.33 -30.62 20.13
C LEU B 60 -1.26 -29.58 20.39
N ILE B 61 -0.01 -29.92 20.08
CA ILE B 61 1.14 -29.05 20.31
C ILE B 61 1.78 -28.74 18.97
N LEU B 62 1.89 -27.44 18.65
CA LEU B 62 2.48 -26.98 17.40
C LEU B 62 3.65 -26.07 17.71
N SER B 63 4.80 -26.36 17.11
CA SER B 63 6.00 -25.55 17.32
C SER B 63 6.01 -24.35 16.38
N TYR B 64 6.56 -23.23 16.87
CA TYR B 64 6.58 -22.00 16.08
C TYR B 64 7.37 -22.18 14.79
N SER B 65 8.52 -22.87 14.86
CA SER B 65 9.36 -23.07 13.68
C SER B 65 8.58 -23.70 12.54
N THR B 66 7.57 -24.50 12.88
CA THR B 66 6.80 -25.25 11.90
C THR B 66 5.59 -24.48 11.39
N ILE B 67 5.09 -23.51 12.16
CA ILE B 67 3.95 -22.70 11.72
C ILE B 67 4.46 -21.57 10.84
N PRO B 68 3.84 -21.33 9.68
CA PRO B 68 4.30 -20.23 8.81
C PRO B 68 4.15 -18.88 9.49
N GLY B 69 5.18 -18.04 9.32
CA GLY B 69 5.20 -16.69 9.85
C GLY B 69 5.77 -16.56 11.23
N PHE B 70 5.63 -17.58 12.07
CA PHE B 70 6.11 -17.52 13.44
C PHE B 70 7.64 -17.59 13.46
N LYS B 71 8.23 -16.89 14.43
CA LYS B 71 9.69 -16.82 14.52
C LYS B 71 10.23 -17.75 15.59
N GLY B 80 9.48 -21.85 21.61
CA GLY B 80 8.08 -21.52 21.81
C GLY B 80 7.13 -22.42 21.04
N GLU B 81 5.88 -22.51 21.50
CA GLU B 81 4.94 -23.46 20.91
C GLU B 81 3.51 -23.03 21.21
N LEU B 82 2.60 -23.44 20.32
CA LEU B 82 1.17 -23.29 20.55
C LEU B 82 0.63 -24.59 21.13
N ILE B 83 -0.18 -24.49 22.17
CA ILE B 83 -0.83 -25.65 22.77
C ILE B 83 -2.34 -25.45 22.66
N PHE B 84 -3.00 -26.40 22.00
CA PHE B 84 -4.45 -26.41 21.86
C PHE B 84 -5.01 -27.53 22.72
N GLY B 85 -6.00 -27.21 23.56
CA GLY B 85 -6.58 -28.24 24.40
C GLY B 85 -7.74 -27.68 25.19
N TYR B 86 -8.16 -28.46 26.19
CA TYR B 86 -9.26 -28.09 27.07
C TYR B 86 -8.73 -27.80 28.46
N MET B 87 -9.21 -26.71 29.05
CA MET B 87 -8.79 -26.28 30.37
C MET B 87 -10.04 -25.93 31.18
N ASN B 88 -10.27 -26.69 32.25
CA ASN B 88 -11.48 -26.54 33.07
C ASN B 88 -12.74 -26.64 32.21
N GLY B 89 -12.69 -27.50 31.20
CA GLY B 89 -13.81 -27.71 30.31
C GLY B 89 -13.90 -26.76 29.13
N ALA B 90 -12.99 -25.79 29.02
CA ALA B 90 -13.08 -24.83 27.94
C ALA B 90 -11.97 -25.03 26.91
N PRO B 91 -12.29 -24.94 25.61
CA PRO B 91 -11.25 -25.01 24.59
C PRO B 91 -10.46 -23.71 24.53
N VAL B 92 -9.14 -23.82 24.59
CA VAL B 92 -8.24 -22.66 24.69
C VAL B 92 -7.00 -22.90 23.85
N VAL B 93 -6.25 -21.82 23.62
CA VAL B 93 -4.93 -21.86 23.02
C VAL B 93 -3.95 -21.25 24.02
N LEU B 94 -2.86 -21.97 24.28
CA LEU B 94 -1.78 -21.46 25.09
C LEU B 94 -0.63 -21.02 24.19
N MET B 95 -0.20 -19.78 24.38
CA MET B 95 1.00 -19.25 23.71
C MET B 95 2.15 -19.37 24.69
N ASN B 96 2.96 -20.42 24.52
CA ASN B 96 4.12 -20.65 25.36
C ASN B 96 5.31 -19.97 24.71
N GLY B 97 5.66 -18.78 25.20
CA GLY B 97 6.79 -18.05 24.65
C GLY B 97 6.38 -16.95 23.69
N ARG B 98 6.52 -15.71 24.13
CA ARG B 98 6.16 -14.55 23.33
C ARG B 98 7.41 -13.92 22.73
N LEU B 99 7.20 -13.09 21.72
CA LEU B 99 8.28 -12.33 21.11
C LEU B 99 8.26 -10.91 21.66
N HIS B 100 9.45 -10.32 21.75
CA HIS B 100 9.62 -9.02 22.38
C HIS B 100 10.25 -8.04 21.40
N SER B 101 9.80 -6.78 21.49
CA SER B 101 10.35 -5.74 20.62
C SER B 101 11.83 -5.52 20.90
N TYR B 102 12.24 -5.64 22.16
CA TYR B 102 13.65 -5.47 22.49
C TYR B 102 14.55 -6.51 21.86
N GLU B 103 13.97 -7.60 21.34
CA GLU B 103 14.73 -8.62 20.61
C GLU B 103 15.01 -8.22 19.18
N GLY B 104 14.60 -7.03 18.74
CA GLY B 104 14.79 -6.58 17.39
C GLY B 104 13.63 -6.83 16.45
N HIS B 105 12.66 -7.64 16.87
CA HIS B 105 11.52 -7.94 16.02
C HIS B 105 10.62 -6.72 15.87
N SER B 106 9.88 -6.70 14.76
CA SER B 106 8.91 -5.64 14.53
C SER B 106 7.62 -5.93 15.31
N LEU B 107 6.86 -4.86 15.58
CA LEU B 107 5.60 -5.03 16.29
C LEU B 107 4.66 -5.95 15.53
N ALA B 108 4.76 -5.97 14.19
CA ALA B 108 3.89 -6.84 13.41
C ALA B 108 4.21 -8.32 13.65
N GLU B 109 5.51 -8.67 13.64
CA GLU B 109 5.90 -10.05 13.88
C GLU B 109 5.45 -10.53 15.25
N THR B 110 5.52 -9.65 16.26
CA THR B 110 5.16 -10.03 17.62
C THR B 110 3.67 -10.26 17.78
N VAL B 111 2.83 -9.71 16.90
CA VAL B 111 1.39 -9.83 17.00
C VAL B 111 0.79 -10.70 15.91
N HIS B 112 1.57 -11.09 14.91
CA HIS B 112 1.15 -12.04 13.88
C HIS B 112 0.41 -13.27 14.42
N PRO B 113 0.86 -13.93 15.50
CA PRO B 113 0.07 -15.06 16.02
C PRO B 113 -1.36 -14.71 16.37
N ILE B 114 -1.59 -13.56 17.01
CA ILE B 114 -2.94 -13.15 17.36
C ILE B 114 -3.79 -13.02 16.09
N ARG B 115 -3.24 -12.38 15.05
CA ARG B 115 -3.98 -12.22 13.81
C ARG B 115 -4.24 -13.57 13.14
N ALA B 116 -3.25 -14.47 13.19
CA ALA B 116 -3.43 -15.78 12.61
C ALA B 116 -4.50 -16.57 13.36
N LEU B 117 -4.49 -16.50 14.69
CA LEU B 117 -5.49 -17.22 15.48
C LEU B 117 -6.87 -16.57 15.36
N HIS B 118 -6.90 -15.25 15.11
CA HIS B 118 -8.17 -14.56 14.93
C HIS B 118 -8.97 -15.13 13.77
N LEU B 119 -8.29 -15.64 12.74
CA LEU B 119 -8.97 -16.19 11.58
C LEU B 119 -9.73 -17.47 11.88
N LEU B 120 -9.67 -17.99 13.11
CA LEU B 120 -10.51 -19.12 13.47
C LEU B 120 -11.93 -18.69 13.80
N GLY B 121 -12.15 -17.43 14.15
CA GLY B 121 -13.48 -16.90 14.41
C GLY B 121 -14.09 -17.30 15.73
N SER B 122 -13.35 -18.04 16.58
CA SER B 122 -13.89 -18.54 17.83
C SER B 122 -13.35 -17.85 19.06
N ILE B 123 -12.09 -17.39 19.04
CA ILE B 123 -11.51 -16.71 20.19
C ILE B 123 -12.19 -15.36 20.38
N ASN B 124 -12.54 -15.04 21.64
CA ASN B 124 -13.08 -13.72 21.97
C ASN B 124 -12.47 -13.16 23.25
N VAL B 125 -11.44 -13.79 23.81
CA VAL B 125 -10.82 -13.33 25.04
C VAL B 125 -9.32 -13.56 24.97
N LEU B 126 -8.56 -12.52 25.24
CA LEU B 126 -7.11 -12.63 25.46
C LEU B 126 -6.85 -12.55 26.96
N ILE B 127 -6.23 -13.61 27.50
CA ILE B 127 -5.71 -13.60 28.86
C ILE B 127 -4.20 -13.61 28.76
N VAL B 128 -3.57 -12.54 29.25
CA VAL B 128 -2.14 -12.36 29.10
C VAL B 128 -1.54 -12.03 30.46
N THR B 129 -0.44 -12.70 30.80
CA THR B 129 0.32 -12.40 32.00
C THR B 129 1.73 -11.98 31.61
N ASN B 130 2.39 -11.33 32.56
CA ASN B 130 3.76 -10.87 32.38
C ASN B 130 4.30 -10.44 33.74
N ALA B 131 5.62 -10.44 33.85
CA ALA B 131 6.25 -9.87 35.03
C ALA B 131 6.31 -8.35 34.90
N ALA B 132 6.43 -7.69 36.05
CA ALA B 132 6.48 -6.23 36.06
C ALA B 132 7.22 -5.75 37.29
N GLY B 133 7.88 -4.61 37.14
CA GLY B 133 8.48 -3.94 38.27
C GLY B 133 7.46 -3.02 38.94
N GLY B 134 7.48 -3.02 40.26
CA GLY B 134 6.54 -2.23 41.02
C GLY B 134 6.93 -0.76 41.13
N ILE B 135 6.13 0.12 40.54
CA ILE B 135 6.37 1.55 40.62
C ILE B 135 5.56 2.19 41.73
N ASN B 136 4.30 1.79 41.89
CA ASN B 136 3.51 2.16 43.05
C ASN B 136 4.26 1.78 44.32
N ALA B 137 4.50 2.77 45.18
CA ALA B 137 5.34 2.56 46.36
C ALA B 137 4.77 1.52 47.31
N SER B 138 3.44 1.31 47.31
CA SER B 138 2.83 0.35 48.20
C SER B 138 2.87 -1.08 47.66
N PHE B 139 3.26 -1.26 46.40
CA PHE B 139 3.42 -2.60 45.86
C PHE B 139 4.63 -3.28 46.49
N LYS B 140 4.58 -4.60 46.58
CA LYS B 140 5.72 -5.40 47.00
C LYS B 140 5.90 -6.55 46.02
N ALA B 141 7.12 -7.07 45.97
CA ALA B 141 7.38 -8.28 45.21
C ALA B 141 6.52 -9.42 45.75
N GLY B 142 5.80 -10.09 44.85
CA GLY B 142 4.84 -11.11 45.21
C GLY B 142 3.41 -10.70 44.98
N ASP B 143 3.12 -9.40 44.96
CA ASP B 143 1.78 -8.95 44.60
C ASP B 143 1.55 -9.13 43.09
N LEU B 144 0.28 -9.23 42.74
CA LEU B 144 -0.17 -9.16 41.35
C LEU B 144 -0.86 -7.83 41.12
N MET B 145 -0.95 -7.43 39.86
CA MET B 145 -1.73 -6.25 39.50
C MET B 145 -2.64 -6.60 38.33
N CYS B 146 -3.94 -6.47 38.54
CA CYS B 146 -4.92 -6.56 37.48
C CYS B 146 -4.87 -5.26 36.68
N VAL B 147 -4.41 -5.34 35.44
CA VAL B 147 -4.27 -4.16 34.61
C VAL B 147 -5.66 -3.68 34.17
N TYR B 148 -5.93 -2.39 34.38
CA TYR B 148 -7.18 -1.79 33.89
C TYR B 148 -6.92 -0.57 33.01
N ASP B 149 -5.67 -0.28 32.69
CA ASP B 149 -5.27 0.84 31.86
C ASP B 149 -3.78 0.69 31.57
N HIS B 150 -3.30 1.41 30.55
CA HIS B 150 -1.90 1.30 30.20
C HIS B 150 -1.38 2.60 29.62
N ILE B 151 -0.05 2.71 29.59
CA ILE B 151 0.65 3.77 28.87
C ILE B 151 1.58 3.09 27.87
N ASN B 152 1.42 3.41 26.59
CA ASN B 152 2.20 2.80 25.52
C ASN B 152 3.30 3.79 25.12
N PHE B 153 4.41 3.76 25.86
CA PHE B 153 5.48 4.77 25.63
C PHE B 153 6.06 4.64 24.22
N PRO B 154 6.52 3.45 23.78
CA PRO B 154 7.03 3.31 22.43
C PRO B 154 6.01 3.73 21.36
N GLY B 155 4.72 3.52 21.61
CA GLY B 155 3.70 3.82 20.59
C GLY B 155 3.43 5.29 20.45
N LEU B 156 3.38 6.01 21.57
CA LEU B 156 3.08 7.45 21.52
C LEU B 156 4.32 8.23 21.09
N CYS B 157 5.33 8.27 21.96
CA CYS B 157 6.52 9.11 21.68
C CYS B 157 7.46 8.42 20.69
N GLY B 158 6.90 7.67 19.75
CA GLY B 158 7.73 7.06 18.70
C GLY B 158 6.90 6.84 17.45
N ASP B 179 -10.96 1.70 28.19
CA ASP B 179 -11.99 0.73 27.86
C ASP B 179 -11.37 -0.61 27.42
N ALA B 180 -10.03 -0.64 27.39
CA ALA B 180 -9.33 -1.78 26.80
C ALA B 180 -9.37 -3.02 27.69
N TYR B 181 -9.54 -2.85 29.00
CA TYR B 181 -9.42 -3.96 29.94
C TYR B 181 -10.79 -4.26 30.52
N ASP B 182 -11.45 -5.26 29.94
CA ASP B 182 -12.83 -5.66 30.23
C ASP B 182 -13.13 -5.65 31.72
N LEU B 183 -14.08 -4.79 32.12
CA LEU B 183 -14.39 -4.64 33.54
C LEU B 183 -14.99 -5.90 34.12
N GLU B 184 -15.81 -6.61 33.34
CA GLU B 184 -16.46 -7.82 33.84
C GLU B 184 -15.46 -8.94 34.05
N LEU B 185 -14.49 -9.08 33.14
CA LEU B 185 -13.40 -10.02 33.38
C LEU B 185 -12.61 -9.64 34.63
N ARG B 186 -12.53 -8.34 34.93
CA ARG B 186 -11.82 -7.91 36.13
C ARG B 186 -12.61 -8.22 37.40
N LYS B 187 -13.94 -8.06 37.35
CA LYS B 187 -14.78 -8.52 38.46
C LYS B 187 -14.71 -10.03 38.58
N LEU B 188 -14.68 -10.73 37.44
CA LEU B 188 -14.56 -12.19 37.46
C LEU B 188 -13.27 -12.63 38.14
N LEU B 189 -12.17 -11.92 37.85
CA LEU B 189 -10.89 -12.30 38.43
C LEU B 189 -10.89 -12.18 39.95
N PHE B 190 -11.43 -11.06 40.46
CA PHE B 190 -11.42 -10.85 41.89
C PHE B 190 -12.36 -11.82 42.61
N SER B 191 -13.50 -12.13 41.98
CA SER B 191 -14.41 -13.12 42.55
C SER B 191 -13.75 -14.49 42.60
N LYS B 192 -12.90 -14.81 41.62
CA LYS B 192 -12.21 -16.09 41.61
C LYS B 192 -11.09 -16.12 42.64
N LYS B 193 -10.53 -14.96 42.99
CA LYS B 193 -9.58 -14.89 44.09
C LYS B 193 -10.26 -15.17 45.42
N LYS B 194 -11.46 -14.62 45.61
CA LYS B 194 -12.18 -14.83 46.86
C LYS B 194 -12.71 -16.25 46.96
N GLU B 195 -13.18 -16.82 45.85
CA GLU B 195 -13.72 -18.17 45.88
C GLU B 195 -12.63 -19.22 46.06
N LEU B 196 -11.42 -18.94 45.59
CA LEU B 196 -10.28 -19.82 45.79
C LEU B 196 -9.52 -19.53 47.08
N ASN B 197 -9.92 -18.49 47.82
CA ASN B 197 -9.26 -18.11 49.06
C ASN B 197 -7.77 -17.90 48.89
N ILE B 198 -7.39 -17.24 47.80
CA ILE B 198 -5.99 -16.89 47.56
C ILE B 198 -5.68 -15.61 48.30
N GLU B 199 -4.74 -15.68 49.24
CA GLU B 199 -4.40 -14.54 50.08
C GLU B 199 -3.55 -13.50 49.35
N ARG B 200 -2.93 -13.87 48.22
CA ARG B 200 -2.01 -12.97 47.54
C ARG B 200 -2.73 -11.69 47.11
N LYS B 201 -2.08 -10.56 47.35
CA LYS B 201 -2.64 -9.27 46.98
C LYS B 201 -2.82 -9.18 45.47
N ILE B 202 -3.91 -8.56 45.04
CA ILE B 202 -4.16 -8.28 43.63
C ILE B 202 -4.56 -6.82 43.53
N HIS B 203 -3.63 -5.98 43.10
CA HIS B 203 -3.92 -4.57 42.89
C HIS B 203 -4.63 -4.36 41.55
N GLU B 204 -5.19 -3.17 41.40
CA GLU B 204 -5.77 -2.72 40.13
C GLU B 204 -5.11 -1.39 39.79
N GLY B 205 -4.57 -1.27 38.59
CA GLY B 205 -3.84 -0.06 38.27
C GLY B 205 -3.39 -0.01 36.82
N THR B 206 -2.50 0.96 36.58
CA THR B 206 -2.04 1.30 35.23
C THR B 206 -0.68 0.66 34.98
N TYR B 207 -0.57 0.00 33.82
CA TYR B 207 0.65 -0.68 33.43
C TYR B 207 1.36 0.14 32.36
N SER B 208 2.63 0.45 32.59
CA SER B 208 3.42 1.20 31.63
C SER B 208 4.26 0.24 30.81
N TYR B 209 4.15 0.34 29.49
CA TYR B 209 4.92 -0.48 28.57
C TYR B 209 6.14 0.32 28.11
N VAL B 210 7.33 -0.16 28.48
CA VAL B 210 8.58 0.43 28.00
C VAL B 210 9.34 -0.63 27.24
N HIS B 211 10.30 -0.17 26.43
CA HIS B 211 10.90 -1.04 25.43
C HIS B 211 11.88 -2.04 26.05
N GLY B 212 12.64 -1.62 27.06
CA GLY B 212 13.70 -2.45 27.59
C GLY B 212 14.87 -2.51 26.62
N PRO B 213 15.78 -3.47 26.81
CA PRO B 213 15.77 -4.51 27.85
C PRO B 213 16.48 -4.08 29.13
N THR B 214 16.74 -2.79 29.30
CA THR B 214 17.30 -2.30 30.55
C THR B 214 16.21 -2.18 31.61
N PHE B 215 16.58 -2.46 32.85
CA PHE B 215 15.74 -2.06 33.97
C PHE B 215 15.90 -0.56 34.19
N GLU B 216 14.91 0.03 34.86
CA GLU B 216 14.84 1.48 34.93
C GLU B 216 15.90 2.04 35.87
N SER B 217 16.51 3.14 35.46
CA SER B 217 17.30 3.93 36.36
C SER B 217 16.42 4.51 37.47
N ARG B 218 17.05 5.10 38.47
CA ARG B 218 16.29 5.66 39.58
C ARG B 218 15.38 6.79 39.12
N ALA B 219 15.90 7.66 38.25
CA ALA B 219 15.12 8.80 37.79
C ALA B 219 14.00 8.37 36.86
N GLU B 220 14.25 7.36 36.01
CA GLU B 220 13.21 6.87 35.11
C GLU B 220 12.03 6.33 35.91
N SER B 221 12.30 5.58 36.98
CA SER B 221 11.22 5.05 37.81
C SER B 221 10.46 6.17 38.50
N ARG B 222 11.17 7.13 39.09
CA ARG B 222 10.51 8.29 39.68
C ARG B 222 9.67 9.02 38.65
N PHE B 223 10.17 9.11 37.41
CA PHE B 223 9.40 9.71 36.33
C PHE B 223 8.15 8.89 36.04
N LEU B 224 8.32 7.58 35.85
CA LEU B 224 7.17 6.72 35.59
C LEU B 224 6.15 6.83 36.70
N ARG B 225 6.60 6.96 37.94
CA ARG B 225 5.67 7.12 39.06
C ARG B 225 4.84 8.38 38.91
N LEU B 226 5.50 9.53 38.69
CA LEU B 226 4.75 10.77 38.55
C LEU B 226 3.91 10.81 37.27
N ALA B 227 4.24 9.98 36.28
CA ALA B 227 3.40 9.86 35.10
C ALA B 227 2.13 9.07 35.36
N GLY B 228 2.01 8.45 36.54
CA GLY B 228 0.86 7.63 36.85
C GLY B 228 1.07 6.13 36.68
N THR B 229 2.32 5.67 36.61
CA THR B 229 2.57 4.26 36.50
C THR B 229 2.34 3.55 37.83
N ASP B 230 1.70 2.38 37.78
CA ASP B 230 1.65 1.49 38.92
C ASP B 230 2.64 0.34 38.81
N ALA B 231 2.78 -0.24 37.62
CA ALA B 231 3.80 -1.24 37.32
C ALA B 231 4.29 -1.03 35.90
N VAL B 232 5.55 -1.41 35.66
CA VAL B 232 6.19 -1.19 34.37
C VAL B 232 6.75 -2.52 33.88
N GLY B 233 6.53 -2.82 32.59
CA GLY B 233 7.07 -4.02 32.00
C GLY B 233 7.48 -3.78 30.57
N MET B 234 8.05 -4.81 29.97
CA MET B 234 8.61 -4.74 28.62
C MET B 234 7.77 -5.49 27.59
N SER B 235 6.48 -5.69 27.84
CA SER B 235 5.68 -6.54 26.97
C SER B 235 4.20 -6.21 27.15
N THR B 236 3.34 -7.05 26.58
CA THR B 236 1.90 -7.14 26.84
C THR B 236 1.06 -6.10 26.08
N VAL B 237 1.45 -4.83 26.15
CA VAL B 237 0.64 -3.78 25.53
C VAL B 237 0.46 -3.97 24.04
N PRO B 238 1.48 -4.35 23.26
CA PRO B 238 1.22 -4.61 21.82
C PRO B 238 0.22 -5.71 21.58
N GLU B 239 0.28 -6.80 22.36
CA GLU B 239 -0.69 -7.89 22.19
C GLU B 239 -2.08 -7.43 22.56
N VAL B 240 -2.21 -6.62 23.62
CA VAL B 240 -3.52 -6.11 24.03
C VAL B 240 -4.12 -5.26 22.92
N VAL B 241 -3.30 -4.38 22.32
CA VAL B 241 -3.80 -3.49 21.29
C VAL B 241 -4.22 -4.28 20.06
N THR B 242 -3.46 -5.32 19.71
CA THR B 242 -3.85 -6.16 18.58
C THR B 242 -5.10 -6.98 18.89
N ALA B 243 -5.21 -7.46 20.12
CA ALA B 243 -6.40 -8.23 20.50
C ALA B 243 -7.65 -7.36 20.47
N ARG B 244 -7.54 -6.12 20.95
CA ARG B 244 -8.69 -5.21 20.88
C ARG B 244 -9.05 -4.90 19.43
N HIS B 245 -8.05 -4.76 18.57
CA HIS B 245 -8.31 -4.54 17.15
C HIS B 245 -9.09 -5.71 16.54
N CYS B 246 -8.84 -6.93 16.99
CA CYS B 246 -9.58 -8.11 16.56
C CYS B 246 -10.95 -8.23 17.21
N GLY B 247 -11.27 -7.35 18.15
CA GLY B 247 -12.55 -7.41 18.84
C GLY B 247 -12.57 -8.28 20.07
N TRP B 248 -11.42 -8.73 20.55
CA TRP B 248 -11.37 -9.60 21.71
C TRP B 248 -11.49 -8.80 23.00
N ARG B 249 -12.14 -9.40 24.00
CA ARG B 249 -12.02 -8.92 25.35
C ARG B 249 -10.63 -9.26 25.88
N VAL B 250 -10.13 -8.43 26.79
CA VAL B 250 -8.76 -8.55 27.28
C VAL B 250 -8.76 -8.59 28.80
N LEU B 251 -8.07 -9.57 29.37
CA LEU B 251 -7.75 -9.61 30.79
C LEU B 251 -6.24 -9.75 30.92
N ALA B 252 -5.61 -8.78 31.60
CA ALA B 252 -4.17 -8.72 31.72
C ALA B 252 -3.79 -8.75 33.20
N LEU B 253 -2.83 -9.61 33.54
CA LEU B 253 -2.41 -9.82 34.93
C LEU B 253 -0.90 -9.68 35.02
N SER B 254 -0.44 -8.72 35.81
CA SER B 254 0.99 -8.46 35.98
C SER B 254 1.48 -9.05 37.28
N LEU B 255 2.58 -9.79 37.21
CA LEU B 255 3.24 -10.35 38.40
C LEU B 255 4.32 -9.38 38.84
N ILE B 256 4.13 -8.77 40.01
CA ILE B 256 5.12 -7.83 40.54
C ILE B 256 6.29 -8.64 41.06
N THR B 257 7.38 -8.68 40.30
CA THR B 257 8.56 -9.44 40.68
C THR B 257 9.58 -8.63 41.45
N ASN B 258 9.43 -7.31 41.52
CA ASN B 258 10.42 -6.47 42.20
C ASN B 258 9.84 -5.07 42.37
N GLU B 259 10.37 -4.37 43.37
CA GLU B 259 10.04 -2.97 43.62
C GLU B 259 11.11 -2.11 42.96
N CYS B 260 10.70 -1.23 42.06
CA CYS B 260 11.64 -0.44 41.28
C CYS B 260 12.40 0.52 42.18
N VAL B 261 13.72 0.59 42.00
CA VAL B 261 14.56 1.48 42.79
C VAL B 261 14.28 2.92 42.37
N VAL B 262 13.91 3.76 43.33
CA VAL B 262 13.57 5.14 43.05
C VAL B 262 14.45 6.14 43.81
N ASP B 263 15.10 5.73 44.89
CA ASP B 263 15.89 6.66 45.69
C ASP B 263 17.03 7.22 44.86
N PRO B 264 17.37 8.50 45.01
CA PRO B 264 18.56 9.04 44.37
C PRO B 264 19.79 8.24 44.76
N PRO B 265 20.77 8.10 43.87
CA PRO B 265 21.94 7.29 44.20
C PRO B 265 22.82 7.97 45.23
N ALA B 266 23.78 7.21 45.73
CA ALA B 266 24.70 7.73 46.72
C ALA B 266 25.46 8.92 46.16
N SER B 267 25.56 9.97 46.98
CA SER B 267 26.32 11.15 46.59
C SER B 267 27.80 10.96 46.91
N ALA B 268 28.64 11.55 46.08
CA ALA B 268 30.08 11.49 46.32
C ALA B 268 30.49 12.20 47.60
N HIS B 269 29.62 13.03 48.17
CA HIS B 269 29.87 13.69 49.43
C HIS B 269 29.37 12.88 50.63
N ASP B 270 28.61 11.81 50.39
CA ASP B 270 28.17 10.97 51.47
C ASP B 270 29.34 10.18 52.05
N GLU B 271 29.47 10.23 53.37
CA GLU B 271 30.47 9.46 54.07
C GLU B 271 29.94 8.10 54.52
N ASN B 272 28.63 7.93 54.58
CA ASN B 272 28.00 6.64 54.85
C ASN B 272 27.00 6.31 53.75
N PRO B 273 27.47 6.14 52.52
CA PRO B 273 26.55 5.99 51.40
C PRO B 273 25.96 4.60 51.31
N VAL B 274 24.71 4.53 50.89
CA VAL B 274 24.14 3.24 50.48
C VAL B 274 24.78 2.82 49.16
N PRO B 275 25.26 1.59 49.02
CA PRO B 275 25.86 1.17 47.75
C PRO B 275 24.84 1.25 46.62
N ILE B 276 25.29 1.74 45.46
CA ILE B 276 24.39 1.92 44.33
C ILE B 276 23.88 0.58 43.80
N GLN B 277 24.58 -0.52 44.09
CA GLN B 277 24.13 -1.84 43.67
C GLN B 277 22.99 -2.38 44.51
N GLU B 278 22.75 -1.80 45.70
CA GLU B 278 21.79 -2.36 46.63
C GLU B 278 20.39 -2.32 46.07
N GLY B 279 19.72 -3.48 46.07
CA GLY B 279 18.36 -3.57 45.59
C GLY B 279 18.19 -3.55 44.08
N LYS B 280 19.28 -3.69 43.33
CA LYS B 280 19.19 -3.62 41.88
C LYS B 280 18.36 -4.77 41.31
N ALA B 281 17.72 -4.51 40.17
CA ALA B 281 16.94 -5.54 39.52
C ALA B 281 17.85 -6.54 38.82
N THR B 282 17.41 -7.79 38.80
CA THR B 282 18.12 -8.86 38.09
C THR B 282 17.11 -9.74 37.37
N HIS B 283 17.57 -10.38 36.29
CA HIS B 283 16.73 -11.35 35.61
C HIS B 283 16.44 -12.55 36.51
N GLU B 284 17.40 -12.92 37.37
CA GLU B 284 17.20 -14.06 38.26
C GLU B 284 16.07 -13.79 39.24
N GLU B 285 15.99 -12.56 39.76
CA GLU B 285 14.90 -12.19 40.64
C GLU B 285 13.55 -12.29 39.93
N VAL B 286 13.50 -11.84 38.68
CA VAL B 286 12.27 -11.93 37.91
C VAL B 286 11.83 -13.38 37.77
N LEU B 287 12.77 -14.26 37.41
CA LEU B 287 12.45 -15.67 37.23
C LEU B 287 11.95 -16.29 38.54
N GLU B 288 12.70 -16.10 39.61
CA GLU B 288 12.36 -16.76 40.88
C GLU B 288 11.02 -16.26 41.41
N ASN B 289 10.78 -14.95 41.38
CA ASN B 289 9.53 -14.42 41.92
C ASN B 289 8.35 -14.75 41.02
N SER B 290 8.59 -14.91 39.71
CA SER B 290 7.52 -15.35 38.82
C SER B 290 7.11 -16.78 39.13
N ALA B 291 8.09 -17.67 39.34
CA ALA B 291 7.79 -19.06 39.63
C ALA B 291 7.02 -19.21 40.94
N LYS B 292 7.35 -18.37 41.93
CA LYS B 292 6.68 -18.47 43.22
C LYS B 292 5.20 -18.11 43.12
N ALA B 293 4.86 -17.16 42.25
CA ALA B 293 3.47 -16.75 42.06
C ALA B 293 2.76 -17.57 40.99
N SER B 294 3.46 -18.47 40.31
CA SER B 294 2.86 -19.21 39.20
C SER B 294 1.64 -20.00 39.64
N LYS B 295 1.76 -20.70 40.77
CA LYS B 295 0.70 -21.59 41.24
C LYS B 295 -0.60 -20.83 41.45
N ASP B 296 -0.53 -19.65 42.08
CA ASP B 296 -1.74 -18.85 42.28
C ASP B 296 -2.29 -18.33 40.96
N VAL B 297 -1.41 -17.94 40.04
CA VAL B 297 -1.86 -17.41 38.76
C VAL B 297 -2.51 -18.51 37.93
N GLN B 298 -1.93 -19.71 37.93
CA GLN B 298 -2.49 -20.82 37.18
C GLN B 298 -3.91 -21.12 37.63
N GLU B 299 -4.13 -21.21 38.95
CA GLU B 299 -5.46 -21.48 39.46
C GLU B 299 -6.43 -20.35 39.17
N LEU B 300 -5.95 -19.11 39.22
CA LEU B 300 -6.81 -17.98 38.88
C LEU B 300 -7.27 -18.04 37.44
N ILE B 301 -6.35 -18.35 36.51
CA ILE B 301 -6.73 -18.49 35.11
C ILE B 301 -7.62 -19.70 34.91
N PHE B 302 -7.27 -20.83 35.55
CA PHE B 302 -8.05 -22.05 35.44
C PHE B 302 -9.52 -21.80 35.78
N SER B 303 -9.78 -21.02 36.82
CA SER B 303 -11.15 -20.69 37.19
C SER B 303 -11.79 -19.71 36.20
N VAL B 304 -10.98 -18.82 35.63
CA VAL B 304 -11.54 -17.74 34.81
C VAL B 304 -12.07 -18.28 33.49
N VAL B 305 -11.33 -19.17 32.82
CA VAL B 305 -11.71 -19.63 31.48
C VAL B 305 -13.04 -20.36 31.51
N ALA B 306 -13.40 -20.97 32.64
CA ALA B 306 -14.65 -21.71 32.72
C ALA B 306 -15.87 -20.80 32.58
N GLU B 307 -15.73 -19.53 32.93
CA GLU B 307 -16.83 -18.56 32.87
C GLU B 307 -16.61 -17.50 31.80
N ILE B 308 -15.69 -17.75 30.88
CA ILE B 308 -15.32 -16.79 29.85
C ILE B 308 -16.42 -16.67 28.80
N ASP C 7 22.37 10.20 -0.62
CA ASP C 7 21.00 10.20 -0.11
C ASP C 7 20.48 11.64 0.01
N ILE C 8 21.25 12.49 0.69
CA ILE C 8 20.88 13.90 0.77
C ILE C 8 20.98 14.55 -0.62
N ASN C 9 21.89 14.04 -1.46
CA ASN C 9 22.04 14.60 -2.80
C ASN C 9 20.78 14.38 -3.63
N GLU C 10 20.25 13.15 -3.61
CA GLU C 10 18.97 12.90 -4.27
C GLU C 10 17.85 13.72 -3.63
N GLN C 11 17.85 13.82 -2.30
CA GLN C 11 16.89 14.69 -1.63
C GLN C 11 17.00 16.12 -2.14
N ARG C 12 18.23 16.61 -2.32
CA ARG C 12 18.43 17.99 -2.77
C ARG C 12 17.89 18.19 -4.18
N ALA C 13 18.21 17.27 -5.08
CA ALA C 13 17.75 17.40 -6.47
C ALA C 13 16.23 17.31 -6.56
N LEU C 14 15.61 16.46 -5.74
CA LEU C 14 14.16 16.34 -5.75
C LEU C 14 13.49 17.63 -5.28
N ILE C 15 14.12 18.35 -4.35
CA ILE C 15 13.61 19.65 -3.93
C ILE C 15 13.81 20.68 -5.04
N LYS C 16 14.99 20.67 -5.67
CA LYS C 16 15.22 21.58 -6.80
C LYS C 16 14.30 21.25 -7.97
N SER C 17 14.12 19.97 -8.25
CA SER C 17 13.20 19.56 -9.31
C SER C 17 11.78 20.05 -9.01
N ALA C 18 11.33 19.88 -7.77
CA ALA C 18 9.99 20.32 -7.40
C ALA C 18 9.85 21.83 -7.51
N HIS C 19 10.89 22.58 -7.11
CA HIS C 19 10.83 24.02 -7.24
C HIS C 19 10.84 24.44 -8.71
N ARG C 20 11.70 23.81 -9.52
CA ARG C 20 11.77 24.11 -10.94
C ARG C 20 10.41 23.97 -11.61
N TYR C 21 9.69 22.89 -11.31
CA TYR C 21 8.36 22.68 -11.87
C TYR C 21 7.41 23.78 -11.43
N ILE C 22 7.36 24.06 -10.11
CA ILE C 22 6.40 25.02 -9.59
C ILE C 22 6.71 26.43 -10.10
N SER C 23 7.99 26.79 -10.17
CA SER C 23 8.36 28.11 -10.69
C SER C 23 7.91 28.27 -12.14
N GLU C 24 8.06 27.21 -12.95
CA GLU C 24 7.69 27.29 -14.35
C GLU C 24 6.18 27.49 -14.52
N LYS C 25 5.39 26.68 -13.83
CA LYS C 25 3.94 26.78 -13.96
C LYS C 25 3.42 28.14 -13.51
N LEU C 26 4.01 28.68 -12.43
CA LEU C 26 3.62 30.01 -11.95
C LEU C 26 3.80 31.06 -13.05
N GLU C 27 4.96 31.05 -13.70
CA GLU C 27 5.22 32.02 -14.77
C GLU C 27 4.25 31.84 -15.92
N ASP C 28 4.02 30.60 -16.34
CA ASP C 28 3.13 30.34 -17.47
C ASP C 28 1.69 30.72 -17.15
N HIS C 29 1.30 30.66 -15.87
CA HIS C 29 -0.08 30.87 -15.48
C HIS C 29 -0.40 32.35 -15.25
N PHE C 30 0.35 32.99 -14.35
CA PHE C 30 0.04 34.35 -13.93
C PHE C 30 0.69 35.37 -14.84
N SER C 31 -0.07 36.41 -15.20
CA SER C 31 0.49 37.51 -15.97
C SER C 31 1.50 38.31 -15.15
N SER C 32 1.26 38.44 -13.86
CA SER C 32 2.18 39.10 -12.95
C SER C 32 3.00 38.05 -12.20
N GLU C 33 4.21 38.44 -11.79
CA GLU C 33 5.07 37.54 -11.03
C GLU C 33 4.40 37.15 -9.72
N PHE C 34 3.99 35.89 -9.60
CA PHE C 34 3.32 35.40 -8.41
C PHE C 34 4.37 34.99 -7.38
N LEU C 35 4.52 35.81 -6.32
CA LEU C 35 5.47 35.56 -5.25
C LEU C 35 4.68 35.45 -3.95
N PRO C 36 4.28 34.25 -3.55
CA PRO C 36 3.42 34.11 -2.38
C PRO C 36 4.14 34.48 -1.09
N LYS C 37 3.45 35.23 -0.23
CA LYS C 37 4.00 35.63 1.05
C LYS C 37 3.76 34.59 2.15
N ALA C 38 2.80 33.69 1.96
CA ALA C 38 2.43 32.74 2.99
C ALA C 38 2.16 31.37 2.38
N LEU C 39 2.33 30.33 3.20
CA LEU C 39 1.89 28.99 2.90
C LEU C 39 0.89 28.57 3.96
N VAL C 40 -0.30 28.16 3.52
CA VAL C 40 -1.40 27.84 4.42
C VAL C 40 -1.64 26.33 4.37
N ILE C 41 -1.44 25.67 5.50
CA ILE C 41 -1.63 24.22 5.62
C ILE C 41 -3.03 24.02 6.20
N CYS C 42 -3.97 23.62 5.34
CA CYS C 42 -5.35 23.42 5.76
C CYS C 42 -5.49 22.08 6.47
N GLY C 43 -5.94 22.13 7.73
CA GLY C 43 -6.00 20.94 8.55
C GLY C 43 -7.05 19.92 8.16
N GLU C 44 -7.39 19.03 9.08
CA GLU C 44 -8.29 17.92 8.81
C GLU C 44 -9.73 18.42 8.90
N GLY C 45 -10.38 18.53 7.74
CA GLY C 45 -11.72 19.09 7.67
C GLY C 45 -11.77 20.58 7.44
N LEU C 46 -10.65 21.19 7.06
CA LEU C 46 -10.57 22.64 6.87
C LEU C 46 -10.15 22.97 5.44
N SER C 47 -10.46 22.09 4.50
CA SER C 47 -10.12 22.27 3.10
C SER C 47 -11.06 23.23 2.38
N GLY C 48 -12.08 23.76 3.06
CA GLY C 48 -12.91 24.77 2.46
C GLY C 48 -12.23 26.11 2.28
N ILE C 49 -11.06 26.30 2.90
CA ILE C 49 -10.34 27.57 2.81
C ILE C 49 -10.11 27.97 1.36
N SER C 50 -9.95 26.99 0.48
CA SER C 50 -9.76 27.28 -0.94
C SER C 50 -10.92 28.06 -1.54
N THR C 51 -12.10 28.04 -0.91
CA THR C 51 -13.22 28.79 -1.45
C THR C 51 -13.04 30.29 -1.27
N LYS C 52 -12.24 30.70 -0.29
CA LYS C 52 -11.98 32.12 -0.07
C LYS C 52 -10.83 32.63 -0.93
N ILE C 53 -10.41 31.85 -1.92
CA ILE C 53 -9.42 32.31 -2.91
C ILE C 53 -10.18 33.06 -4.00
N ALA C 54 -9.58 34.14 -4.49
CA ALA C 54 -10.26 35.01 -5.44
C ALA C 54 -10.35 34.35 -6.81
N ASP C 55 -11.49 34.54 -7.48
CA ASP C 55 -11.68 33.99 -8.81
C ASP C 55 -10.86 34.72 -9.87
N GLU C 56 -10.44 35.94 -9.59
CA GLU C 56 -9.64 36.72 -10.52
C GLU C 56 -8.48 37.37 -9.77
N PRO C 57 -7.21 37.08 -10.13
CA PRO C 57 -6.78 36.20 -11.22
C PRO C 57 -7.10 34.73 -10.97
N LYS C 58 -7.23 33.96 -12.05
CA LYS C 58 -7.57 32.55 -11.96
C LYS C 58 -6.47 31.80 -11.21
N PRO C 59 -6.76 31.22 -10.04
CA PRO C 59 -5.71 30.52 -9.29
C PRO C 59 -5.23 29.28 -10.02
N LEU C 60 -3.98 28.92 -9.75
CA LEU C 60 -3.35 27.74 -10.32
C LEU C 60 -3.42 26.60 -9.34
N ILE C 61 -3.89 25.44 -9.80
CA ILE C 61 -4.01 24.24 -8.97
C ILE C 61 -3.05 23.19 -9.51
N LEU C 62 -2.19 22.66 -8.65
CA LEU C 62 -1.22 21.63 -9.00
C LEU C 62 -1.46 20.42 -8.12
N SER C 63 -1.85 19.31 -8.75
CA SER C 63 -1.94 18.05 -8.01
C SER C 63 -0.54 17.58 -7.64
N TYR C 64 -0.45 16.93 -6.47
CA TYR C 64 0.83 16.40 -6.03
C TYR C 64 1.38 15.38 -7.02
N SER C 65 0.49 14.72 -7.76
CA SER C 65 0.91 13.70 -8.72
C SER C 65 1.81 14.28 -9.80
N THR C 66 1.66 15.58 -10.10
CA THR C 66 2.42 16.22 -11.17
C THR C 66 3.66 16.94 -10.67
N ILE C 67 3.84 17.08 -9.36
CA ILE C 67 5.01 17.76 -8.82
C ILE C 67 6.07 16.71 -8.51
N PRO C 68 7.31 16.87 -8.99
CA PRO C 68 8.34 15.85 -8.72
C PRO C 68 8.62 15.72 -7.24
N GLY C 69 8.86 14.48 -6.80
CA GLY C 69 9.19 14.22 -5.42
C GLY C 69 7.98 14.08 -4.52
N PHE C 70 6.92 14.83 -4.82
CA PHE C 70 5.72 14.78 -4.01
C PHE C 70 5.08 13.40 -4.06
N LYS C 71 4.26 13.10 -3.06
CA LYS C 71 3.60 11.79 -2.99
C LYS C 71 2.11 11.94 -2.74
N GLY C 80 -4.35 15.29 -2.89
CA GLY C 80 -3.59 16.45 -2.44
C GLY C 80 -3.25 17.40 -3.58
N GLU C 81 -3.26 18.69 -3.30
CA GLU C 81 -3.03 19.68 -4.35
C GLU C 81 -2.46 20.96 -3.75
N LEU C 82 -1.67 21.66 -4.57
CA LEU C 82 -1.16 22.99 -4.25
C LEU C 82 -2.03 24.02 -4.96
N ILE C 83 -2.38 25.08 -4.23
CA ILE C 83 -3.27 26.12 -4.75
C ILE C 83 -2.59 27.47 -4.61
N PHE C 84 -2.32 28.11 -5.75
CA PHE C 84 -1.65 29.41 -5.80
C PHE C 84 -2.66 30.47 -6.24
N GLY C 85 -3.07 31.31 -5.30
CA GLY C 85 -4.02 32.35 -5.61
C GLY C 85 -3.93 33.51 -4.65
N TYR C 86 -4.94 34.37 -4.70
CA TYR C 86 -5.03 35.53 -3.84
C TYR C 86 -6.14 35.34 -2.81
N MET C 87 -5.86 35.79 -1.58
CA MET C 87 -6.80 35.65 -0.46
C MET C 87 -6.79 36.96 0.31
N ASN C 88 -7.91 37.68 0.27
CA ASN C 88 -8.02 39.01 0.87
C ASN C 88 -6.93 39.94 0.35
N GLY C 89 -6.55 39.76 -0.91
CA GLY C 89 -5.58 40.61 -1.56
C GLY C 89 -4.14 40.13 -1.49
N ALA C 90 -3.86 39.05 -0.76
CA ALA C 90 -2.48 38.62 -0.61
C ALA C 90 -2.21 37.34 -1.39
N PRO C 91 -1.05 37.25 -2.06
CA PRO C 91 -0.69 36.01 -2.76
C PRO C 91 -0.22 34.95 -1.77
N VAL C 92 -0.82 33.77 -1.83
CA VAL C 92 -0.59 32.69 -0.89
C VAL C 92 -0.48 31.36 -1.62
N VAL C 93 -0.04 30.33 -0.89
CA VAL C 93 -0.08 28.95 -1.34
C VAL C 93 -0.90 28.14 -0.35
N LEU C 94 -1.76 27.26 -0.87
CA LEU C 94 -2.56 26.37 -0.05
C LEU C 94 -2.09 24.93 -0.23
N MET C 95 -2.01 24.21 0.89
CA MET C 95 -1.72 22.78 0.91
C MET C 95 -2.98 22.08 1.42
N ASN C 96 -3.73 21.48 0.50
CA ASN C 96 -5.00 20.84 0.86
C ASN C 96 -4.76 19.48 1.51
N LEU C 107 9.88 11.17 7.38
CA LEU C 107 9.41 12.51 7.74
C LEU C 107 9.91 13.57 6.77
N ALA C 108 11.10 13.37 6.23
CA ALA C 108 11.66 14.31 5.26
C ALA C 108 10.81 14.40 4.00
N GLU C 109 9.91 13.45 3.77
CA GLU C 109 9.01 13.52 2.62
C GLU C 109 7.80 14.39 2.91
N THR C 110 7.35 14.44 4.17
CA THR C 110 6.25 15.31 4.54
C THR C 110 6.67 16.78 4.62
N VAL C 111 7.97 17.04 4.67
CA VAL C 111 8.50 18.40 4.71
C VAL C 111 9.25 18.78 3.45
N HIS C 112 9.45 17.83 2.53
CA HIS C 112 9.92 18.16 1.18
C HIS C 112 9.15 19.31 0.54
N PRO C 113 7.83 19.42 0.66
CA PRO C 113 7.14 20.59 0.06
C PRO C 113 7.59 21.94 0.61
N ILE C 114 7.72 22.06 1.93
CA ILE C 114 8.11 23.34 2.52
C ILE C 114 9.46 23.79 1.96
N ARG C 115 10.41 22.87 1.86
CA ARG C 115 11.70 23.21 1.29
CA ARG C 115 11.70 23.22 1.29
C ARG C 115 11.58 23.62 -0.17
N ALA C 116 10.75 22.90 -0.94
CA ALA C 116 10.56 23.22 -2.34
C ALA C 116 9.93 24.59 -2.51
N LEU C 117 8.88 24.88 -1.74
CA LEU C 117 8.25 26.19 -1.82
C LEU C 117 9.15 27.29 -1.27
N HIS C 118 10.02 26.96 -0.33
CA HIS C 118 10.92 27.97 0.23
C HIS C 118 11.82 28.57 -0.84
N LEU C 119 12.18 27.78 -1.85
CA LEU C 119 13.11 28.23 -2.89
C LEU C 119 12.51 29.31 -3.78
N LEU C 120 11.25 29.68 -3.56
CA LEU C 120 10.64 30.79 -4.28
C LEU C 120 11.09 32.15 -3.77
N GLY C 121 11.76 32.19 -2.62
CA GLY C 121 12.30 33.42 -2.06
C GLY C 121 11.28 34.38 -1.50
N SER C 122 9.99 34.04 -1.50
CA SER C 122 8.95 34.99 -1.13
C SER C 122 8.18 34.61 0.13
N ILE C 123 7.98 33.32 0.41
CA ILE C 123 7.23 32.92 1.60
C ILE C 123 8.05 33.22 2.84
N ASN C 124 7.42 33.88 3.83
CA ASN C 124 8.05 34.13 5.12
C ASN C 124 7.15 33.77 6.29
N VAL C 125 6.02 33.10 6.06
CA VAL C 125 5.12 32.74 7.15
C VAL C 125 4.39 31.46 6.80
N LEU C 126 4.37 30.53 7.75
CA LEU C 126 3.55 29.34 7.67
C LEU C 126 2.34 29.50 8.57
N ILE C 127 1.15 29.32 8.02
CA ILE C 127 -0.09 29.26 8.79
C ILE C 127 -0.63 27.85 8.66
N VAL C 128 -0.68 27.13 9.77
CA VAL C 128 -1.09 25.73 9.79
C VAL C 128 -2.22 25.56 10.79
N THR C 129 -3.29 24.92 10.37
CA THR C 129 -4.42 24.57 11.22
C THR C 129 -4.52 23.06 11.33
N ASN C 130 -5.19 22.60 12.38
CA ASN C 130 -5.34 21.17 12.60
C ASN C 130 -6.52 20.93 13.54
N ALA C 131 -6.92 19.67 13.60
CA ALA C 131 -7.84 19.20 14.63
C ALA C 131 -7.02 18.62 15.78
N ALA C 132 -7.43 18.91 17.01
CA ALA C 132 -6.68 18.48 18.17
C ALA C 132 -7.63 18.15 19.31
N GLY C 133 -7.27 17.13 20.09
CA GLY C 133 -8.03 16.79 21.26
C GLY C 133 -7.64 17.65 22.45
N GLY C 134 -8.64 17.97 23.28
CA GLY C 134 -8.40 18.80 24.44
C GLY C 134 -7.83 18.01 25.60
N ILE C 135 -6.74 18.53 26.16
CA ILE C 135 -6.11 17.93 27.33
C ILE C 135 -6.19 18.84 28.55
N ASN C 136 -6.04 20.15 28.34
CA ASN C 136 -6.36 21.13 29.38
C ASN C 136 -7.78 20.93 29.87
N ALA C 137 -7.96 20.93 31.18
CA ALA C 137 -9.27 20.68 31.77
C ALA C 137 -10.28 21.74 31.36
N SER C 138 -9.82 22.96 31.11
CA SER C 138 -10.71 24.08 30.82
C SER C 138 -11.16 24.15 29.36
N PHE C 139 -10.70 23.23 28.51
CA PHE C 139 -11.07 23.25 27.10
C PHE C 139 -12.33 22.43 26.88
N LYS C 140 -13.13 22.86 25.91
CA LYS C 140 -14.33 22.13 25.51
C LYS C 140 -14.33 21.98 24.00
N ALA C 141 -15.05 20.97 23.53
CA ALA C 141 -15.18 20.75 22.10
C ALA C 141 -15.77 21.99 21.44
N GLY C 142 -15.09 22.47 20.39
CA GLY C 142 -15.45 23.68 19.69
C GLY C 142 -14.52 24.83 19.98
N ASP C 143 -13.94 24.88 21.17
CA ASP C 143 -12.94 25.90 21.50
C ASP C 143 -11.77 25.80 20.53
N LEU C 144 -11.07 26.92 20.38
CA LEU C 144 -9.85 26.99 19.59
C LEU C 144 -8.65 27.21 20.50
N MET C 145 -7.48 26.77 20.05
CA MET C 145 -6.23 27.01 20.76
C MET C 145 -5.23 27.59 19.78
N CYS C 146 -4.78 28.81 20.08
CA CYS C 146 -3.68 29.42 19.33
C CYS C 146 -2.37 28.87 19.90
N VAL C 147 -1.69 28.05 19.11
CA VAL C 147 -0.49 27.36 19.59
C VAL C 147 0.62 28.38 19.79
N TYR C 148 1.20 28.40 21.00
CA TYR C 148 2.35 29.25 21.28
C TYR C 148 3.55 28.46 21.80
N ASP C 149 3.44 27.15 21.87
CA ASP C 149 4.55 26.27 22.25
C ASP C 149 4.14 24.84 21.86
N HIS C 150 5.12 23.95 21.85
CA HIS C 150 4.83 22.56 21.49
C HIS C 150 5.76 21.62 22.23
N ILE C 151 5.33 20.36 22.31
CA ILE C 151 6.17 19.26 22.78
C ILE C 151 6.26 18.26 21.62
N ASN C 152 7.46 18.12 21.07
CA ASN C 152 7.69 17.20 19.95
C ASN C 152 8.22 15.89 20.52
N PHE C 153 7.28 15.04 20.94
CA PHE C 153 7.66 13.78 21.58
C PHE C 153 8.44 12.86 20.66
N PRO C 154 8.02 12.60 19.40
CA PRO C 154 8.87 11.79 18.52
C PRO C 154 10.22 12.43 18.26
N GLY C 155 10.26 13.75 18.13
CA GLY C 155 11.54 14.42 17.91
C GLY C 155 12.54 14.18 19.02
N LEU C 156 12.06 14.12 20.27
CA LEU C 156 12.92 13.82 21.39
C LEU C 156 13.51 12.42 21.31
N CYS C 157 12.87 11.52 20.55
CA CYS C 157 13.25 10.11 20.56
C CYS C 157 13.97 9.64 19.30
N GLY C 158 13.82 10.34 18.18
CA GLY C 158 14.53 9.94 16.98
C GLY C 158 13.69 9.97 15.72
N PHE C 159 12.48 10.53 15.81
CA PHE C 159 11.59 10.72 14.67
C PHE C 159 11.50 12.23 14.44
N HIS C 160 12.52 12.76 13.78
CA HIS C 160 12.74 14.19 13.68
C HIS C 160 12.83 14.62 12.22
N PRO C 161 12.17 15.72 11.84
CA PRO C 161 12.29 16.21 10.45
C PRO C 161 13.70 16.61 10.08
N LEU C 162 14.56 16.93 11.05
CA LEU C 162 15.91 17.39 10.79
C LEU C 162 16.96 16.29 10.96
N ARG C 163 16.55 15.07 11.34
CA ARG C 163 17.49 13.97 11.46
C ARG C 163 18.21 13.73 10.14
N GLY C 164 19.49 13.42 10.22
CA GLY C 164 20.31 13.23 9.03
C GLY C 164 21.15 14.45 8.75
N ALA C 165 21.88 14.37 7.63
CA ALA C 165 22.74 15.46 7.20
C ALA C 165 21.95 16.76 7.09
N ASN C 166 22.52 17.83 7.62
CA ASN C 166 21.83 19.12 7.64
C ASN C 166 21.80 19.72 6.23
N PHE C 167 20.66 20.34 5.91
CA PHE C 167 20.52 21.13 4.69
C PHE C 167 21.10 22.50 4.99
N ASP C 168 22.40 22.65 4.76
CA ASP C 168 23.12 23.85 5.19
C ASP C 168 22.60 25.10 4.46
N GLU C 169 22.18 24.97 3.20
CA GLU C 169 21.69 26.12 2.46
C GLU C 169 20.36 26.64 2.99
N PHE C 170 19.65 25.83 3.80
CA PHE C 170 18.35 26.21 4.35
C PHE C 170 18.45 26.78 5.76
N GLY C 171 19.06 26.04 6.68
CA GLY C 171 19.15 26.48 8.06
C GLY C 171 20.31 25.86 8.82
N PRO C 172 20.40 26.16 10.10
CA PRO C 172 21.53 25.70 10.90
C PRO C 172 21.37 24.25 11.36
N ARG C 173 22.52 23.64 11.65
CA ARG C 173 22.53 22.25 12.12
C ARG C 173 21.72 22.10 13.40
N PHE C 174 21.93 23.01 14.35
CA PHE C 174 21.22 23.00 15.62
C PHE C 174 20.28 24.19 15.66
N LEU C 175 18.98 23.92 15.72
CA LEU C 175 17.95 24.94 15.58
C LEU C 175 17.20 25.09 16.89
N ALA C 176 17.03 26.33 17.35
CA ALA C 176 16.29 26.60 18.56
C ALA C 176 14.79 26.61 18.29
N THR C 177 14.03 26.00 19.20
CA THR C 177 12.57 25.95 19.09
C THR C 177 11.87 26.76 20.17
N SER C 178 12.61 27.40 21.08
CA SER C 178 11.99 28.24 22.10
C SER C 178 11.38 29.51 21.54
N ASP C 179 11.60 29.80 20.25
CA ASP C 179 11.03 30.97 19.58
C ASP C 179 10.20 30.56 18.39
N ALA C 180 9.48 29.44 18.52
CA ALA C 180 8.85 28.82 17.36
C ALA C 180 7.64 29.62 16.87
N TYR C 181 6.86 30.17 17.79
CA TYR C 181 5.55 30.72 17.47
C TYR C 181 5.58 32.23 17.60
N ASP C 182 5.55 32.91 16.45
CA ASP C 182 5.72 34.36 16.40
C ASP C 182 4.67 35.07 17.26
N LEU C 183 5.14 35.98 18.12
CA LEU C 183 4.23 36.69 19.02
C LEU C 183 3.34 37.64 18.23
N GLU C 184 3.90 38.39 17.29
CA GLU C 184 3.10 39.36 16.54
C GLU C 184 2.01 38.68 15.73
N LEU C 185 2.26 37.46 15.25
CA LEU C 185 1.24 36.74 14.49
C LEU C 185 0.09 36.33 15.40
N ARG C 186 0.39 35.96 16.64
CA ARG C 186 -0.66 35.57 17.58
C ARG C 186 -1.47 36.78 18.02
N LYS C 187 -0.79 37.91 18.28
CA LYS C 187 -1.51 39.14 18.58
C LYS C 187 -2.38 39.58 17.42
N LEU C 188 -1.94 39.32 16.19
CA LEU C 188 -2.77 39.62 15.03
C LEU C 188 -3.98 38.71 14.96
N LEU C 189 -3.80 37.42 15.26
CA LEU C 189 -4.93 36.49 15.27
C LEU C 189 -6.00 36.92 16.25
N PHE C 190 -5.60 37.34 17.45
CA PHE C 190 -6.58 37.73 18.47
C PHE C 190 -7.27 39.03 18.10
N SER C 191 -6.58 39.96 17.43
CA SER C 191 -7.23 41.18 17.00
C SER C 191 -8.26 40.90 15.92
N LYS C 192 -7.98 39.96 15.03
CA LYS C 192 -8.93 39.63 13.97
C LYS C 192 -10.16 38.90 14.51
N LYS C 193 -10.05 38.26 15.67
CA LYS C 193 -11.24 37.69 16.30
C LYS C 193 -12.16 38.79 16.83
N LYS C 194 -11.58 39.73 17.60
CA LYS C 194 -12.38 40.83 18.14
C LYS C 194 -12.98 41.67 17.02
N GLU C 195 -12.22 41.88 15.93
CA GLU C 195 -12.74 42.64 14.79
C GLU C 195 -13.90 41.90 14.14
N LEU C 196 -13.75 40.60 13.91
CA LEU C 196 -14.80 39.79 13.31
C LEU C 196 -15.93 39.47 14.28
N ASN C 197 -15.81 39.89 15.54
CA ASN C 197 -16.84 39.66 16.55
C ASN C 197 -17.15 38.18 16.72
N ILE C 198 -16.10 37.35 16.66
CA ILE C 198 -16.26 35.90 16.78
C ILE C 198 -16.39 35.55 18.26
N GLU C 199 -17.51 34.91 18.62
CA GLU C 199 -17.76 34.56 20.02
C GLU C 199 -16.95 33.37 20.49
N ARG C 200 -16.56 32.49 19.56
CA ARG C 200 -15.91 31.24 19.90
C ARG C 200 -14.67 31.46 20.76
N LYS C 201 -14.54 30.67 21.81
CA LYS C 201 -13.37 30.76 22.68
C LYS C 201 -12.11 30.36 21.93
N ILE C 202 -11.02 31.08 22.17
CA ILE C 202 -9.72 30.74 21.61
C ILE C 202 -8.67 30.86 22.71
N HIS C 203 -7.99 29.76 23.00
CA HIS C 203 -7.02 29.73 24.09
C HIS C 203 -5.61 29.90 23.53
N GLU C 204 -4.65 29.97 24.45
CA GLU C 204 -3.23 30.06 24.13
C GLU C 204 -2.55 28.93 24.91
N GLY C 205 -2.00 27.95 24.20
CA GLY C 205 -1.45 26.81 24.93
C GLY C 205 -0.49 25.98 24.11
N THR C 206 0.05 24.97 24.78
CA THR C 206 1.02 24.07 24.19
C THR C 206 0.34 22.95 23.41
N TYR C 207 0.90 22.61 22.25
CA TYR C 207 0.43 21.51 21.43
C TYR C 207 1.44 20.37 21.50
N SER C 208 1.00 19.20 21.93
CA SER C 208 1.87 18.04 22.02
C SER C 208 1.70 17.16 20.78
N TYR C 209 2.81 16.85 20.13
CA TYR C 209 2.83 16.03 18.93
C TYR C 209 3.11 14.59 19.33
N VAL C 210 2.17 13.70 19.07
CA VAL C 210 2.36 12.27 19.28
C VAL C 210 2.15 11.56 17.96
N HIS C 211 2.97 10.55 17.69
CA HIS C 211 2.75 9.72 16.49
C HIS C 211 1.88 8.58 16.95
N GLY C 212 1.00 8.86 17.91
CA GLY C 212 0.16 7.81 18.49
C GLY C 212 -1.30 8.03 18.21
N PRO C 213 -2.16 6.99 18.32
CA PRO C 213 -3.56 7.11 17.94
C PRO C 213 -4.37 8.08 18.79
N THR C 214 -5.39 8.70 18.19
CA THR C 214 -6.30 9.53 19.00
C THR C 214 -6.89 8.54 20.00
N PHE C 215 -6.78 7.26 19.69
CA PHE C 215 -7.20 6.21 20.65
C PHE C 215 -6.16 6.20 21.78
N GLU C 216 -6.00 7.35 22.44
CA GLU C 216 -5.08 7.41 23.59
C GLU C 216 -5.86 6.89 24.80
N SER C 217 -5.18 6.16 25.67
CA SER C 217 -5.78 5.67 26.90
C SER C 217 -6.07 6.85 27.84
N ARG C 218 -6.87 6.58 28.87
CA ARG C 218 -7.10 7.60 29.89
C ARG C 218 -5.84 7.90 30.68
N ALA C 219 -5.01 6.89 30.93
CA ALA C 219 -3.72 7.12 31.57
C ALA C 219 -2.78 7.89 30.65
N GLU C 220 -2.85 7.63 29.34
CA GLU C 220 -2.04 8.38 28.39
C GLU C 220 -2.46 9.84 28.36
N SER C 221 -3.77 10.09 28.31
CA SER C 221 -4.27 11.47 28.40
C SER C 221 -3.82 12.11 29.70
N ARG C 222 -3.87 11.37 30.81
CA ARG C 222 -3.44 11.92 32.08
C ARG C 222 -1.95 12.24 32.07
N PHE C 223 -1.14 11.34 31.52
CA PHE C 223 0.30 11.61 31.43
C PHE C 223 0.57 12.86 30.60
N LEU C 224 -0.18 13.02 29.50
CA LEU C 224 0.03 14.19 28.65
C LEU C 224 -0.29 15.47 29.40
N ARG C 225 -1.38 15.48 30.18
CA ARG C 225 -1.75 16.67 30.93
C ARG C 225 -0.65 17.07 31.91
N LEU C 226 -0.22 16.13 32.74
CA LEU C 226 0.87 16.42 33.68
C LEU C 226 2.18 16.67 32.95
N ALA C 227 2.31 16.24 31.70
CA ALA C 227 3.51 16.54 30.92
C ALA C 227 3.55 17.98 30.43
N GLY C 228 2.48 18.74 30.64
CA GLY C 228 2.40 20.10 30.13
C GLY C 228 1.68 20.25 28.81
N THR C 229 0.73 19.37 28.50
CA THR C 229 0.02 19.38 27.24
C THR C 229 -1.33 20.07 27.39
N ASP C 230 -1.66 20.94 26.43
CA ASP C 230 -2.97 21.58 26.36
C ASP C 230 -3.84 20.98 25.27
N ALA C 231 -3.29 20.79 24.07
CA ALA C 231 -3.95 20.07 23.00
C ALA C 231 -2.97 19.03 22.44
N VAL C 232 -3.53 17.97 21.86
CA VAL C 232 -2.74 16.85 21.37
C VAL C 232 -3.22 16.48 19.98
N GLY C 233 -2.27 16.12 19.10
CA GLY C 233 -2.62 15.62 17.79
C GLY C 233 -1.43 14.95 17.15
N MET C 234 -1.58 14.66 15.85
CA MET C 234 -0.55 13.96 15.08
C MET C 234 -0.16 14.78 13.84
N SER C 235 -0.05 16.09 13.99
CA SER C 235 0.27 16.94 12.85
C SER C 235 0.97 18.21 13.33
N THR C 236 1.23 19.11 12.38
CA THR C 236 1.66 20.49 12.62
C THR C 236 3.12 20.62 13.02
N VAL C 237 3.54 19.88 14.07
CA VAL C 237 4.87 20.12 14.65
C VAL C 237 6.01 19.86 13.68
N PRO C 238 6.02 18.78 12.88
CA PRO C 238 7.13 18.63 11.92
C PRO C 238 7.17 19.75 10.89
N GLU C 239 6.03 20.30 10.51
CA GLU C 239 6.00 21.41 9.55
C GLU C 239 6.48 22.70 10.20
N VAL C 240 6.11 22.93 11.47
CA VAL C 240 6.58 24.10 12.20
C VAL C 240 8.10 24.09 12.27
N VAL C 241 8.68 22.92 12.57
CA VAL C 241 10.14 22.82 12.73
C VAL C 241 10.83 23.05 11.41
N THR C 242 10.28 22.52 10.31
CA THR C 242 10.89 22.70 9.00
C THR C 242 10.79 24.15 8.55
N ALA C 243 9.64 24.79 8.79
CA ALA C 243 9.49 26.20 8.43
C ALA C 243 10.46 27.06 9.22
N ARG C 244 10.57 26.84 10.53
CA ARG C 244 11.50 27.60 11.36
C ARG C 244 12.94 27.37 10.93
N HIS C 245 13.26 26.15 10.49
CA HIS C 245 14.59 25.89 9.94
C HIS C 245 14.83 26.70 8.69
N CYS C 246 13.79 26.97 7.91
CA CYS C 246 13.90 27.80 6.72
C CYS C 246 13.84 29.29 7.03
N GLY C 247 13.59 29.66 8.28
CA GLY C 247 13.54 31.05 8.68
C GLY C 247 12.17 31.69 8.68
N TRP C 248 11.11 30.93 8.39
CA TRP C 248 9.78 31.50 8.33
C TRP C 248 9.22 31.76 9.71
N ARG C 249 8.25 32.67 9.77
CA ARG C 249 7.42 32.80 10.96
CA ARG C 249 7.42 32.80 10.96
C ARG C 249 6.31 31.77 10.91
N VAL C 250 5.84 31.36 12.09
CA VAL C 250 4.84 30.30 12.18
C VAL C 250 3.67 30.78 13.02
N LEU C 251 2.46 30.62 12.48
CA LEU C 251 1.22 30.80 13.22
C LEU C 251 0.45 29.49 13.15
N ALA C 252 0.08 28.96 14.30
CA ALA C 252 -0.58 27.65 14.38
C ALA C 252 -1.87 27.77 15.17
N LEU C 253 -2.96 27.25 14.62
CA LEU C 253 -4.27 27.29 15.23
C LEU C 253 -4.84 25.89 15.32
N SER C 254 -5.42 25.55 16.47
CA SER C 254 -5.98 24.24 16.72
C SER C 254 -7.48 24.34 17.00
N LEU C 255 -8.23 23.41 16.43
CA LEU C 255 -9.66 23.28 16.71
C LEU C 255 -9.85 22.09 17.66
N ILE C 256 -10.22 22.39 18.90
CA ILE C 256 -10.44 21.35 19.90
C ILE C 256 -11.67 20.55 19.51
N THR C 257 -11.45 19.38 18.91
CA THR C 257 -12.53 18.56 18.39
C THR C 257 -13.24 17.77 19.49
N ASN C 258 -12.53 17.41 20.55
CA ASN C 258 -13.10 16.60 21.62
C ASN C 258 -12.35 16.88 22.91
N GLU C 259 -12.91 16.41 24.01
CA GLU C 259 -12.26 16.50 25.31
C GLU C 259 -11.79 15.11 25.73
N CYS C 260 -10.46 14.95 25.82
CA CYS C 260 -9.88 13.66 26.14
C CYS C 260 -10.29 13.24 27.55
N VAL C 261 -10.86 12.03 27.65
CA VAL C 261 -11.19 11.47 28.95
C VAL C 261 -9.90 11.14 29.70
N VAL C 262 -9.78 11.65 30.93
CA VAL C 262 -8.60 11.42 31.74
C VAL C 262 -8.91 10.74 33.07
N ASP C 263 -10.17 10.57 33.42
CA ASP C 263 -10.53 9.85 34.63
C ASP C 263 -10.12 8.38 34.51
N PRO C 264 -9.82 7.72 35.61
CA PRO C 264 -9.49 6.30 35.56
C PRO C 264 -10.73 5.46 35.28
N PRO C 265 -10.57 4.27 34.70
CA PRO C 265 -11.73 3.44 34.39
C PRO C 265 -12.40 2.90 35.66
N ALA C 266 -13.54 2.25 35.45
CA ALA C 266 -14.30 1.72 36.56
C ALA C 266 -13.51 0.65 37.30
N SER C 267 -13.38 0.81 38.61
CA SER C 267 -12.69 -0.17 39.42
C SER C 267 -13.53 -1.43 39.56
N ALA C 268 -12.86 -2.59 39.60
CA ALA C 268 -13.57 -3.85 39.76
C ALA C 268 -14.30 -3.95 41.10
N HIS C 269 -14.04 -3.04 42.03
CA HIS C 269 -14.79 -2.96 43.27
C HIS C 269 -15.77 -1.79 43.22
N ALA C 291 -18.86 21.33 12.58
CA ALA C 291 -18.72 21.76 11.19
C ALA C 291 -18.83 23.28 11.08
N LYS C 292 -19.26 23.92 12.18
CA LYS C 292 -19.42 25.37 12.18
C LYS C 292 -18.09 26.09 12.37
N ALA C 293 -17.22 25.56 13.23
CA ALA C 293 -15.96 26.22 13.54
C ALA C 293 -15.07 26.41 12.32
N SER C 294 -15.24 25.58 11.28
CA SER C 294 -14.47 25.77 10.05
C SER C 294 -14.71 27.16 9.46
N LYS C 295 -15.92 27.68 9.60
CA LYS C 295 -16.23 29.02 9.11
C LYS C 295 -15.44 30.07 9.89
N ASP C 296 -15.44 29.98 11.22
CA ASP C 296 -14.68 30.92 12.04
C ASP C 296 -13.19 30.83 11.72
N VAL C 297 -12.66 29.61 11.63
CA VAL C 297 -11.27 29.42 11.24
C VAL C 297 -11.04 30.01 9.85
N GLN C 298 -12.02 29.87 8.96
CA GLN C 298 -11.91 30.43 7.62
C GLN C 298 -11.78 31.94 7.67
N GLU C 299 -12.66 32.61 8.43
CA GLU C 299 -12.66 34.06 8.46
C GLU C 299 -11.45 34.60 9.23
N LEU C 300 -11.05 33.91 10.30
CA LEU C 300 -9.87 34.33 11.05
C LEU C 300 -8.64 34.36 10.18
N ILE C 301 -8.39 33.28 9.44
CA ILE C 301 -7.26 33.27 8.51
C ILE C 301 -7.48 34.29 7.40
N PHE C 302 -8.69 34.33 6.83
CA PHE C 302 -8.97 35.26 5.73
C PHE C 302 -8.62 36.69 6.10
N SER C 303 -8.82 37.07 7.35
CA SER C 303 -8.42 38.39 7.81
C SER C 303 -6.92 38.47 8.03
N VAL C 304 -6.34 37.45 8.69
CA VAL C 304 -4.95 37.52 9.11
C VAL C 304 -4.01 37.64 7.91
N VAL C 305 -4.27 36.86 6.85
CA VAL C 305 -3.36 36.87 5.70
C VAL C 305 -3.25 38.26 5.08
N ALA C 306 -4.27 39.10 5.26
CA ALA C 306 -4.22 40.43 4.67
C ALA C 306 -3.10 41.27 5.29
N GLU C 307 -2.90 41.15 6.59
CA GLU C 307 -1.92 41.95 7.31
C GLU C 307 -0.65 41.15 7.60
N ILE C 308 -0.10 40.51 6.58
CA ILE C 308 1.10 39.70 6.75
C ILE C 308 2.31 40.35 6.08
N ASP D 7 6.99 -17.39 -17.38
CA ASP D 7 8.36 -17.37 -17.86
C ASP D 7 8.50 -18.24 -19.11
N ILE D 8 9.18 -17.70 -20.13
CA ILE D 8 9.17 -18.34 -21.44
C ILE D 8 10.06 -19.58 -21.45
N ASN D 9 11.16 -19.59 -20.69
CA ASN D 9 12.04 -20.75 -20.70
C ASN D 9 11.43 -21.91 -19.93
N GLU D 10 10.72 -21.62 -18.84
CA GLU D 10 9.98 -22.65 -18.13
C GLU D 10 8.87 -23.22 -19.01
N GLN D 11 8.21 -22.35 -19.78
CA GLN D 11 7.16 -22.81 -20.68
C GLN D 11 7.72 -23.69 -21.77
N ARG D 12 8.87 -23.32 -22.34
CA ARG D 12 9.51 -24.14 -23.36
C ARG D 12 9.83 -25.53 -22.83
N ALA D 13 10.54 -25.60 -21.71
CA ALA D 13 10.89 -26.88 -21.11
C ALA D 13 9.64 -27.74 -20.87
N LEU D 14 8.56 -27.12 -20.40
CA LEU D 14 7.32 -27.84 -20.19
C LEU D 14 6.76 -28.37 -21.50
N ILE D 15 7.03 -27.68 -22.62
CA ILE D 15 6.51 -28.12 -23.90
C ILE D 15 7.37 -29.24 -24.48
N LYS D 16 8.70 -29.08 -24.46
CA LYS D 16 9.57 -30.16 -24.90
C LYS D 16 9.38 -31.41 -24.05
N SER D 17 9.11 -31.21 -22.75
CA SER D 17 8.90 -32.36 -21.86
C SER D 17 7.63 -33.11 -22.23
N ALA D 18 6.54 -32.38 -22.45
CA ALA D 18 5.30 -33.02 -22.89
C ALA D 18 5.49 -33.69 -24.24
N HIS D 19 6.22 -33.04 -25.15
CA HIS D 19 6.53 -33.66 -26.43
C HIS D 19 7.39 -34.90 -26.25
N ARG D 20 8.35 -34.85 -25.31
CA ARG D 20 9.19 -36.02 -25.05
C ARG D 20 8.35 -37.19 -24.54
N TYR D 21 7.40 -36.91 -23.66
CA TYR D 21 6.52 -37.97 -23.15
C TYR D 21 5.63 -38.51 -24.26
N ILE D 22 4.97 -37.62 -25.00
CA ILE D 22 4.03 -38.07 -26.03
C ILE D 22 4.76 -38.81 -27.14
N SER D 23 5.92 -38.30 -27.55
CA SER D 23 6.67 -38.95 -28.62
C SER D 23 7.12 -40.35 -28.21
N GLU D 24 7.59 -40.51 -26.97
CA GLU D 24 8.07 -41.81 -26.52
C GLU D 24 6.93 -42.82 -26.44
N LYS D 25 5.82 -42.44 -25.80
CA LYS D 25 4.67 -43.33 -25.68
C LYS D 25 4.09 -43.72 -27.03
N LEU D 26 4.32 -42.91 -28.07
CA LEU D 26 3.79 -43.22 -29.40
C LEU D 26 4.61 -44.32 -30.07
N GLU D 27 5.93 -44.23 -30.01
CA GLU D 27 6.77 -45.27 -30.59
C GLU D 27 6.62 -46.59 -29.86
N ASP D 28 6.32 -46.56 -28.56
CA ASP D 28 6.15 -47.77 -27.77
C ASP D 28 4.84 -48.47 -28.05
N HIS D 29 3.82 -47.74 -28.51
CA HIS D 29 2.47 -48.27 -28.66
C HIS D 29 2.16 -48.75 -30.08
N PHE D 30 2.65 -48.05 -31.11
CA PHE D 30 2.31 -48.33 -32.49
C PHE D 30 3.48 -48.99 -33.19
N SER D 31 3.20 -50.08 -33.92
CA SER D 31 4.25 -50.76 -34.68
C SER D 31 4.75 -49.88 -35.83
N SER D 32 3.83 -49.31 -36.59
CA SER D 32 4.20 -48.30 -37.57
C SER D 32 4.32 -46.94 -36.90
N GLU D 33 5.03 -46.04 -37.57
CA GLU D 33 5.16 -44.68 -37.06
C GLU D 33 3.81 -43.98 -37.10
N PHE D 34 3.48 -43.29 -36.00
CA PHE D 34 2.20 -42.59 -35.87
C PHE D 34 2.45 -41.10 -35.95
N LEU D 35 2.11 -40.50 -37.09
CA LEU D 35 2.21 -39.05 -37.32
C LEU D 35 0.82 -38.52 -37.58
N PRO D 36 0.11 -38.03 -36.57
CA PRO D 36 -1.25 -37.56 -36.77
C PRO D 36 -1.27 -36.29 -37.63
N LYS D 37 -2.28 -36.21 -38.49
CA LYS D 37 -2.43 -35.07 -39.39
C LYS D 37 -3.36 -33.99 -38.85
N ALA D 38 -4.21 -34.32 -37.87
CA ALA D 38 -5.17 -33.36 -37.36
C ALA D 38 -5.33 -33.53 -35.86
N LEU D 39 -5.59 -32.42 -35.17
CA LEU D 39 -5.96 -32.41 -33.78
C LEU D 39 -7.45 -32.08 -33.68
N VAL D 40 -8.21 -32.95 -33.04
CA VAL D 40 -9.65 -32.78 -32.88
C VAL D 40 -9.92 -32.48 -31.40
N ILE D 41 -10.29 -31.24 -31.10
CA ILE D 41 -10.70 -30.85 -29.76
C ILE D 41 -12.22 -31.00 -29.68
N CYS D 42 -12.68 -31.95 -28.87
CA CYS D 42 -14.09 -32.30 -28.82
C CYS D 42 -14.83 -31.33 -27.90
N GLY D 43 -15.87 -30.69 -28.45
CA GLY D 43 -16.59 -29.67 -27.69
C GLY D 43 -17.55 -30.21 -26.65
N GLU D 44 -18.63 -29.47 -26.40
CA GLU D 44 -19.57 -29.84 -25.35
C GLU D 44 -20.39 -31.05 -25.74
N GLY D 45 -20.36 -32.08 -24.89
CA GLY D 45 -21.17 -33.27 -25.07
C GLY D 45 -20.90 -34.03 -26.34
N LEU D 46 -19.79 -33.69 -27.01
CA LEU D 46 -19.33 -34.39 -28.19
C LEU D 46 -18.16 -35.32 -27.88
N SER D 47 -18.11 -35.86 -26.66
CA SER D 47 -17.05 -36.80 -26.30
C SER D 47 -17.16 -38.13 -27.02
N GLY D 48 -18.31 -38.40 -27.66
CA GLY D 48 -18.51 -39.65 -28.36
C GLY D 48 -17.71 -39.82 -29.65
N ILE D 49 -17.10 -38.76 -30.19
CA ILE D 49 -16.28 -38.92 -31.39
C ILE D 49 -15.17 -39.94 -31.18
N SER D 50 -14.82 -40.23 -29.92
CA SER D 50 -13.84 -41.26 -29.63
C SER D 50 -14.33 -42.64 -30.04
N THR D 51 -15.64 -42.85 -30.08
CA THR D 51 -16.18 -44.13 -30.52
C THR D 51 -15.91 -44.38 -32.01
N LYS D 52 -15.62 -43.34 -32.77
CA LYS D 52 -15.35 -43.46 -34.19
C LYS D 52 -13.88 -43.77 -34.50
N ILE D 53 -13.04 -43.93 -33.48
CA ILE D 53 -11.65 -44.30 -33.68
C ILE D 53 -11.58 -45.81 -33.91
N ALA D 54 -10.90 -46.21 -34.99
CA ALA D 54 -10.82 -47.62 -35.35
C ALA D 54 -10.16 -48.43 -34.25
N ASP D 55 -10.67 -49.64 -34.02
CA ASP D 55 -10.10 -50.51 -33.00
C ASP D 55 -8.73 -51.05 -33.39
N GLU D 56 -8.43 -51.13 -34.68
CA GLU D 56 -7.16 -51.65 -35.17
C GLU D 56 -6.52 -50.62 -36.09
N PRO D 57 -5.29 -50.15 -35.81
CA PRO D 57 -4.47 -50.48 -34.64
C PRO D 57 -5.09 -50.00 -33.33
N LYS D 58 -4.76 -50.66 -32.23
CA LYS D 58 -5.31 -50.28 -30.93
C LYS D 58 -4.94 -48.85 -30.61
N PRO D 59 -5.90 -47.98 -30.29
CA PRO D 59 -5.58 -46.59 -29.99
C PRO D 59 -4.80 -46.47 -28.69
N LEU D 60 -4.14 -45.33 -28.53
CA LEU D 60 -3.30 -45.05 -27.38
C LEU D 60 -3.91 -43.90 -26.59
N ILE D 61 -4.19 -44.13 -25.31
CA ILE D 61 -4.87 -43.18 -24.45
C ILE D 61 -3.89 -42.69 -23.38
N LEU D 62 -3.76 -41.37 -23.24
CA LEU D 62 -2.92 -40.75 -22.22
C LEU D 62 -3.79 -39.80 -21.41
N SER D 63 -3.80 -39.99 -20.10
CA SER D 63 -4.51 -39.07 -19.23
C SER D 63 -3.69 -37.79 -19.05
N TYR D 64 -4.40 -36.66 -18.91
CA TYR D 64 -3.73 -35.37 -18.70
C TYR D 64 -2.87 -35.41 -17.44
N SER D 65 -3.27 -36.20 -16.45
CA SER D 65 -2.55 -36.26 -15.19
C SER D 65 -1.16 -36.90 -15.32
N THR D 66 -0.92 -37.64 -16.40
CA THR D 66 0.37 -38.29 -16.60
C THR D 66 1.27 -37.57 -17.57
N ILE D 67 0.77 -36.57 -18.30
CA ILE D 67 1.58 -35.84 -19.27
C ILE D 67 2.15 -34.59 -18.60
N PRO D 68 3.43 -34.28 -18.80
CA PRO D 68 3.99 -33.04 -18.23
C PRO D 68 3.28 -31.81 -18.77
N GLY D 69 2.94 -30.89 -17.86
CA GLY D 69 2.33 -29.63 -18.22
C GLY D 69 0.82 -29.63 -18.29
N PHE D 70 0.20 -30.77 -18.53
CA PHE D 70 -1.25 -30.82 -18.63
C PHE D 70 -1.88 -30.69 -17.25
N LYS D 71 -2.97 -29.91 -17.18
CA LYS D 71 -3.67 -29.73 -15.91
C LYS D 71 -4.88 -30.66 -15.83
N SER D 79 -11.65 -36.60 -16.29
CA SER D 79 -10.54 -35.72 -15.93
C SER D 79 -9.76 -35.28 -17.17
N GLY D 80 -10.05 -35.90 -18.30
CA GLY D 80 -9.43 -35.57 -19.57
C GLY D 80 -8.40 -36.61 -19.99
N GLU D 81 -8.31 -36.82 -21.31
CA GLU D 81 -7.35 -37.76 -21.87
C GLU D 81 -7.06 -37.38 -23.32
N LEU D 82 -5.90 -37.82 -23.81
CA LEU D 82 -5.51 -37.68 -25.20
C LEU D 82 -5.66 -39.04 -25.89
N ILE D 83 -6.28 -39.03 -27.07
CA ILE D 83 -6.51 -40.26 -27.82
C ILE D 83 -5.72 -40.17 -29.12
N PHE D 84 -4.80 -41.10 -29.33
CA PHE D 84 -4.07 -41.24 -30.58
C PHE D 84 -4.58 -42.49 -31.29
N GLY D 85 -5.12 -42.31 -32.49
CA GLY D 85 -5.65 -43.44 -33.22
C GLY D 85 -5.97 -43.09 -34.65
N TYR D 86 -6.59 -44.05 -35.33
CA TYR D 86 -6.97 -43.89 -36.73
C TYR D 86 -8.48 -43.76 -36.84
N MET D 87 -8.93 -42.72 -37.53
CA MET D 87 -10.33 -42.38 -37.64
C MET D 87 -10.66 -42.17 -39.11
N ASN D 88 -11.50 -43.05 -39.66
CA ASN D 88 -11.77 -43.09 -41.10
C ASN D 88 -10.48 -43.20 -41.90
N GLY D 89 -9.52 -43.94 -41.36
CA GLY D 89 -8.25 -44.17 -42.01
C GLY D 89 -7.23 -43.06 -41.86
N ALA D 90 -7.53 -42.02 -41.09
CA ALA D 90 -6.61 -40.91 -40.93
C ALA D 90 -6.04 -40.89 -39.52
N PRO D 91 -4.71 -40.79 -39.37
CA PRO D 91 -4.12 -40.69 -38.03
C PRO D 91 -4.44 -39.33 -37.42
N VAL D 92 -5.17 -39.34 -36.30
CA VAL D 92 -5.59 -38.12 -35.62
C VAL D 92 -5.29 -38.26 -34.14
N VAL D 93 -5.41 -37.13 -33.43
CA VAL D 93 -5.30 -37.09 -31.98
C VAL D 93 -6.50 -36.31 -31.45
N LEU D 94 -7.15 -36.84 -30.43
CA LEU D 94 -8.35 -36.24 -29.86
C LEU D 94 -8.03 -35.64 -28.50
N MET D 95 -8.47 -34.41 -28.27
CA MET D 95 -8.38 -33.77 -26.97
C MET D 95 -9.74 -33.95 -26.29
N ASN D 96 -9.86 -35.03 -25.51
CA ASN D 96 -11.09 -35.35 -24.80
C ASN D 96 -11.14 -34.52 -23.53
N GLY D 97 -11.79 -33.36 -23.61
CA GLY D 97 -11.86 -32.46 -22.48
C GLY D 97 -10.83 -31.36 -22.55
N ARG D 98 -11.28 -30.12 -22.58
CA ARG D 98 -10.42 -28.94 -22.69
C ARG D 98 -10.36 -28.21 -21.36
N LEU D 99 -9.44 -27.26 -21.28
CA LEU D 99 -9.28 -26.41 -20.11
C LEU D 99 -9.94 -25.07 -20.37
N HIS D 100 -10.64 -24.55 -19.36
CA HIS D 100 -11.40 -23.33 -19.49
C HIS D 100 -10.82 -22.25 -18.60
N SER D 101 -10.77 -21.02 -19.13
CA SER D 101 -10.22 -19.90 -18.38
C SER D 101 -11.02 -19.64 -17.10
N TYR D 102 -12.34 -19.85 -17.14
CA TYR D 102 -13.16 -19.61 -15.97
C TYR D 102 -12.90 -20.61 -14.85
N GLU D 103 -12.12 -21.66 -15.11
CA GLU D 103 -11.76 -22.62 -14.08
C GLU D 103 -10.55 -22.19 -13.26
N GLY D 104 -9.90 -21.09 -13.64
CA GLY D 104 -8.72 -20.60 -12.96
C GLY D 104 -7.43 -20.77 -13.74
N HIS D 105 -7.45 -21.51 -14.83
CA HIS D 105 -6.24 -21.74 -15.62
C HIS D 105 -5.89 -20.51 -16.44
N SER D 106 -4.59 -20.33 -16.67
CA SER D 106 -4.14 -19.28 -17.56
C SER D 106 -4.27 -19.72 -19.01
N LEU D 107 -4.32 -18.74 -19.92
CA LEU D 107 -4.49 -19.04 -21.33
C LEU D 107 -3.36 -19.92 -21.85
N ALA D 108 -2.14 -19.70 -21.35
CA ALA D 108 -1.02 -20.53 -21.77
C ALA D 108 -1.23 -21.99 -21.40
N GLU D 109 -1.83 -22.24 -20.22
CA GLU D 109 -2.11 -23.62 -19.83
C GLU D 109 -3.16 -24.25 -20.72
N THR D 110 -4.20 -23.48 -21.08
CA THR D 110 -5.25 -24.01 -21.94
C THR D 110 -4.72 -24.38 -23.32
N VAL D 111 -3.71 -23.66 -23.82
CA VAL D 111 -3.19 -23.90 -25.16
C VAL D 111 -1.86 -24.64 -25.16
N HIS D 112 -1.29 -24.91 -23.99
CA HIS D 112 -0.06 -25.70 -23.91
C HIS D 112 -0.15 -27.04 -24.64
N PRO D 113 -1.27 -27.77 -24.64
CA PRO D 113 -1.33 -28.99 -25.45
C PRO D 113 -1.07 -28.77 -26.92
N ILE D 114 -1.54 -27.65 -27.49
CA ILE D 114 -1.36 -27.41 -28.92
C ILE D 114 0.11 -27.22 -29.26
N ARG D 115 0.86 -26.55 -28.39
CA ARG D 115 2.29 -26.35 -28.64
C ARG D 115 3.04 -27.68 -28.57
N ALA D 116 2.72 -28.53 -27.60
CA ALA D 116 3.40 -29.81 -27.46
C ALA D 116 3.13 -30.70 -28.67
N LEU D 117 1.85 -30.84 -29.06
CA LEU D 117 1.49 -31.68 -30.18
C LEU D 117 2.04 -31.17 -31.50
N HIS D 118 2.39 -29.88 -31.58
CA HIS D 118 2.98 -29.35 -32.80
C HIS D 118 4.39 -29.87 -33.01
N LEU D 119 5.13 -30.12 -31.92
CA LEU D 119 6.48 -30.65 -32.04
C LEU D 119 6.52 -32.04 -32.63
N LEU D 120 5.38 -32.73 -32.71
CA LEU D 120 5.30 -33.96 -33.49
C LEU D 120 5.59 -33.71 -34.98
N GLY D 121 5.56 -32.45 -35.41
CA GLY D 121 5.93 -32.11 -36.77
C GLY D 121 5.03 -32.67 -37.85
N SER D 122 3.82 -33.10 -37.49
CA SER D 122 2.92 -33.73 -38.43
C SER D 122 1.53 -33.12 -38.48
N ILE D 123 1.11 -32.39 -37.46
CA ILE D 123 -0.25 -31.86 -37.40
C ILE D 123 -0.32 -30.55 -38.18
N ASN D 124 -1.24 -30.49 -39.15
CA ASN D 124 -1.43 -29.31 -39.98
C ASN D 124 -2.86 -28.81 -39.96
N VAL D 125 -3.76 -29.45 -39.20
CA VAL D 125 -5.16 -29.07 -39.14
C VAL D 125 -5.64 -29.18 -37.69
N LEU D 126 -6.28 -28.14 -37.19
CA LEU D 126 -7.00 -28.20 -35.93
C LEU D 126 -8.50 -28.19 -36.22
N ILE D 127 -9.18 -29.24 -35.78
CA ILE D 127 -10.63 -29.33 -35.86
C ILE D 127 -11.16 -29.17 -34.44
N VAL D 128 -12.02 -28.18 -34.23
CA VAL D 128 -12.48 -27.83 -32.89
C VAL D 128 -13.98 -27.58 -32.93
N THR D 129 -14.70 -28.20 -31.99
CA THR D 129 -16.12 -27.95 -31.78
C THR D 129 -16.33 -27.31 -30.42
N ASN D 130 -17.53 -26.77 -30.23
CA ASN D 130 -17.91 -26.18 -28.96
C ASN D 130 -19.42 -25.95 -28.96
N ALA D 131 -19.95 -25.57 -27.80
CA ALA D 131 -21.32 -25.10 -27.68
C ALA D 131 -21.32 -23.57 -27.71
N ALA D 132 -22.42 -23.00 -28.17
CA ALA D 132 -22.50 -21.55 -28.31
C ALA D 132 -23.96 -21.10 -28.21
N GLY D 133 -24.15 -19.93 -27.62
CA GLY D 133 -25.47 -19.30 -27.62
C GLY D 133 -25.66 -18.49 -28.89
N GLY D 134 -26.85 -18.63 -29.47
CA GLY D 134 -27.17 -17.93 -30.71
C GLY D 134 -27.45 -16.46 -30.50
N ILE D 135 -26.58 -15.61 -31.02
CA ILE D 135 -26.79 -14.17 -30.95
C ILE D 135 -27.51 -13.67 -32.20
N ASN D 136 -27.15 -14.22 -33.37
CA ASN D 136 -27.89 -13.96 -34.59
C ASN D 136 -29.35 -14.36 -34.41
N ALA D 137 -30.26 -13.39 -34.58
CA ALA D 137 -31.66 -13.63 -34.28
C ALA D 137 -32.28 -14.71 -35.15
N SER D 138 -31.67 -15.02 -36.30
CA SER D 138 -32.21 -16.05 -37.17
C SER D 138 -31.76 -17.45 -36.78
N PHE D 139 -30.82 -17.57 -35.85
CA PHE D 139 -30.38 -18.88 -35.39
C PHE D 139 -31.42 -19.50 -34.46
N LYS D 140 -31.38 -20.82 -34.35
CA LYS D 140 -32.23 -21.55 -33.43
C LYS D 140 -31.43 -22.65 -32.77
N ALA D 141 -31.83 -23.01 -31.55
CA ALA D 141 -31.22 -24.11 -30.85
C ALA D 141 -31.27 -25.38 -31.70
N GLY D 142 -30.10 -25.99 -31.91
CA GLY D 142 -29.95 -27.18 -32.71
C GLY D 142 -29.23 -26.95 -34.02
N ASP D 143 -29.24 -25.71 -34.52
CA ASP D 143 -28.42 -25.37 -35.67
C ASP D 143 -26.94 -25.55 -35.33
N LEU D 144 -26.14 -25.69 -36.38
CA LEU D 144 -24.69 -25.56 -36.27
C LEU D 144 -24.26 -24.27 -36.95
N MET D 145 -23.14 -23.73 -36.48
CA MET D 145 -22.51 -22.59 -37.15
C MET D 145 -21.08 -22.98 -37.51
N CYS D 146 -20.78 -22.97 -38.80
CA CYS D 146 -19.41 -23.10 -39.27
C CYS D 146 -18.73 -21.75 -39.09
N VAL D 147 -17.76 -21.69 -38.17
CA VAL D 147 -17.07 -20.43 -37.91
C VAL D 147 -16.20 -20.07 -39.10
N TYR D 148 -16.32 -18.83 -39.57
CA TYR D 148 -15.43 -18.31 -40.60
C TYR D 148 -14.78 -17.00 -40.20
N ASP D 149 -14.98 -16.56 -38.95
CA ASP D 149 -14.43 -15.32 -38.41
C ASP D 149 -14.73 -15.31 -36.93
N HIS D 150 -13.96 -14.52 -36.17
CA HIS D 150 -14.23 -14.42 -34.75
C HIS D 150 -13.99 -13.00 -34.26
N ILE D 151 -14.53 -12.72 -33.08
CA ILE D 151 -14.23 -11.51 -32.32
C ILE D 151 -13.62 -11.98 -31.01
N ASN D 152 -12.34 -11.67 -30.82
CA ASN D 152 -11.67 -11.98 -29.55
C ASN D 152 -11.59 -10.70 -28.71
N PHE D 153 -12.74 -10.32 -28.17
CA PHE D 153 -12.80 -9.13 -27.32
C PHE D 153 -11.93 -9.23 -26.09
N PRO D 154 -11.85 -10.37 -25.37
CA PRO D 154 -10.86 -10.46 -24.29
C PRO D 154 -9.43 -10.23 -24.77
N GLY D 155 -9.09 -10.74 -25.96
CA GLY D 155 -7.76 -10.50 -26.49
C GLY D 155 -7.49 -9.02 -26.75
N LEU D 156 -8.51 -8.29 -27.21
CA LEU D 156 -8.36 -6.86 -27.40
C LEU D 156 -8.09 -6.14 -26.09
N CYS D 157 -8.57 -6.69 -24.98
CA CYS D 157 -8.53 -6.03 -23.68
C CYS D 157 -7.44 -6.57 -22.77
N GLY D 158 -6.49 -7.36 -23.30
CA GLY D 158 -5.31 -7.75 -22.55
C GLY D 158 -5.25 -9.20 -22.13
N PHE D 159 -6.31 -9.98 -22.34
CA PHE D 159 -6.31 -11.41 -22.00
C PHE D 159 -6.15 -12.18 -23.31
N HIS D 160 -4.91 -12.52 -23.64
CA HIS D 160 -4.53 -13.00 -24.95
C HIS D 160 -3.58 -14.18 -24.83
N PRO D 161 -3.81 -15.27 -25.58
CA PRO D 161 -2.93 -16.44 -25.47
C PRO D 161 -1.48 -16.15 -25.84
N LEU D 162 -1.24 -15.23 -26.77
CA LEU D 162 0.11 -14.93 -27.24
C LEU D 162 0.82 -13.89 -26.40
N ARG D 163 0.21 -13.43 -25.30
CA ARG D 163 0.89 -12.49 -24.43
C ARG D 163 2.15 -13.10 -23.85
N GLY D 164 3.22 -12.31 -23.83
CA GLY D 164 4.53 -12.79 -23.41
C GLY D 164 5.48 -12.85 -24.58
N ALA D 165 6.72 -13.24 -24.26
CA ALA D 165 7.75 -13.36 -25.29
C ALA D 165 7.30 -14.33 -26.38
N ASN D 166 7.54 -13.94 -27.62
CA ASN D 166 7.08 -14.76 -28.74
C ASN D 166 7.89 -16.05 -28.84
N PHE D 167 7.18 -17.16 -29.02
CA PHE D 167 7.81 -18.42 -29.36
C PHE D 167 8.30 -18.36 -30.80
N ASP D 168 9.53 -17.89 -31.01
CA ASP D 168 10.02 -17.62 -32.36
C ASP D 168 10.11 -18.90 -33.20
N GLU D 169 10.33 -20.05 -32.57
CA GLU D 169 10.44 -21.29 -33.32
C GLU D 169 9.09 -21.77 -33.84
N PHE D 170 7.98 -21.30 -33.27
CA PHE D 170 6.66 -21.74 -33.68
C PHE D 170 6.05 -20.81 -34.74
N GLY D 171 6.05 -19.50 -34.49
CA GLY D 171 5.42 -18.57 -35.39
C GLY D 171 5.90 -17.13 -35.23
N PRO D 172 5.21 -16.20 -35.88
CA PRO D 172 5.65 -14.81 -35.88
C PRO D 172 5.23 -14.08 -34.61
N ARG D 173 5.88 -12.94 -34.39
CA ARG D 173 5.52 -12.09 -33.25
C ARG D 173 4.15 -11.45 -33.45
N PHE D 174 3.90 -10.92 -34.64
CA PHE D 174 2.63 -10.32 -34.98
C PHE D 174 1.92 -11.23 -35.98
N LEU D 175 0.77 -11.77 -35.59
CA LEU D 175 0.06 -12.78 -36.35
C LEU D 175 -1.28 -12.24 -36.81
N ALA D 176 -1.52 -12.26 -38.12
CA ALA D 176 -2.79 -11.80 -38.65
C ALA D 176 -3.89 -12.82 -38.37
N THR D 177 -5.11 -12.33 -38.19
CA THR D 177 -6.27 -13.18 -37.97
C THR D 177 -7.37 -12.97 -39.01
N SER D 178 -7.15 -12.11 -40.00
CA SER D 178 -8.13 -11.97 -41.09
C SER D 178 -8.19 -13.21 -41.97
N ASP D 179 -7.40 -14.25 -41.67
CA ASP D 179 -7.31 -15.46 -42.47
C ASP D 179 -7.35 -16.71 -41.59
N ALA D 180 -8.08 -16.66 -40.48
CA ALA D 180 -7.97 -17.72 -39.49
C ALA D 180 -8.69 -18.99 -39.93
N TYR D 181 -9.75 -18.87 -40.71
CA TYR D 181 -10.66 -19.98 -40.96
C TYR D 181 -10.57 -20.40 -42.42
N ASP D 182 -9.77 -21.44 -42.66
CA ASP D 182 -9.49 -22.00 -43.98
C ASP D 182 -10.75 -22.14 -44.80
N LEU D 183 -10.76 -21.52 -45.98
CA LEU D 183 -11.92 -21.59 -46.85
C LEU D 183 -12.17 -23.02 -47.33
N GLU D 184 -11.11 -23.70 -47.77
CA GLU D 184 -11.27 -25.05 -48.32
C GLU D 184 -11.84 -26.01 -47.29
N LEU D 185 -11.37 -25.93 -46.05
CA LEU D 185 -11.88 -26.82 -45.02
C LEU D 185 -13.36 -26.57 -44.74
N ARG D 186 -13.82 -25.32 -44.91
CA ARG D 186 -15.24 -25.03 -44.73
C ARG D 186 -16.07 -25.58 -45.89
N LYS D 187 -15.58 -25.42 -47.12
CA LYS D 187 -16.29 -25.98 -48.26
C LYS D 187 -16.35 -27.50 -48.17
N LEU D 188 -15.30 -28.13 -47.65
CA LEU D 188 -15.30 -29.58 -47.49
C LEU D 188 -16.35 -30.02 -46.47
N LEU D 189 -16.56 -29.22 -45.42
CA LEU D 189 -17.55 -29.57 -44.41
C LEU D 189 -18.95 -29.53 -45.00
N PHE D 190 -19.27 -28.48 -45.76
CA PHE D 190 -20.59 -28.40 -46.39
C PHE D 190 -20.77 -29.48 -47.45
N SER D 191 -19.67 -29.93 -48.05
CA SER D 191 -19.77 -31.03 -49.02
C SER D 191 -20.12 -32.34 -48.32
N LYS D 192 -19.59 -32.54 -47.12
CA LYS D 192 -19.92 -33.75 -46.38
C LYS D 192 -21.34 -33.71 -45.85
N LYS D 193 -21.83 -32.51 -45.49
CA LYS D 193 -23.23 -32.39 -45.10
CA LYS D 193 -23.23 -32.38 -45.09
C LYS D 193 -24.15 -32.83 -46.23
N LYS D 194 -23.87 -32.38 -47.45
CA LYS D 194 -24.65 -32.79 -48.61
C LYS D 194 -24.48 -34.28 -48.90
N GLU D 195 -23.24 -34.78 -48.79
CA GLU D 195 -22.98 -36.19 -49.04
C GLU D 195 -23.73 -37.08 -48.06
N LEU D 196 -23.71 -36.71 -46.78
CA LEU D 196 -24.37 -37.49 -45.74
C LEU D 196 -25.86 -37.21 -45.64
N ASN D 197 -26.37 -36.25 -46.41
CA ASN D 197 -27.78 -35.86 -46.37
C ASN D 197 -28.23 -35.49 -44.96
N ILE D 198 -27.38 -34.74 -44.25
CA ILE D 198 -27.73 -34.21 -42.95
C ILE D 198 -28.62 -32.99 -43.15
N GLU D 199 -29.83 -33.04 -42.58
CA GLU D 199 -30.77 -31.93 -42.73
C GLU D 199 -30.46 -30.76 -41.81
N ARG D 200 -29.75 -31.00 -40.71
CA ARG D 200 -29.47 -29.95 -39.72
C ARG D 200 -28.87 -28.72 -40.38
N LYS D 201 -29.43 -27.56 -40.07
CA LYS D 201 -28.90 -26.30 -40.60
C LYS D 201 -27.47 -26.10 -40.15
N ILE D 202 -26.64 -25.62 -41.07
CA ILE D 202 -25.26 -25.24 -40.77
C ILE D 202 -25.07 -23.82 -41.28
N HIS D 203 -25.03 -22.86 -40.37
CA HIS D 203 -24.78 -21.48 -40.76
C HIS D 203 -23.29 -21.23 -40.94
N GLU D 204 -22.98 -20.07 -41.50
CA GLU D 204 -21.63 -19.51 -41.51
C GLU D 204 -21.70 -18.16 -40.81
N GLY D 205 -20.73 -17.87 -39.96
CA GLY D 205 -20.79 -16.62 -39.22
C GLY D 205 -19.64 -16.47 -38.25
N THR D 206 -19.80 -15.47 -37.38
CA THR D 206 -18.75 -14.98 -36.51
C THR D 206 -18.97 -15.47 -35.09
N TYR D 207 -17.92 -16.01 -34.48
CA TYR D 207 -17.95 -16.51 -33.12
C TYR D 207 -17.23 -15.54 -32.20
N SER D 208 -17.74 -15.36 -30.99
CA SER D 208 -17.15 -14.43 -30.03
C SER D 208 -16.76 -15.18 -28.75
N TYR D 209 -15.50 -15.10 -28.40
CA TYR D 209 -15.02 -15.66 -27.14
C TYR D 209 -15.31 -14.69 -26.01
N VAL D 210 -15.93 -15.21 -24.94
CA VAL D 210 -16.09 -14.48 -23.69
C VAL D 210 -15.69 -15.41 -22.56
N HIS D 211 -15.29 -14.82 -21.43
CA HIS D 211 -14.63 -15.58 -20.39
C HIS D 211 -15.61 -16.49 -19.63
N GLY D 212 -16.78 -15.97 -19.28
CA GLY D 212 -17.70 -16.72 -18.45
C GLY D 212 -17.35 -16.57 -16.99
N PRO D 213 -17.91 -17.45 -16.14
CA PRO D 213 -18.80 -18.55 -16.48
C PRO D 213 -20.28 -18.18 -16.48
N THR D 214 -20.58 -16.89 -16.33
CA THR D 214 -21.97 -16.46 -16.42
C THR D 214 -22.45 -16.53 -17.86
N PHE D 215 -23.75 -16.78 -18.01
CA PHE D 215 -24.35 -16.52 -19.31
C PHE D 215 -24.58 -15.02 -19.45
N GLU D 216 -24.62 -14.56 -20.70
CA GLU D 216 -24.61 -13.13 -20.94
C GLU D 216 -25.94 -12.52 -20.51
N SER D 217 -25.86 -11.31 -19.95
CA SER D 217 -27.08 -10.56 -19.66
C SER D 217 -27.72 -10.09 -20.96
N ARG D 218 -28.91 -9.50 -20.84
CA ARG D 218 -29.60 -8.99 -22.01
C ARG D 218 -28.77 -7.92 -22.72
N ALA D 219 -28.29 -6.94 -21.96
CA ALA D 219 -27.47 -5.89 -22.56
C ALA D 219 -26.15 -6.46 -23.10
N GLU D 220 -25.59 -7.46 -22.42
CA GLU D 220 -24.34 -8.06 -22.89
C GLU D 220 -24.53 -8.76 -24.22
N SER D 221 -25.62 -9.54 -24.36
CA SER D 221 -25.93 -10.16 -25.64
C SER D 221 -26.23 -9.10 -26.70
N ARG D 222 -27.00 -8.08 -26.34
CA ARG D 222 -27.25 -6.97 -27.25
C ARG D 222 -25.97 -6.25 -27.65
N PHE D 223 -25.00 -6.18 -26.73
CA PHE D 223 -23.71 -5.59 -27.08
C PHE D 223 -22.96 -6.47 -28.07
N LEU D 224 -22.91 -7.78 -27.78
CA LEU D 224 -22.23 -8.69 -28.69
C LEU D 224 -22.86 -8.66 -30.07
N ARG D 225 -24.20 -8.50 -30.15
CA ARG D 225 -24.86 -8.47 -31.43
CA ARG D 225 -24.86 -8.47 -31.43
C ARG D 225 -24.44 -7.27 -32.26
N LEU D 226 -24.55 -6.06 -31.69
CA LEU D 226 -24.16 -4.87 -32.43
C LEU D 226 -22.68 -4.87 -32.78
N ALA D 227 -21.87 -5.61 -32.03
CA ALA D 227 -20.45 -5.75 -32.35
C ALA D 227 -20.20 -6.70 -33.51
N GLY D 228 -21.21 -7.42 -33.98
CA GLY D 228 -21.06 -8.35 -35.08
C GLY D 228 -21.01 -9.82 -34.71
N THR D 229 -21.41 -10.18 -33.49
CA THR D 229 -21.40 -11.57 -33.08
C THR D 229 -22.60 -12.32 -33.65
N ASP D 230 -22.35 -13.54 -34.10
CA ASP D 230 -23.42 -14.47 -34.47
C ASP D 230 -23.64 -15.57 -33.45
N ALA D 231 -22.59 -15.99 -32.74
CA ALA D 231 -22.68 -16.98 -31.67
C ALA D 231 -21.60 -16.68 -30.65
N VAL D 232 -21.91 -16.98 -29.38
CA VAL D 232 -21.02 -16.65 -28.28
C VAL D 232 -20.71 -17.90 -27.46
N GLY D 233 -19.45 -18.05 -27.06
CA GLY D 233 -19.05 -19.19 -26.25
C GLY D 233 -17.90 -18.81 -25.34
N MET D 234 -17.47 -19.78 -24.53
CA MET D 234 -16.44 -19.56 -23.52
C MET D 234 -15.16 -20.33 -23.81
N SER D 235 -14.90 -20.68 -25.06
CA SER D 235 -13.69 -21.43 -25.42
C SER D 235 -13.34 -21.14 -26.87
N THR D 236 -12.43 -21.96 -27.42
CA THR D 236 -12.14 -22.08 -28.85
C THR D 236 -11.15 -21.04 -29.37
N VAL D 237 -11.50 -19.76 -29.32
CA VAL D 237 -10.69 -18.70 -29.92
C VAL D 237 -9.25 -18.71 -29.42
N PRO D 238 -8.97 -18.90 -28.12
CA PRO D 238 -7.56 -19.03 -27.72
C PRO D 238 -6.87 -20.22 -28.38
N GLU D 239 -7.56 -21.36 -28.49
CA GLU D 239 -6.98 -22.51 -29.17
C GLU D 239 -6.73 -22.21 -30.66
N VAL D 240 -7.63 -21.44 -31.28
CA VAL D 240 -7.49 -21.13 -32.70
C VAL D 240 -6.30 -20.21 -32.93
N VAL D 241 -6.14 -19.18 -32.10
CA VAL D 241 -5.05 -18.23 -32.27
C VAL D 241 -3.71 -18.94 -32.10
N THR D 242 -3.61 -19.83 -31.11
CA THR D 242 -2.36 -20.56 -30.90
C THR D 242 -2.10 -21.54 -32.04
N ALA D 243 -3.14 -22.18 -32.55
CA ALA D 243 -2.96 -23.09 -33.68
C ALA D 243 -2.49 -22.35 -34.92
N ARG D 244 -3.10 -21.18 -35.21
CA ARG D 244 -2.68 -20.39 -36.36
C ARG D 244 -1.25 -19.90 -36.20
N HIS D 245 -0.85 -19.56 -34.97
CA HIS D 245 0.53 -19.16 -34.73
C HIS D 245 1.49 -20.29 -35.08
N CYS D 246 1.10 -21.53 -34.84
CA CYS D 246 1.89 -22.68 -35.27
C CYS D 246 1.78 -22.94 -36.77
N GLY D 247 0.92 -22.22 -37.48
CA GLY D 247 0.77 -22.38 -38.91
C GLY D 247 -0.30 -23.35 -39.35
N TRP D 248 -1.11 -23.87 -38.43
CA TRP D 248 -2.11 -24.86 -38.78
C TRP D 248 -3.29 -24.21 -39.50
N ARG D 249 -3.97 -25.01 -40.32
CA ARG D 249 -5.29 -24.65 -40.81
C ARG D 249 -6.33 -25.02 -39.76
N VAL D 250 -7.41 -24.24 -39.70
CA VAL D 250 -8.40 -24.36 -38.65
C VAL D 250 -9.78 -24.56 -39.26
N LEU D 251 -10.52 -25.54 -38.72
CA LEU D 251 -11.94 -25.71 -38.98
C LEU D 251 -12.65 -25.70 -37.63
N ALA D 252 -13.61 -24.79 -37.46
CA ALA D 252 -14.33 -24.64 -36.20
C ALA D 252 -15.82 -24.71 -36.45
N LEU D 253 -16.53 -25.46 -35.60
CA LEU D 253 -17.96 -25.72 -35.76
C LEU D 253 -18.65 -25.53 -34.42
N SER D 254 -19.49 -24.50 -34.34
CA SER D 254 -20.26 -24.23 -33.13
C SER D 254 -21.63 -24.89 -33.21
N LEU D 255 -22.05 -25.47 -32.10
CA LEU D 255 -23.39 -26.04 -31.98
C LEU D 255 -24.25 -25.07 -31.17
N ILE D 256 -25.24 -24.47 -31.83
CA ILE D 256 -26.11 -23.49 -31.20
C ILE D 256 -27.04 -24.22 -30.25
N THR D 257 -26.72 -24.19 -28.95
CA THR D 257 -27.47 -24.92 -27.94
C THR D 257 -28.59 -24.11 -27.31
N ASN D 258 -28.62 -22.80 -27.56
CA ASN D 258 -29.66 -21.92 -27.01
C ASN D 258 -29.63 -20.63 -27.79
N GLU D 259 -30.73 -19.88 -27.73
CA GLU D 259 -30.81 -18.57 -28.34
C GLU D 259 -30.76 -17.53 -27.23
N CYS D 260 -29.70 -16.74 -27.21
CA CYS D 260 -29.49 -15.76 -26.15
C CYS D 260 -30.66 -14.80 -26.07
N VAL D 261 -31.08 -14.46 -24.86
CA VAL D 261 -32.18 -13.52 -24.68
C VAL D 261 -31.62 -12.11 -24.79
N VAL D 262 -32.25 -11.28 -25.64
CA VAL D 262 -31.70 -9.98 -25.98
C VAL D 262 -32.69 -8.84 -25.74
N ASP D 263 -33.98 -9.12 -25.66
CA ASP D 263 -34.97 -8.09 -25.40
C ASP D 263 -34.64 -7.40 -24.07
N PRO D 264 -34.94 -6.11 -23.95
CA PRO D 264 -34.85 -5.47 -22.64
C PRO D 264 -35.74 -6.20 -21.65
N PRO D 265 -35.34 -6.25 -20.39
CA PRO D 265 -36.19 -6.89 -19.38
C PRO D 265 -37.48 -6.13 -19.20
N ALA D 266 -38.45 -6.79 -18.58
CA ALA D 266 -39.73 -6.15 -18.30
C ALA D 266 -39.52 -4.86 -17.52
N SER D 267 -40.16 -3.80 -17.97
CA SER D 267 -40.11 -2.53 -17.25
C SER D 267 -41.05 -2.58 -16.06
N ALA D 268 -40.71 -1.80 -15.04
CA ALA D 268 -41.60 -1.69 -13.88
C ALA D 268 -42.91 -0.99 -14.20
N HIS D 269 -43.00 -0.34 -15.37
CA HIS D 269 -44.19 0.37 -15.78
C HIS D 269 -45.05 -0.44 -16.75
N ASP D 270 -44.67 -1.66 -17.06
CA ASP D 270 -45.45 -2.51 -17.96
C ASP D 270 -46.60 -3.16 -17.18
N GLU D 271 -47.76 -3.24 -17.83
CA GLU D 271 -48.95 -3.78 -17.17
C GLU D 271 -49.11 -5.27 -17.37
N ASN D 272 -48.58 -5.82 -18.48
CA ASN D 272 -48.58 -7.26 -18.73
C ASN D 272 -47.14 -7.71 -18.98
N PRO D 273 -46.32 -7.74 -17.92
CA PRO D 273 -44.89 -7.93 -18.12
C PRO D 273 -44.50 -9.37 -18.41
N VAL D 274 -43.48 -9.52 -19.23
CA VAL D 274 -42.88 -10.83 -19.49
C VAL D 274 -41.97 -11.18 -18.32
N PRO D 275 -42.07 -12.37 -17.74
CA PRO D 275 -41.18 -12.73 -16.63
C PRO D 275 -39.71 -12.70 -17.07
N ILE D 276 -38.87 -12.10 -16.23
CA ILE D 276 -37.47 -11.93 -16.58
C ILE D 276 -36.73 -13.27 -16.63
N GLN D 277 -37.27 -14.30 -15.98
CA GLN D 277 -36.66 -15.62 -16.01
C GLN D 277 -37.00 -16.41 -17.27
N GLU D 278 -37.98 -15.96 -18.04
CA GLU D 278 -38.44 -16.72 -19.21
C GLU D 278 -37.34 -16.81 -20.26
N GLY D 279 -37.05 -18.04 -20.69
CA GLY D 279 -36.04 -18.28 -21.71
C GLY D 279 -34.62 -18.26 -21.23
N LYS D 280 -34.39 -18.26 -19.92
CA LYS D 280 -33.03 -18.17 -19.38
C LYS D 280 -32.19 -19.36 -19.79
N ALA D 281 -30.92 -19.10 -20.07
CA ALA D 281 -29.99 -20.17 -20.40
C ALA D 281 -29.68 -20.99 -19.15
N THR D 282 -29.44 -22.28 -19.36
CA THR D 282 -29.05 -23.18 -18.29
C THR D 282 -28.00 -24.14 -18.82
N HIS D 283 -27.13 -24.62 -17.93
CA HIS D 283 -26.22 -25.69 -18.28
C HIS D 283 -26.97 -26.89 -18.85
N GLU D 284 -28.12 -27.21 -18.25
CA GLU D 284 -28.88 -28.38 -18.67
C GLU D 284 -29.33 -28.27 -20.13
N GLU D 285 -29.89 -27.13 -20.51
CA GLU D 285 -30.30 -26.93 -21.90
C GLU D 285 -29.09 -27.04 -22.83
N VAL D 286 -27.93 -26.55 -22.39
CA VAL D 286 -26.74 -26.66 -23.20
C VAL D 286 -26.32 -28.11 -23.36
N LEU D 287 -26.36 -28.88 -22.28
CA LEU D 287 -25.94 -30.28 -22.34
C LEU D 287 -26.87 -31.10 -23.23
N GLU D 288 -28.18 -30.92 -23.05
CA GLU D 288 -29.15 -31.71 -23.81
C GLU D 288 -29.04 -31.43 -25.31
N ASN D 289 -28.92 -30.16 -25.68
CA ASN D 289 -28.82 -29.82 -27.10
C ASN D 289 -27.49 -30.29 -27.68
N SER D 290 -26.43 -30.31 -26.88
CA SER D 290 -25.17 -30.86 -27.35
C SER D 290 -25.30 -32.34 -27.66
N ALA D 291 -26.07 -33.06 -26.85
CA ALA D 291 -26.25 -34.49 -27.08
C ALA D 291 -27.11 -34.76 -28.31
N LYS D 292 -28.09 -33.89 -28.57
CA LYS D 292 -29.00 -34.13 -29.68
C LYS D 292 -28.29 -34.03 -31.02
N ALA D 293 -27.42 -33.03 -31.19
CA ALA D 293 -26.69 -32.84 -32.43
C ALA D 293 -25.36 -33.58 -32.48
N SER D 294 -25.04 -34.36 -31.43
CA SER D 294 -23.74 -35.03 -31.38
C SER D 294 -23.57 -36.00 -32.54
N LYS D 295 -24.64 -36.67 -32.96
CA LYS D 295 -24.54 -37.65 -34.03
C LYS D 295 -24.19 -36.98 -35.36
N ASP D 296 -24.91 -35.91 -35.69
CA ASP D 296 -24.63 -35.18 -36.93
C ASP D 296 -23.22 -34.61 -36.92
N VAL D 297 -22.82 -33.99 -35.81
CA VAL D 297 -21.46 -33.47 -35.67
C VAL D 297 -20.45 -34.59 -35.86
N GLN D 298 -20.63 -35.70 -35.14
CA GLN D 298 -19.69 -36.81 -35.19
C GLN D 298 -19.45 -37.27 -36.62
N GLU D 299 -20.54 -37.50 -37.36
CA GLU D 299 -20.41 -38.03 -38.71
C GLU D 299 -19.79 -37.02 -39.66
N LEU D 300 -20.03 -35.73 -39.43
CA LEU D 300 -19.37 -34.71 -40.24
C LEU D 300 -17.86 -34.75 -40.05
N ILE D 301 -17.41 -34.75 -38.79
CA ILE D 301 -15.97 -34.82 -38.53
C ILE D 301 -15.41 -36.15 -39.00
N PHE D 302 -16.19 -37.23 -38.87
CA PHE D 302 -15.72 -38.54 -39.32
C PHE D 302 -15.42 -38.55 -40.80
N SER D 303 -16.21 -37.82 -41.58
CA SER D 303 -16.01 -37.85 -43.02
C SER D 303 -14.97 -36.82 -43.46
N VAL D 304 -14.72 -35.79 -42.65
CA VAL D 304 -13.80 -34.73 -43.04
C VAL D 304 -12.35 -35.15 -42.82
N VAL D 305 -12.06 -35.83 -41.71
CA VAL D 305 -10.68 -36.21 -41.39
C VAL D 305 -10.07 -37.07 -42.49
N ALA D 306 -10.89 -37.69 -43.33
CA ALA D 306 -10.40 -38.59 -44.36
C ALA D 306 -9.91 -37.86 -45.60
N GLU D 307 -10.14 -36.55 -45.72
CA GLU D 307 -9.77 -35.79 -46.91
C GLU D 307 -9.06 -34.50 -46.52
N ILE D 308 -8.03 -34.61 -45.71
CA ILE D 308 -7.26 -33.44 -45.27
C ILE D 308 -5.77 -33.68 -45.41
N ASP E 7 3.61 -3.05 -2.73
CA ASP E 7 4.27 -3.13 -4.04
C ASP E 7 4.43 -1.75 -4.66
N ILE E 8 4.23 -0.72 -3.84
CA ILE E 8 4.45 0.66 -4.29
C ILE E 8 5.70 1.28 -3.68
N ASN E 9 6.29 0.67 -2.65
CA ASN E 9 7.50 1.22 -2.07
C ASN E 9 8.71 1.01 -2.96
N GLU E 10 9.00 -0.23 -3.37
CA GLU E 10 10.19 -0.43 -4.21
C GLU E 10 10.00 0.19 -5.60
N GLN E 11 8.76 0.28 -6.07
CA GLN E 11 8.51 0.96 -7.34
C GLN E 11 8.92 2.42 -7.27
N ARG E 12 8.57 3.10 -6.16
CA ARG E 12 8.99 4.49 -5.99
C ARG E 12 10.50 4.57 -5.83
N ALA E 13 11.10 3.66 -5.05
CA ALA E 13 12.55 3.64 -4.89
C ALA E 13 13.24 3.36 -6.21
N LEU E 14 12.66 2.48 -7.03
CA LEU E 14 13.24 2.18 -8.34
C LEU E 14 13.20 3.39 -9.26
N ILE E 15 12.16 4.21 -9.14
CA ILE E 15 12.04 5.40 -9.99
C ILE E 15 13.06 6.45 -9.57
N LYS E 16 13.18 6.70 -8.26
CA LYS E 16 14.21 7.62 -7.77
C LYS E 16 15.60 7.12 -8.13
N SER E 17 15.84 5.82 -8.02
CA SER E 17 17.14 5.27 -8.38
C SER E 17 17.47 5.51 -9.84
N ALA E 18 16.48 5.31 -10.73
CA ALA E 18 16.67 5.62 -12.14
C ALA E 18 16.96 7.09 -12.34
N HIS E 19 16.29 7.96 -11.59
CA HIS E 19 16.54 9.40 -11.69
C HIS E 19 17.93 9.75 -11.20
N ARG E 20 18.33 9.19 -10.06
CA ARG E 20 19.67 9.44 -9.52
C ARG E 20 20.74 9.08 -10.54
N TYR E 21 20.61 7.91 -11.17
CA TYR E 21 21.55 7.51 -12.20
C TYR E 21 21.55 8.51 -13.35
N ILE E 22 20.38 8.80 -13.90
CA ILE E 22 20.31 9.67 -15.07
C ILE E 22 20.78 11.08 -14.73
N SER E 23 20.36 11.59 -13.57
CA SER E 23 20.80 12.92 -13.16
C SER E 23 22.32 13.00 -13.03
N GLU E 24 22.95 11.96 -12.48
CA GLU E 24 24.39 11.98 -12.30
C GLU E 24 25.12 11.95 -13.63
N LYS E 25 24.66 11.14 -14.58
CA LYS E 25 25.32 11.06 -15.88
C LYS E 25 25.19 12.37 -16.65
N LEU E 26 24.05 13.05 -16.51
CA LEU E 26 23.87 14.33 -17.18
C LEU E 26 24.90 15.35 -16.70
N GLU E 27 25.13 15.41 -15.38
CA GLU E 27 26.11 16.34 -14.83
C GLU E 27 27.51 16.00 -15.35
N ASP E 28 27.88 14.72 -15.33
CA ASP E 28 29.20 14.30 -15.79
C ASP E 28 29.42 14.67 -17.25
N HIS E 29 28.38 14.51 -18.08
CA HIS E 29 28.53 14.60 -19.52
C HIS E 29 28.46 16.03 -20.05
N PHE E 30 27.55 16.85 -19.53
CA PHE E 30 27.30 18.18 -20.05
C PHE E 30 27.97 19.22 -19.16
N SER E 31 28.69 20.16 -19.79
CA SER E 31 29.30 21.25 -19.03
C SER E 31 28.25 22.23 -18.52
N SER E 32 27.18 22.43 -19.30
CA SER E 32 26.05 23.23 -18.88
C SER E 32 24.92 22.33 -18.40
N GLU E 33 24.06 22.87 -17.55
CA GLU E 33 22.93 22.10 -17.04
C GLU E 33 22.03 21.66 -18.19
N PHE E 34 21.79 20.36 -18.30
CA PHE E 34 20.90 19.81 -19.31
C PHE E 34 19.54 19.56 -18.69
N LEU E 35 18.55 20.33 -19.14
CA LEU E 35 17.19 20.27 -18.60
C LEU E 35 16.24 20.09 -19.78
N PRO E 36 16.02 18.84 -20.20
CA PRO E 36 15.21 18.61 -21.41
C PRO E 36 13.77 19.08 -21.24
N LYS E 37 13.24 19.66 -22.31
CA LYS E 37 11.89 20.20 -22.28
C LYS E 37 10.85 19.24 -22.82
N ALA E 38 11.24 18.26 -23.64
CA ALA E 38 10.30 17.33 -24.24
C ALA E 38 10.91 15.95 -24.30
N LEU E 39 10.06 14.94 -24.13
CA LEU E 39 10.44 13.55 -24.37
C LEU E 39 9.84 13.11 -25.70
N VAL E 40 10.68 12.55 -26.56
CA VAL E 40 10.26 12.01 -27.85
C VAL E 40 10.41 10.49 -27.80
N ILE E 41 9.29 9.79 -27.93
CA ILE E 41 9.27 8.33 -27.98
C ILE E 41 9.18 7.91 -29.43
N CYS E 42 10.28 7.41 -29.98
CA CYS E 42 10.34 7.07 -31.39
C CYS E 42 9.67 5.73 -31.65
N GLY E 43 8.74 5.70 -32.58
CA GLY E 43 7.96 4.51 -32.85
C GLY E 43 8.58 3.54 -33.84
N GLU E 44 7.78 3.10 -34.80
CA GLU E 44 8.26 2.06 -35.76
C GLU E 44 9.17 2.69 -36.82
N GLY E 45 10.45 2.33 -36.82
CA GLY E 45 11.39 2.84 -37.85
C GLY E 45 11.55 4.36 -37.83
N LEU E 46 10.98 5.02 -36.82
CA LEU E 46 11.13 6.49 -36.69
C LEU E 46 12.39 6.75 -35.85
N SER E 47 13.22 5.72 -35.69
CA SER E 47 14.46 5.85 -34.89
C SER E 47 15.42 6.85 -35.55
N GLY E 48 15.28 7.08 -36.85
CA GLY E 48 16.17 7.98 -37.59
C GLY E 48 16.21 9.39 -37.02
N ILE E 49 15.23 9.78 -36.22
CA ILE E 49 15.17 11.16 -35.68
C ILE E 49 16.44 11.40 -34.84
N SER E 50 17.11 10.33 -34.43
CA SER E 50 18.38 10.46 -33.69
C SER E 50 19.33 11.37 -34.47
N THR E 51 19.36 11.20 -35.79
CA THR E 51 20.29 12.01 -36.64
C THR E 51 20.06 13.49 -36.38
N LYS E 52 18.79 13.90 -36.27
CA LYS E 52 18.49 15.35 -36.11
C LYS E 52 19.10 15.87 -34.82
N ILE E 53 19.64 14.99 -33.98
CA ILE E 53 20.30 15.51 -32.78
C ILE E 53 21.60 16.17 -33.19
N ALA E 54 21.77 17.44 -32.81
CA ALA E 54 22.97 18.19 -33.19
C ALA E 54 24.23 17.49 -32.67
N ASP E 55 25.31 17.62 -33.44
CA ASP E 55 26.58 17.01 -33.07
C ASP E 55 27.30 17.76 -31.96
N GLU E 56 26.84 18.95 -31.61
CA GLU E 56 27.51 19.78 -30.60
C GLU E 56 26.48 20.61 -29.84
N PRO E 57 26.37 20.46 -28.51
CA PRO E 57 27.12 19.58 -27.60
C PRO E 57 26.93 18.09 -27.91
N LYS E 58 27.94 17.28 -27.63
CA LYS E 58 27.86 15.87 -27.95
C LYS E 58 26.74 15.22 -27.14
N PRO E 59 25.84 14.47 -27.78
CA PRO E 59 24.72 13.88 -27.03
C PRO E 59 25.17 12.75 -26.11
N LEU E 60 24.45 12.59 -25.01
CA LEU E 60 24.70 11.53 -24.06
C LEU E 60 23.76 10.37 -24.33
N ILE E 61 24.29 9.16 -24.41
CA ILE E 61 23.54 7.96 -24.75
C ILE E 61 23.61 6.99 -23.59
N LEU E 62 22.45 6.47 -23.17
CA LEU E 62 22.37 5.53 -22.06
C LEU E 62 21.64 4.28 -22.55
N SER E 63 22.28 3.13 -22.41
CA SER E 63 21.61 1.88 -22.71
C SER E 63 20.52 1.63 -21.66
N TYR E 64 19.41 1.01 -22.08
CA TYR E 64 18.39 0.62 -21.12
C TYR E 64 18.95 -0.36 -20.11
N SER E 65 19.87 -1.23 -20.56
CA SER E 65 20.44 -2.24 -19.68
C SER E 65 21.26 -1.65 -18.55
N THR E 66 21.72 -0.41 -18.65
CA THR E 66 22.51 0.17 -17.57
C THR E 66 21.71 1.07 -16.64
N ILE E 67 20.46 1.39 -16.95
CA ILE E 67 19.65 2.28 -16.13
C ILE E 67 18.79 1.44 -15.19
N PRO E 68 18.77 1.74 -13.90
CA PRO E 68 18.00 0.94 -12.95
C PRO E 68 16.52 0.91 -13.30
N GLY E 69 15.94 -0.29 -13.22
CA GLY E 69 14.52 -0.48 -13.50
C GLY E 69 14.17 -0.61 -14.95
N PHE E 70 15.02 -0.15 -15.86
CA PHE E 70 14.74 -0.31 -17.28
C PHE E 70 14.89 -1.76 -17.68
N LYS E 71 13.98 -2.22 -18.53
CA LYS E 71 14.02 -3.57 -19.07
C LYS E 71 14.50 -3.50 -20.52
N VAL E 72 15.33 -4.46 -20.90
CA VAL E 72 15.84 -4.47 -22.30
C VAL E 72 15.22 -5.66 -23.03
N SER E 73 14.42 -5.40 -24.07
CA SER E 73 13.75 -6.48 -24.84
C SER E 73 14.77 -7.52 -25.26
N THR E 74 15.12 -8.44 -24.37
CA THR E 74 16.15 -9.46 -24.68
C THR E 74 15.57 -10.48 -25.64
N VAL E 75 14.24 -10.67 -25.60
CA VAL E 75 13.60 -11.60 -26.56
C VAL E 75 14.03 -11.17 -27.97
N PRO E 76 13.75 -9.94 -28.44
CA PRO E 76 14.23 -9.48 -29.73
C PRO E 76 15.72 -9.09 -29.66
N GLY E 77 16.44 -9.19 -30.78
CA GLY E 77 17.83 -8.73 -30.82
C GLY E 77 17.88 -7.24 -31.02
N HIS E 78 16.84 -6.52 -30.59
CA HIS E 78 16.80 -5.05 -30.71
C HIS E 78 16.84 -4.42 -29.31
N SER E 79 17.96 -3.79 -28.95
CA SER E 79 18.11 -3.22 -27.59
C SER E 79 17.56 -1.79 -27.55
N GLY E 80 17.36 -1.25 -26.34
CA GLY E 80 16.83 0.11 -26.19
C GLY E 80 17.84 1.05 -25.57
N GLU E 81 17.60 2.34 -25.70
CA GLU E 81 18.54 3.32 -25.20
C GLU E 81 17.86 4.68 -25.08
N LEU E 82 18.42 5.51 -24.20
CA LEU E 82 18.02 6.91 -24.08
C LEU E 82 19.04 7.79 -24.77
N ILE E 83 18.56 8.87 -25.37
CA ILE E 83 19.43 9.84 -26.05
C ILE E 83 19.11 11.22 -25.50
N PHE E 84 20.11 11.87 -24.91
CA PHE E 84 19.98 13.22 -24.38
C PHE E 84 20.82 14.16 -25.22
N GLY E 85 20.21 15.22 -25.72
CA GLY E 85 20.94 16.17 -26.54
C GLY E 85 20.04 17.31 -26.99
N TYR E 86 20.52 18.03 -28.00
CA TYR E 86 19.84 19.19 -28.53
C TYR E 86 19.33 18.90 -29.93
N MET E 87 18.08 19.28 -30.20
CA MET E 87 17.46 19.13 -31.51
C MET E 87 16.78 20.44 -31.87
N ASN E 88 17.16 21.00 -33.02
CA ASN E 88 16.67 22.30 -33.46
C ASN E 88 16.86 23.37 -32.39
N GLY E 89 17.93 23.23 -31.60
CA GLY E 89 18.19 24.13 -30.50
C GLY E 89 17.48 23.80 -29.22
N ALA E 90 16.64 22.77 -29.20
CA ALA E 90 15.89 22.45 -27.99
C ALA E 90 16.49 21.22 -27.31
N PRO E 91 16.71 21.26 -26.00
CA PRO E 91 17.13 20.05 -25.28
C PRO E 91 15.96 19.09 -25.13
N VAL E 92 16.17 17.84 -25.51
CA VAL E 92 15.13 16.81 -25.50
C VAL E 92 15.73 15.51 -24.97
N VAL E 93 14.86 14.52 -24.80
CA VAL E 93 15.25 13.14 -24.52
C VAL E 93 14.58 12.25 -25.56
N LEU E 94 15.36 11.35 -26.15
CA LEU E 94 14.84 10.42 -27.14
C LEU E 94 14.78 9.02 -26.56
N MET E 95 13.58 8.47 -26.47
CA MET E 95 13.38 7.06 -26.13
C MET E 95 13.50 6.25 -27.41
N ASN E 96 14.60 5.53 -27.55
CA ASN E 96 14.84 4.68 -28.72
C ASN E 96 14.39 3.27 -28.37
N GLY E 97 13.20 2.90 -28.83
CA GLY E 97 12.62 1.62 -28.48
C GLY E 97 11.78 1.69 -27.24
N ARG E 98 10.52 1.26 -27.33
CA ARG E 98 9.58 1.33 -26.24
C ARG E 98 9.23 -0.07 -25.75
N LEU E 99 8.45 -0.11 -24.67
CA LEU E 99 7.96 -1.36 -24.11
C LEU E 99 6.50 -1.54 -24.46
N HIS E 100 6.10 -2.79 -24.67
CA HIS E 100 4.74 -3.13 -25.04
C HIS E 100 4.16 -4.12 -24.03
N SER E 101 2.86 -4.00 -23.75
CA SER E 101 2.21 -4.92 -22.83
C SER E 101 2.20 -6.34 -23.39
N TYR E 102 2.07 -6.49 -24.71
CA TYR E 102 2.02 -7.84 -25.29
C TYR E 102 3.32 -8.60 -25.10
N GLU E 103 4.42 -7.92 -24.80
CA GLU E 103 5.67 -8.59 -24.45
C GLU E 103 5.63 -9.25 -23.09
N GLY E 104 4.55 -9.06 -22.32
CA GLY E 104 4.46 -9.58 -20.98
C GLY E 104 4.85 -8.61 -19.89
N HIS E 105 5.35 -7.44 -20.26
CA HIS E 105 5.70 -6.44 -19.25
C HIS E 105 4.44 -5.83 -18.64
N SER E 106 4.51 -5.56 -17.35
CA SER E 106 3.41 -4.86 -16.69
C SER E 106 3.37 -3.41 -17.15
N LEU E 107 2.19 -2.79 -17.03
CA LEU E 107 2.01 -1.42 -17.47
C LEU E 107 2.93 -0.46 -16.72
N ALA E 108 3.29 -0.80 -15.48
CA ALA E 108 4.19 0.06 -14.71
C ALA E 108 5.61 0.02 -15.27
N GLU E 109 6.05 -1.14 -15.76
CA GLU E 109 7.40 -1.25 -16.30
C GLU E 109 7.54 -0.50 -17.63
N THR E 110 6.44 -0.41 -18.39
CA THR E 110 6.50 0.27 -19.68
C THR E 110 6.50 1.79 -19.53
N VAL E 111 5.88 2.31 -18.46
CA VAL E 111 5.82 3.74 -18.23
C VAL E 111 6.79 4.20 -17.15
N HIS E 112 7.47 3.28 -16.48
CA HIS E 112 8.56 3.63 -15.58
C HIS E 112 9.54 4.64 -16.15
N PRO E 113 9.97 4.58 -17.42
CA PRO E 113 10.86 5.63 -17.93
C PRO E 113 10.25 7.02 -17.89
N ILE E 114 8.94 7.14 -18.11
CA ILE E 114 8.31 8.46 -18.04
C ILE E 114 8.34 8.98 -16.62
N ARG E 115 8.05 8.12 -15.63
CA ARG E 115 8.09 8.56 -14.24
C ARG E 115 9.51 8.89 -13.79
N ALA E 116 10.51 8.19 -14.34
CA ALA E 116 11.89 8.50 -14.00
C ALA E 116 12.30 9.85 -14.57
N LEU E 117 12.01 10.07 -15.86
CA LEU E 117 12.37 11.35 -16.49
C LEU E 117 11.58 12.51 -15.90
N HIS E 118 10.38 12.23 -15.37
CA HIS E 118 9.57 13.29 -14.78
C HIS E 118 10.24 13.90 -13.55
N LEU E 119 11.09 13.12 -12.86
CA LEU E 119 11.75 13.64 -11.67
C LEU E 119 12.83 14.67 -11.98
N LEU E 120 13.19 14.84 -13.26
CA LEU E 120 14.10 15.93 -13.61
C LEU E 120 13.44 17.28 -13.46
N GLY E 121 12.11 17.33 -13.57
CA GLY E 121 11.36 18.55 -13.35
C GLY E 121 11.34 19.53 -14.50
N SER E 122 11.87 19.17 -15.67
CA SER E 122 11.93 20.09 -16.80
C SER E 122 11.09 19.66 -18.00
N ILE E 123 10.88 18.36 -18.19
CA ILE E 123 10.07 17.89 -19.31
C ILE E 123 8.62 18.31 -19.09
N ASN E 124 8.06 19.03 -20.06
CA ASN E 124 6.67 19.44 -20.00
C ASN E 124 5.86 19.03 -21.22
N VAL E 125 6.46 18.29 -22.15
CA VAL E 125 5.78 17.84 -23.35
C VAL E 125 6.24 16.43 -23.70
N LEU E 126 5.30 15.59 -24.10
CA LEU E 126 5.59 14.28 -24.66
C LEU E 126 5.17 14.26 -26.13
N ILE E 127 6.13 14.00 -27.01
CA ILE E 127 5.86 13.75 -28.43
C ILE E 127 6.07 12.26 -28.68
N VAL E 128 5.02 11.58 -29.12
CA VAL E 128 5.06 10.13 -29.30
C VAL E 128 4.49 9.80 -30.68
N THR E 129 5.16 8.88 -31.38
CA THR E 129 4.69 8.37 -32.65
C THR E 129 4.49 6.87 -32.55
N ASN E 130 3.73 6.32 -33.50
CA ASN E 130 3.52 4.88 -33.56
C ASN E 130 2.93 4.52 -34.92
N ALA E 131 3.05 3.24 -35.26
CA ALA E 131 2.36 2.69 -36.42
C ALA E 131 0.98 2.23 -35.99
N ALA E 132 -0.01 2.45 -36.86
CA ALA E 132 -1.38 2.08 -36.56
C ALA E 132 -2.07 1.59 -37.82
N GLY E 133 -3.01 0.66 -37.63
CA GLY E 133 -3.84 0.24 -38.73
C GLY E 133 -5.00 1.20 -38.94
N GLY E 134 -5.31 1.47 -40.20
CA GLY E 134 -6.38 2.39 -40.54
C GLY E 134 -7.75 1.75 -40.50
N ILE E 135 -8.60 2.22 -39.60
CA ILE E 135 -9.96 1.70 -39.48
C ILE E 135 -10.97 2.59 -40.19
N ASN E 136 -10.80 3.91 -40.08
CA ASN E 136 -11.59 4.85 -40.88
C ASN E 136 -11.47 4.48 -42.36
N ALA E 137 -12.61 4.31 -43.01
CA ALA E 137 -12.64 3.81 -44.38
C ALA E 137 -11.90 4.74 -45.34
N SER E 138 -11.84 6.03 -45.03
CA SER E 138 -11.21 6.99 -45.93
C SER E 138 -9.69 7.05 -45.78
N PHE E 139 -9.15 6.52 -44.68
CA PHE E 139 -7.70 6.52 -44.50
C PHE E 139 -7.04 5.62 -45.52
N LYS E 140 -5.83 6.01 -45.93
CA LYS E 140 -5.02 5.23 -46.85
C LYS E 140 -3.66 4.95 -46.22
N ALA E 141 -3.08 3.81 -46.58
CA ALA E 141 -1.74 3.47 -46.11
C ALA E 141 -0.76 4.56 -46.54
N GLY E 142 -0.07 5.16 -45.58
CA GLY E 142 0.83 6.25 -45.84
C GLY E 142 0.36 7.58 -45.28
N ASP E 143 -0.92 7.69 -44.89
CA ASP E 143 -1.40 8.89 -44.23
C ASP E 143 -0.87 8.94 -42.79
N LEU E 144 -0.89 10.14 -42.23
CA LEU E 144 -0.67 10.34 -40.80
C LEU E 144 -2.00 10.63 -40.13
N MET E 145 -2.05 10.41 -38.83
CA MET E 145 -3.20 10.80 -38.03
C MET E 145 -2.72 11.46 -36.75
N CYS E 146 -2.96 12.76 -36.64
CA CYS E 146 -2.88 13.43 -35.35
C CYS E 146 -3.96 12.89 -34.43
N VAL E 147 -3.56 12.37 -33.28
CA VAL E 147 -4.51 11.79 -32.34
C VAL E 147 -5.08 12.91 -31.48
N TYR E 148 -6.42 13.01 -31.43
CA TYR E 148 -7.08 13.94 -30.52
C TYR E 148 -7.94 13.26 -29.47
N ASP E 149 -8.14 11.94 -29.55
CA ASP E 149 -8.87 11.19 -28.55
C ASP E 149 -8.40 9.75 -28.61
N HIS E 150 -8.71 8.98 -27.57
CA HIS E 150 -8.36 7.57 -27.58
C HIS E 150 -9.43 6.75 -26.87
N ILE E 151 -9.43 5.45 -27.18
CA ILE E 151 -10.19 4.45 -26.45
C ILE E 151 -9.19 3.44 -25.90
N ASN E 152 -9.15 3.29 -24.58
CA ASN E 152 -8.19 2.42 -23.91
C ASN E 152 -8.92 1.12 -23.55
N PHE E 153 -8.96 0.20 -24.51
CA PHE E 153 -9.69 -1.05 -24.30
C PHE E 153 -9.09 -1.91 -23.19
N PRO E 154 -7.77 -2.12 -23.09
CA PRO E 154 -7.25 -2.85 -21.92
C PRO E 154 -7.53 -2.13 -20.61
N GLY E 155 -7.54 -0.80 -20.61
CA GLY E 155 -7.90 -0.07 -19.40
C GLY E 155 -9.36 -0.24 -19.02
N LEU E 156 -10.22 -0.55 -19.99
CA LEU E 156 -11.61 -0.86 -19.72
C LEU E 156 -11.75 -2.05 -18.77
N CYS E 157 -10.72 -2.87 -18.63
CA CYS E 157 -10.75 -4.04 -17.77
CA CYS E 157 -10.74 -4.05 -17.78
C CYS E 157 -9.88 -3.91 -16.54
N GLY E 158 -9.03 -2.89 -16.46
CA GLY E 158 -8.16 -2.71 -15.31
C GLY E 158 -6.74 -3.17 -15.57
N ASP E 179 -9.41 16.11 -23.82
CA ASP E 179 -8.53 17.04 -23.12
C ASP E 179 -7.10 16.53 -23.05
N ALA E 180 -6.91 15.26 -23.40
CA ALA E 180 -5.61 14.62 -23.22
C ALA E 180 -4.59 15.05 -24.28
N TYR E 181 -5.05 15.44 -25.46
CA TYR E 181 -4.16 15.72 -26.58
C TYR E 181 -4.21 17.22 -26.85
N ASP E 182 -3.17 17.92 -26.39
CA ASP E 182 -3.09 19.38 -26.41
C ASP E 182 -3.52 19.95 -27.75
N LEU E 183 -4.54 20.81 -27.70
CA LEU E 183 -5.05 21.43 -28.93
C LEU E 183 -3.99 22.29 -29.60
N GLU E 184 -3.24 23.06 -28.81
CA GLU E 184 -2.25 23.97 -29.38
C GLU E 184 -1.11 23.21 -30.05
N LEU E 185 -0.70 22.08 -29.49
CA LEU E 185 0.32 21.27 -30.13
C LEU E 185 -0.18 20.68 -31.44
N ARG E 186 -1.48 20.36 -31.52
CA ARG E 186 -2.05 19.87 -32.76
C ARG E 186 -2.10 20.97 -33.82
N LYS E 187 -2.52 22.17 -33.42
CA LYS E 187 -2.47 23.30 -34.34
C LYS E 187 -1.04 23.59 -34.77
N LEU E 188 -0.08 23.50 -33.84
CA LEU E 188 1.31 23.73 -34.19
C LEU E 188 1.82 22.69 -35.17
N LEU E 189 1.38 21.43 -35.02
CA LEU E 189 1.79 20.40 -35.96
C LEU E 189 1.31 20.71 -37.37
N PHE E 190 0.07 21.18 -37.51
CA PHE E 190 -0.49 21.43 -38.84
C PHE E 190 0.15 22.65 -39.48
N SER E 191 0.46 23.67 -38.69
CA SER E 191 1.16 24.83 -39.23
C SER E 191 2.54 24.46 -39.76
N LYS E 192 3.20 23.49 -39.11
CA LYS E 192 4.51 23.04 -39.60
C LYS E 192 4.38 22.28 -40.91
N LYS E 193 3.39 21.40 -41.01
CA LYS E 193 3.13 20.69 -42.27
C LYS E 193 2.98 21.66 -43.44
N LYS E 194 2.22 22.73 -43.23
CA LYS E 194 2.06 23.74 -44.28
C LYS E 194 3.37 24.48 -44.53
N GLU E 195 4.11 24.81 -43.46
CA GLU E 195 5.34 25.56 -43.62
C GLU E 195 6.41 24.75 -44.32
N LEU E 196 6.54 23.46 -43.96
CA LEU E 196 7.47 22.58 -44.65
C LEU E 196 6.95 22.09 -45.99
N ASN E 197 5.73 22.48 -46.37
CA ASN E 197 5.10 22.07 -47.62
C ASN E 197 5.02 20.55 -47.74
N ILE E 198 4.79 19.88 -46.62
CA ILE E 198 4.59 18.44 -46.62
C ILE E 198 3.23 18.13 -47.20
N GLU E 199 3.19 17.24 -48.18
CA GLU E 199 1.95 16.91 -48.89
C GLU E 199 1.18 15.77 -48.24
N ARG E 200 1.87 14.91 -47.50
CA ARG E 200 1.25 13.75 -46.88
C ARG E 200 0.03 14.14 -46.06
N LYS E 201 -1.04 13.36 -46.20
CA LYS E 201 -2.26 13.63 -45.45
C LYS E 201 -2.02 13.45 -43.96
N ILE E 202 -2.54 14.38 -43.16
CA ILE E 202 -2.51 14.28 -41.71
C ILE E 202 -3.95 14.36 -41.25
N HIS E 203 -4.55 13.22 -40.92
CA HIS E 203 -5.90 13.22 -40.40
C HIS E 203 -5.91 13.60 -38.92
N GLU E 204 -7.11 13.85 -38.41
CA GLU E 204 -7.35 14.11 -37.00
C GLU E 204 -8.43 13.15 -36.54
N GLY E 205 -8.11 12.29 -35.58
CA GLY E 205 -9.08 11.26 -35.24
C GLY E 205 -8.77 10.57 -33.94
N THR E 206 -9.54 9.51 -33.69
CA THR E 206 -9.48 8.75 -32.45
C THR E 206 -8.60 7.52 -32.65
N TYR E 207 -7.70 7.28 -31.71
CA TYR E 207 -6.79 6.13 -31.75
C TYR E 207 -7.24 5.13 -30.69
N SER E 208 -7.59 3.92 -31.13
CA SER E 208 -7.95 2.87 -30.20
C SER E 208 -6.72 2.04 -29.85
N TYR E 209 -6.49 1.87 -28.55
CA TYR E 209 -5.40 1.03 -28.06
C TYR E 209 -5.94 -0.37 -27.79
N VAL E 210 -5.35 -1.36 -28.45
CA VAL E 210 -5.66 -2.76 -28.18
C VAL E 210 -4.36 -3.47 -27.82
N HIS E 211 -4.50 -4.60 -27.12
CA HIS E 211 -3.34 -5.23 -26.49
C HIS E 211 -2.40 -5.85 -27.53
N GLY E 212 -2.94 -6.48 -28.56
CA GLY E 212 -2.14 -7.23 -29.50
C GLY E 212 -1.82 -8.60 -28.95
N PRO E 213 -0.85 -9.31 -29.56
CA PRO E 213 -0.04 -8.89 -30.71
C PRO E 213 -0.60 -9.36 -32.06
N THR E 214 -1.85 -9.79 -32.08
CA THR E 214 -2.49 -10.17 -33.33
C THR E 214 -3.05 -8.94 -34.02
N PHE E 215 -2.90 -8.90 -35.34
CA PHE E 215 -3.68 -7.96 -36.13
C PHE E 215 -5.16 -8.37 -36.06
N GLU E 216 -6.03 -7.39 -36.27
CA GLU E 216 -7.44 -7.60 -36.02
C GLU E 216 -8.07 -8.54 -37.05
N SER E 217 -9.02 -9.35 -36.59
CA SER E 217 -9.86 -10.08 -37.50
C SER E 217 -10.79 -9.10 -38.23
N ARG E 218 -11.51 -9.62 -39.22
CA ARG E 218 -12.44 -8.77 -39.97
C ARG E 218 -13.52 -8.20 -39.06
N ALA E 219 -14.20 -9.08 -38.32
CA ALA E 219 -15.28 -8.64 -37.44
C ALA E 219 -14.75 -7.76 -36.32
N GLU E 220 -13.52 -8.00 -35.85
CA GLU E 220 -12.91 -7.10 -34.87
C GLU E 220 -12.73 -5.71 -35.45
N SER E 221 -12.30 -5.62 -36.71
CA SER E 221 -12.11 -4.32 -37.35
C SER E 221 -13.44 -3.62 -37.59
N ARG E 222 -14.46 -4.37 -38.02
CA ARG E 222 -15.78 -3.77 -38.17
C ARG E 222 -16.32 -3.28 -36.83
N PHE E 223 -16.09 -4.05 -35.77
CA PHE E 223 -16.47 -3.60 -34.43
C PHE E 223 -15.78 -2.31 -34.05
N LEU E 224 -14.45 -2.26 -34.22
CA LEU E 224 -13.70 -1.06 -33.88
C LEU E 224 -14.23 0.15 -34.64
N ARG E 225 -14.64 -0.04 -35.89
CA ARG E 225 -15.16 1.06 -36.69
C ARG E 225 -16.44 1.64 -36.08
N LEU E 226 -17.41 0.77 -35.79
CA LEU E 226 -18.67 1.26 -35.22
C LEU E 226 -18.49 1.79 -33.80
N ALA E 227 -17.43 1.40 -33.11
CA ALA E 227 -17.11 1.96 -31.81
C ALA E 227 -16.48 3.34 -31.89
N GLY E 228 -16.24 3.85 -33.10
CA GLY E 228 -15.67 5.18 -33.25
C GLY E 228 -14.17 5.21 -33.45
N THR E 229 -13.55 4.08 -33.76
CA THR E 229 -12.11 4.03 -33.99
C THR E 229 -11.79 4.59 -35.38
N ASP E 230 -10.78 5.45 -35.43
CA ASP E 230 -10.19 5.88 -36.70
C ASP E 230 -8.91 5.13 -37.01
N ALA E 231 -8.11 4.80 -36.00
CA ALA E 231 -6.91 4.01 -36.18
C ALA E 231 -6.67 3.18 -34.92
N VAL E 232 -6.09 2.00 -35.10
CA VAL E 232 -5.88 1.06 -34.00
C VAL E 232 -4.41 0.66 -33.97
N GLY E 233 -3.86 0.57 -32.76
CA GLY E 233 -2.49 0.15 -32.56
C GLY E 233 -2.36 -0.55 -31.23
N MET E 234 -1.14 -0.96 -30.90
CA MET E 234 -0.87 -1.70 -29.68
C MET E 234 0.08 -0.98 -28.73
N SER E 235 0.20 0.34 -28.84
CA SER E 235 1.11 1.11 -27.99
C SER E 235 0.49 2.46 -27.70
N THR E 236 1.31 3.33 -27.08
CA THR E 236 1.11 4.78 -26.98
C THR E 236 0.17 5.20 -25.85
N VAL E 237 -1.05 4.64 -25.81
CA VAL E 237 -2.03 5.08 -24.81
C VAL E 237 -1.53 4.91 -23.38
N PRO E 238 -0.85 3.82 -23.00
CA PRO E 238 -0.26 3.81 -21.65
C PRO E 238 0.71 4.96 -21.40
N GLU E 239 1.60 5.23 -22.36
CA GLU E 239 2.54 6.34 -22.20
C GLU E 239 1.80 7.67 -22.09
N VAL E 240 0.78 7.87 -22.92
CA VAL E 240 0.05 9.13 -22.93
C VAL E 240 -0.58 9.39 -21.57
N VAL E 241 -1.30 8.41 -21.03
CA VAL E 241 -1.99 8.62 -19.76
C VAL E 241 -1.00 8.82 -18.62
N THR E 242 0.18 8.20 -18.70
CA THR E 242 1.20 8.44 -17.69
C THR E 242 1.74 9.87 -17.79
N ALA E 243 1.99 10.32 -19.02
CA ALA E 243 2.48 11.69 -19.21
C ALA E 243 1.47 12.70 -18.70
N ARG E 244 0.18 12.45 -18.91
CA ARG E 244 -0.85 13.36 -18.40
C ARG E 244 -0.85 13.38 -16.87
N HIS E 245 -0.70 12.21 -16.24
CA HIS E 245 -0.64 12.16 -14.78
C HIS E 245 0.51 13.00 -14.25
N CYS E 246 1.63 13.03 -14.96
CA CYS E 246 2.76 13.88 -14.60
C CYS E 246 2.57 15.33 -15.04
N GLY E 247 1.40 15.69 -15.57
CA GLY E 247 1.15 17.06 -15.96
C GLY E 247 1.82 17.49 -17.24
N TRP E 248 2.15 16.55 -18.13
CA TRP E 248 2.76 16.89 -19.40
C TRP E 248 1.70 17.15 -20.47
N ARG E 249 2.02 18.03 -21.41
CA ARG E 249 1.27 18.08 -22.66
C ARG E 249 1.66 16.90 -23.54
N VAL E 250 0.74 16.50 -24.41
CA VAL E 250 0.91 15.32 -25.24
C VAL E 250 0.63 15.66 -26.69
N LEU E 251 1.56 15.32 -27.57
CA LEU E 251 1.34 15.33 -29.01
C LEU E 251 1.62 13.95 -29.55
N ALA E 252 0.59 13.29 -30.08
CA ALA E 252 0.70 11.93 -30.56
C ALA E 252 0.39 11.89 -32.06
N LEU E 253 1.23 11.20 -32.82
CA LEU E 253 1.11 11.15 -34.28
C LEU E 253 1.23 9.69 -34.73
N SER E 254 0.15 9.16 -35.30
CA SER E 254 0.13 7.79 -35.80
C SER E 254 0.38 7.76 -37.30
N LEU E 255 1.19 6.79 -37.74
CA LEU E 255 1.39 6.52 -39.16
C LEU E 255 0.50 5.36 -39.56
N ILE E 256 -0.32 5.58 -40.59
CA ILE E 256 -1.19 4.52 -41.10
C ILE E 256 -0.35 3.65 -42.03
N THR E 257 0.09 2.50 -41.53
CA THR E 257 0.96 1.59 -42.27
C THR E 257 0.17 0.55 -43.07
N ASN E 258 -1.15 0.52 -42.94
CA ASN E 258 -1.98 -0.48 -43.58
C ASN E 258 -3.43 -0.14 -43.30
N GLU E 259 -4.30 -0.55 -44.21
CA GLU E 259 -5.74 -0.43 -44.04
C GLU E 259 -6.30 -1.74 -43.52
N CYS E 260 -7.08 -1.66 -42.44
CA CYS E 260 -7.58 -2.86 -41.80
C CYS E 260 -8.62 -3.55 -42.69
N VAL E 261 -8.45 -4.86 -42.85
CA VAL E 261 -9.39 -5.65 -43.64
C VAL E 261 -10.70 -5.78 -42.87
N VAL E 262 -11.79 -5.29 -43.46
CA VAL E 262 -13.07 -5.29 -42.79
C VAL E 262 -14.12 -6.14 -43.49
N ASP E 263 -13.93 -6.48 -44.77
CA ASP E 263 -14.94 -7.23 -45.50
C ASP E 263 -15.13 -8.62 -44.89
N PRO E 264 -16.35 -9.16 -44.93
CA PRO E 264 -16.55 -10.52 -44.46
C PRO E 264 -15.68 -11.48 -45.25
N PRO E 265 -15.23 -12.56 -44.62
CA PRO E 265 -14.39 -13.52 -45.33
C PRO E 265 -15.18 -14.28 -46.38
N ALA E 266 -14.43 -14.91 -47.28
CA ALA E 266 -15.04 -15.67 -48.37
C ALA E 266 -15.96 -16.75 -47.81
N SER E 267 -17.22 -16.74 -48.25
CA SER E 267 -18.17 -17.75 -47.82
C SER E 267 -17.97 -19.04 -48.59
N ALA E 268 -18.24 -20.16 -47.92
CA ALA E 268 -18.13 -21.46 -48.57
C ALA E 268 -19.12 -21.63 -49.71
N HIS E 269 -20.11 -20.75 -49.81
CA HIS E 269 -21.09 -20.79 -50.89
C HIS E 269 -20.75 -19.83 -52.03
N ASP E 270 -19.71 -19.01 -51.87
CA ASP E 270 -19.31 -18.10 -52.94
C ASP E 270 -18.61 -18.87 -54.04
N GLU E 271 -19.11 -18.75 -55.27
CA GLU E 271 -18.38 -19.36 -56.39
C GLU E 271 -17.24 -18.48 -56.89
N ASN E 272 -17.19 -17.20 -56.50
CA ASN E 272 -16.09 -16.31 -56.85
C ASN E 272 -15.49 -15.75 -55.55
N PRO E 273 -14.81 -16.59 -54.77
CA PRO E 273 -14.35 -16.14 -53.45
C PRO E 273 -13.02 -15.40 -53.54
N VAL E 274 -12.95 -14.26 -52.86
CA VAL E 274 -11.66 -13.60 -52.65
C VAL E 274 -10.85 -14.39 -51.63
N PRO E 275 -9.59 -14.72 -51.91
CA PRO E 275 -8.80 -15.49 -50.93
C PRO E 275 -8.73 -14.77 -49.60
N ILE E 276 -8.94 -15.54 -48.52
CA ILE E 276 -8.94 -14.95 -47.18
C ILE E 276 -7.56 -14.43 -46.79
N GLN E 277 -6.50 -14.86 -47.50
CA GLN E 277 -5.16 -14.35 -47.27
C GLN E 277 -4.92 -12.99 -47.90
N GLU E 278 -5.80 -12.53 -48.78
CA GLU E 278 -5.52 -11.36 -49.60
C GLU E 278 -5.61 -10.08 -48.77
N GLY E 279 -4.56 -9.25 -48.88
CA GLY E 279 -4.51 -7.98 -48.19
C GLY E 279 -4.22 -8.05 -46.71
N LYS E 280 -3.96 -9.25 -46.18
CA LYS E 280 -3.71 -9.42 -44.75
C LYS E 280 -2.56 -8.53 -44.29
N ALA E 281 -2.58 -8.18 -43.01
CA ALA E 281 -1.54 -7.35 -42.43
C ALA E 281 -0.31 -8.18 -42.11
N THR E 282 0.86 -7.59 -42.32
CA THR E 282 2.13 -8.23 -42.01
C THR E 282 3.03 -7.23 -41.29
N HIS E 283 3.92 -7.75 -40.44
CA HIS E 283 4.90 -6.89 -39.80
C HIS E 283 5.86 -6.28 -40.81
N GLU E 284 6.04 -6.91 -41.97
CA GLU E 284 6.91 -6.37 -42.99
C GLU E 284 6.30 -5.12 -43.63
N GLU E 285 5.01 -5.18 -43.95
CA GLU E 285 4.30 -4.02 -44.46
C GLU E 285 4.35 -2.86 -43.47
N VAL E 286 4.25 -3.16 -42.18
CA VAL E 286 4.32 -2.12 -41.16
C VAL E 286 5.66 -1.42 -41.21
N LEU E 287 6.74 -2.20 -41.24
CA LEU E 287 8.09 -1.62 -41.28
C LEU E 287 8.33 -0.88 -42.59
N GLU E 288 7.96 -1.50 -43.72
CA GLU E 288 8.23 -0.91 -45.01
C GLU E 288 7.52 0.44 -45.16
N ASN E 289 6.30 0.55 -44.65
CA ASN E 289 5.56 1.81 -44.74
C ASN E 289 5.98 2.79 -43.65
N SER E 290 6.38 2.28 -42.49
CA SER E 290 6.99 3.14 -41.48
C SER E 290 8.30 3.73 -41.99
N ALA E 291 9.16 2.88 -42.56
CA ALA E 291 10.44 3.34 -43.08
C ALA E 291 10.24 4.38 -44.17
N LYS E 292 9.20 4.22 -45.00
CA LYS E 292 8.96 5.16 -46.08
C LYS E 292 8.60 6.53 -45.50
N ALA E 293 7.70 6.57 -44.53
CA ALA E 293 7.19 7.83 -44.01
C ALA E 293 8.14 8.52 -43.04
N SER E 294 9.32 7.97 -42.79
CA SER E 294 10.17 8.48 -41.72
C SER E 294 10.66 9.90 -42.01
N LYS E 295 10.93 10.21 -43.28
CA LYS E 295 11.45 11.54 -43.61
C LYS E 295 10.48 12.64 -43.20
N ASP E 296 9.21 12.50 -43.59
CA ASP E 296 8.23 13.52 -43.27
C ASP E 296 8.04 13.67 -41.77
N VAL E 297 8.06 12.55 -41.04
CA VAL E 297 7.81 12.58 -39.60
C VAL E 297 9.00 13.21 -38.86
N GLN E 298 10.22 12.92 -39.32
CA GLN E 298 11.40 13.52 -38.70
C GLN E 298 11.36 15.05 -38.78
N GLU E 299 11.01 15.58 -39.95
CA GLU E 299 11.03 17.03 -40.13
C GLU E 299 9.89 17.70 -39.35
N LEU E 300 8.71 17.06 -39.30
CA LEU E 300 7.61 17.62 -38.54
C LEU E 300 7.96 17.74 -37.07
N ILE E 301 8.54 16.68 -36.49
CA ILE E 301 8.92 16.72 -35.09
C ILE E 301 10.07 17.70 -34.88
N PHE E 302 11.08 17.65 -35.77
CA PHE E 302 12.21 18.57 -35.66
C PHE E 302 11.75 20.02 -35.67
N SER E 303 10.74 20.34 -36.47
CA SER E 303 10.21 21.70 -36.49
C SER E 303 9.36 21.98 -35.26
N VAL E 304 8.68 20.97 -34.72
CA VAL E 304 7.76 21.20 -33.62
C VAL E 304 8.51 21.51 -32.33
N VAL E 305 9.61 20.80 -32.07
CA VAL E 305 10.29 20.93 -30.78
C VAL E 305 10.82 22.34 -30.56
N ALA E 306 11.25 23.00 -31.63
CA ALA E 306 11.83 24.34 -31.51
C ALA E 306 10.81 25.39 -31.09
N GLU E 307 9.52 25.04 -31.05
CA GLU E 307 8.47 25.97 -30.62
C GLU E 307 7.62 25.37 -29.51
N ILE E 308 8.13 24.36 -28.82
CA ILE E 308 7.35 23.64 -27.81
C ILE E 308 7.37 24.38 -26.48
N ASP F 7 -6.66 -23.65 -2.01
CA ASP F 7 -7.08 -22.28 -2.30
C ASP F 7 -8.55 -22.08 -1.94
N ILE F 8 -9.44 -22.75 -2.67
CA ILE F 8 -10.88 -22.60 -2.42
C ILE F 8 -11.23 -23.14 -1.04
N ASN F 9 -10.49 -24.14 -0.55
CA ASN F 9 -10.73 -24.63 0.80
C ASN F 9 -10.42 -23.56 1.84
N GLU F 10 -9.39 -22.75 1.59
CA GLU F 10 -9.06 -21.67 2.50
C GLU F 10 -10.11 -20.57 2.46
N GLN F 11 -10.64 -20.27 1.27
CA GLN F 11 -11.70 -19.28 1.18
C GLN F 11 -12.96 -19.76 1.89
N ARG F 12 -13.26 -21.06 1.80
CA ARG F 12 -14.40 -21.62 2.52
C ARG F 12 -14.27 -21.42 4.02
N ALA F 13 -13.11 -21.80 4.58
CA ALA F 13 -12.88 -21.64 6.00
C ALA F 13 -12.98 -20.17 6.42
N LEU F 14 -12.42 -19.27 5.60
CA LEU F 14 -12.56 -17.84 5.90
C LEU F 14 -14.02 -17.42 5.90
N ILE F 15 -14.79 -17.89 4.92
CA ILE F 15 -16.22 -17.59 4.88
C ILE F 15 -16.90 -18.15 6.12
N LYS F 16 -16.58 -19.40 6.47
CA LYS F 16 -17.15 -20.00 7.68
C LYS F 16 -16.68 -19.26 8.93
N SER F 17 -15.39 -18.90 8.97
CA SER F 17 -14.87 -18.15 10.11
C SER F 17 -15.63 -16.83 10.29
N ALA F 18 -15.83 -16.09 9.20
CA ALA F 18 -16.57 -14.84 9.27
C ALA F 18 -18.01 -15.09 9.72
N HIS F 19 -18.64 -16.14 9.22
CA HIS F 19 -20.00 -16.47 9.65
C HIS F 19 -20.03 -16.86 11.12
N ARG F 20 -19.09 -17.71 11.54
CA ARG F 20 -18.98 -18.11 12.94
C ARG F 20 -18.90 -16.89 13.86
N TYR F 21 -18.02 -15.95 13.53
CA TYR F 21 -17.90 -14.73 14.31
C TYR F 21 -19.21 -13.93 14.31
N ILE F 22 -19.70 -13.61 13.10
CA ILE F 22 -20.91 -12.78 12.99
C ILE F 22 -22.08 -13.42 13.72
N SER F 23 -22.22 -14.74 13.60
CA SER F 23 -23.34 -15.41 14.25
C SER F 23 -23.24 -15.35 15.77
N GLU F 24 -22.02 -15.37 16.33
CA GLU F 24 -21.87 -15.32 17.77
C GLU F 24 -22.20 -13.94 18.31
N LYS F 25 -21.75 -12.88 17.63
CA LYS F 25 -22.05 -11.52 18.09
C LYS F 25 -23.55 -11.26 18.07
N LEU F 26 -24.24 -11.77 17.04
CA LEU F 26 -25.67 -11.58 16.95
C LEU F 26 -26.38 -12.22 18.15
N GLU F 27 -26.01 -13.47 18.47
CA GLU F 27 -26.64 -14.14 19.59
C GLU F 27 -26.28 -13.47 20.92
N ASP F 28 -25.10 -12.86 21.02
CA ASP F 28 -24.71 -12.17 22.25
C ASP F 28 -25.38 -10.82 22.40
N HIS F 29 -25.81 -10.21 21.29
CA HIS F 29 -26.29 -8.83 21.31
C HIS F 29 -27.81 -8.71 21.36
N PHE F 30 -28.53 -9.61 20.71
CA PHE F 30 -29.98 -9.49 20.57
C PHE F 30 -30.69 -10.50 21.47
N SER F 31 -31.68 -10.03 22.23
CA SER F 31 -32.45 -10.93 23.07
C SER F 31 -33.25 -11.94 22.25
N SER F 32 -33.78 -11.49 21.12
CA SER F 32 -34.43 -12.37 20.16
C SER F 32 -33.46 -12.70 19.02
N GLU F 33 -33.75 -13.79 18.31
CA GLU F 33 -32.92 -14.17 17.17
C GLU F 33 -32.99 -13.08 16.11
N PHE F 34 -31.82 -12.65 15.62
CA PHE F 34 -31.73 -11.64 14.58
C PHE F 34 -31.45 -12.33 13.26
N LEU F 35 -32.46 -12.33 12.37
CA LEU F 35 -32.38 -12.99 11.07
C LEU F 35 -32.63 -11.93 10.00
N PRO F 36 -31.60 -11.29 9.48
CA PRO F 36 -31.81 -10.22 8.49
C PRO F 36 -32.33 -10.77 7.18
N LYS F 37 -33.29 -10.06 6.60
CA LYS F 37 -33.83 -10.43 5.30
C LYS F 37 -33.12 -9.75 4.14
N ALA F 38 -32.48 -8.61 4.38
CA ALA F 38 -31.87 -7.82 3.32
C ALA F 38 -30.47 -7.37 3.72
N LEU F 39 -29.58 -7.35 2.74
CA LEU F 39 -28.28 -6.71 2.85
C LEU F 39 -28.31 -5.44 2.01
N VAL F 40 -27.99 -4.31 2.63
CA VAL F 40 -27.98 -3.03 1.96
C VAL F 40 -26.54 -2.54 1.88
N ILE F 41 -26.01 -2.50 0.67
CA ILE F 41 -24.62 -2.02 0.46
C ILE F 41 -24.72 -0.54 0.12
N CYS F 42 -24.47 0.31 1.11
CA CYS F 42 -24.60 1.76 0.90
C CYS F 42 -23.27 2.28 0.36
N GLY F 43 -23.30 2.96 -0.78
CA GLY F 43 -22.05 3.43 -1.39
C GLY F 43 -21.85 4.93 -1.30
N GLU F 44 -20.84 5.44 -2.00
CA GLU F 44 -20.52 6.89 -2.04
C GLU F 44 -21.67 7.81 -1.65
N GLY F 45 -21.48 8.62 -0.61
CA GLY F 45 -22.49 9.63 -0.23
C GLY F 45 -23.80 9.07 0.30
N LEU F 46 -23.88 7.76 0.51
CA LEU F 46 -25.17 7.16 0.93
C LEU F 46 -25.00 6.49 2.29
N SER F 47 -24.05 6.96 3.10
CA SER F 47 -23.83 6.41 4.45
C SER F 47 -24.83 6.98 5.45
N GLY F 48 -25.72 7.86 5.00
CA GLY F 48 -26.77 8.41 5.87
C GLY F 48 -27.89 7.41 6.09
N ILE F 49 -27.86 6.32 5.33
CA ILE F 49 -28.90 5.26 5.50
C ILE F 49 -28.77 4.73 6.93
N SER F 50 -27.56 4.67 7.45
CA SER F 50 -27.37 4.13 8.79
C SER F 50 -28.23 4.85 9.82
N THR F 51 -28.52 6.14 9.58
CA THR F 51 -29.35 6.91 10.51
C THR F 51 -30.80 6.46 10.53
N LYS F 52 -31.19 5.56 9.64
CA LYS F 52 -32.56 5.05 9.60
C LYS F 52 -32.72 3.74 10.37
N ILE F 53 -31.63 3.20 10.91
CA ILE F 53 -31.72 2.04 11.79
C ILE F 53 -32.35 2.47 13.10
N ALA F 54 -33.34 1.71 13.56
CA ALA F 54 -33.96 2.01 14.84
C ALA F 54 -32.95 1.82 15.97
N ASP F 55 -32.88 2.81 16.87
CA ASP F 55 -32.00 2.67 18.02
C ASP F 55 -32.54 1.70 19.05
N GLU F 56 -33.76 1.19 18.87
CA GLU F 56 -34.34 0.18 19.75
C GLU F 56 -35.02 -0.91 18.92
N PRO F 57 -34.58 -2.17 19.01
CA PRO F 57 -33.46 -2.65 19.83
C PRO F 57 -32.12 -2.08 19.38
N LYS F 58 -31.16 -1.98 20.31
CA LYS F 58 -29.88 -1.36 19.99
C LYS F 58 -29.22 -2.10 18.83
N PRO F 59 -28.78 -1.39 17.80
CA PRO F 59 -28.09 -2.05 16.69
C PRO F 59 -26.71 -2.52 17.11
N LEU F 60 -26.20 -3.48 16.34
CA LEU F 60 -24.86 -4.03 16.55
C LEU F 60 -23.97 -3.61 15.38
N ILE F 61 -22.83 -3.01 15.70
CA ILE F 61 -21.91 -2.46 14.71
C ILE F 61 -20.60 -3.23 14.80
N LEU F 62 -20.25 -3.93 13.73
CA LEU F 62 -19.00 -4.70 13.66
C LEU F 62 -18.07 -4.03 12.67
N SER F 63 -16.94 -3.52 13.17
CA SER F 63 -15.89 -3.06 12.30
C SER F 63 -15.34 -4.21 11.48
N TYR F 64 -15.00 -3.92 10.22
CA TYR F 64 -14.41 -4.95 9.36
C TYR F 64 -13.14 -5.53 9.98
N SER F 65 -12.40 -4.71 10.72
CA SER F 65 -11.16 -5.16 11.33
C SER F 65 -11.36 -6.36 12.25
N THR F 66 -12.55 -6.49 12.83
CA THR F 66 -12.81 -7.58 13.77
C THR F 66 -13.37 -8.82 13.10
N ILE F 67 -13.91 -8.72 11.89
CA ILE F 67 -14.56 -9.84 11.22
C ILE F 67 -13.50 -10.61 10.45
N PRO F 68 -13.31 -11.90 10.72
CA PRO F 68 -12.26 -12.66 10.02
C PRO F 68 -12.48 -12.67 8.53
N GLY F 69 -11.39 -12.46 7.78
CA GLY F 69 -11.45 -12.47 6.33
C GLY F 69 -11.82 -11.15 5.69
N PHE F 70 -12.30 -10.18 6.46
CA PHE F 70 -12.59 -8.87 5.91
C PHE F 70 -11.32 -8.03 5.87
N LYS F 71 -11.33 -7.02 5.00
CA LYS F 71 -10.19 -6.13 4.89
C LYS F 71 -10.31 -4.95 5.85
N GLY F 80 -14.67 0.58 6.75
CA GLY F 80 -16.09 0.27 6.70
C GLY F 80 -16.56 -0.58 7.87
N GLU F 81 -17.87 -0.81 7.95
CA GLU F 81 -18.42 -1.56 9.06
C GLU F 81 -19.71 -2.26 8.64
N LEU F 82 -20.04 -3.31 9.38
CA LEU F 82 -21.33 -3.99 9.26
C LEU F 82 -22.26 -3.45 10.34
N ILE F 83 -23.51 -3.18 9.97
CA ILE F 83 -24.49 -2.63 10.89
C ILE F 83 -25.71 -3.55 10.88
N PHE F 84 -25.95 -4.23 12.00
CA PHE F 84 -27.09 -5.12 12.16
C PHE F 84 -28.14 -4.41 13.00
N GLY F 85 -29.36 -4.29 12.47
CA GLY F 85 -30.42 -3.63 13.20
C GLY F 85 -31.72 -3.71 12.44
N TYR F 86 -32.72 -2.99 12.95
CA TYR F 86 -34.05 -2.96 12.37
C TYR F 86 -34.26 -1.64 11.66
N MET F 87 -34.76 -1.71 10.43
CA MET F 87 -35.08 -0.54 9.62
C MET F 87 -36.52 -0.66 9.15
N ASN F 88 -37.36 0.28 9.59
CA ASN F 88 -38.79 0.26 9.29
C ASN F 88 -39.45 -1.04 9.73
N GLY F 89 -38.96 -1.62 10.82
CA GLY F 89 -39.48 -2.86 11.35
C GLY F 89 -38.84 -4.12 10.81
N ALA F 90 -38.00 -4.02 9.79
CA ALA F 90 -37.43 -5.22 9.19
C ALA F 90 -35.95 -5.38 9.57
N PRO F 91 -35.53 -6.58 9.96
CA PRO F 91 -34.12 -6.80 10.26
C PRO F 91 -33.28 -6.80 8.99
N VAL F 92 -32.22 -6.00 8.99
CA VAL F 92 -31.35 -5.83 7.82
C VAL F 92 -29.90 -5.76 8.27
N VAL F 93 -29.00 -5.88 7.30
CA VAL F 93 -27.58 -5.61 7.47
C VAL F 93 -27.20 -4.51 6.50
N LEU F 94 -26.41 -3.55 6.97
CA LEU F 94 -25.87 -2.51 6.11
C LEU F 94 -24.37 -2.67 5.97
N MET F 95 -23.87 -2.50 4.75
CA MET F 95 -22.44 -2.42 4.47
C MET F 95 -22.09 -0.99 4.11
N ASN F 96 -21.03 -0.47 4.73
CA ASN F 96 -20.50 0.83 4.34
C ASN F 96 -19.68 0.60 3.08
N LEU F 107 -11.24 -10.33 -6.73
CA LEU F 107 -12.66 -10.02 -6.61
C LEU F 107 -13.33 -10.82 -5.51
N ALA F 108 -12.83 -12.03 -5.28
CA ALA F 108 -13.39 -12.89 -4.24
C ALA F 108 -13.25 -12.27 -2.86
N GLU F 109 -12.33 -11.33 -2.68
CA GLU F 109 -12.23 -10.62 -1.41
C GLU F 109 -13.35 -9.59 -1.28
N THR F 110 -13.70 -8.91 -2.38
CA THR F 110 -14.76 -7.92 -2.33
C THR F 110 -16.14 -8.56 -2.27
N VAL F 111 -16.25 -9.85 -2.58
CA VAL F 111 -17.52 -10.56 -2.51
C VAL F 111 -17.55 -11.59 -1.39
N HIS F 112 -16.44 -11.83 -0.71
CA HIS F 112 -16.41 -12.70 0.45
C HIS F 112 -17.43 -12.33 1.52
N PRO F 113 -17.68 -11.04 1.84
CA PRO F 113 -18.73 -10.75 2.83
C PRO F 113 -20.11 -11.27 2.43
N ILE F 114 -20.45 -11.24 1.14
CA ILE F 114 -21.76 -11.68 0.70
C ILE F 114 -21.98 -13.15 1.03
N ARG F 115 -20.97 -13.98 0.74
CA ARG F 115 -21.08 -15.41 1.02
CA ARG F 115 -21.11 -15.41 1.02
C ARG F 115 -21.14 -15.68 2.52
N ALA F 116 -20.37 -14.92 3.30
CA ALA F 116 -20.38 -15.11 4.74
C ALA F 116 -21.74 -14.75 5.34
N LEU F 117 -22.35 -13.67 4.84
CA LEU F 117 -23.70 -13.31 5.29
C LEU F 117 -24.75 -14.29 4.78
N HIS F 118 -24.46 -15.00 3.68
CA HIS F 118 -25.41 -15.98 3.16
C HIS F 118 -25.60 -17.14 4.13
N LEU F 119 -24.55 -17.49 4.89
CA LEU F 119 -24.61 -18.62 5.80
C LEU F 119 -25.50 -18.39 7.01
N LEU F 120 -26.02 -17.16 7.19
CA LEU F 120 -27.04 -16.95 8.22
C LEU F 120 -28.36 -17.59 7.84
N GLY F 121 -28.60 -17.78 6.54
CA GLY F 121 -29.78 -18.47 6.06
C GLY F 121 -31.04 -17.64 5.99
N SER F 122 -30.96 -16.33 6.18
CA SER F 122 -32.14 -15.48 6.23
C SER F 122 -32.17 -14.39 5.17
N ILE F 123 -31.03 -13.97 4.64
CA ILE F 123 -30.99 -12.91 3.64
C ILE F 123 -31.44 -13.48 2.30
N ASN F 124 -32.37 -12.78 1.64
CA ASN F 124 -32.77 -13.16 0.29
C ASN F 124 -32.95 -11.96 -0.63
N VAL F 125 -32.43 -10.79 -0.27
CA VAL F 125 -32.47 -9.63 -1.15
C VAL F 125 -31.24 -8.78 -0.90
N LEU F 126 -30.55 -8.42 -1.98
CA LEU F 126 -29.48 -7.44 -1.94
C LEU F 126 -30.00 -6.11 -2.47
N ILE F 127 -29.83 -5.06 -1.68
CA ILE F 127 -30.12 -3.69 -2.11
C ILE F 127 -28.79 -2.97 -2.18
N VAL F 128 -28.37 -2.61 -3.39
CA VAL F 128 -27.07 -1.98 -3.60
C VAL F 128 -27.29 -0.62 -4.26
N THR F 129 -26.68 0.41 -3.69
CA THR F 129 -26.74 1.76 -4.21
C THR F 129 -25.34 2.22 -4.59
N ASN F 130 -25.25 3.17 -5.51
CA ASN F 130 -23.96 3.61 -6.01
C ASN F 130 -24.09 4.98 -6.64
N ALA F 131 -22.97 5.67 -6.75
CA ALA F 131 -22.85 6.83 -7.61
C ALA F 131 -22.38 6.37 -8.98
N ALA F 132 -22.88 7.01 -10.04
CA ALA F 132 -22.54 6.60 -11.39
C ALA F 132 -22.56 7.81 -12.31
N GLY F 133 -21.79 7.71 -13.38
CA GLY F 133 -21.78 8.74 -14.41
C GLY F 133 -22.88 8.50 -15.43
N GLY F 134 -23.56 9.58 -15.81
CA GLY F 134 -24.62 9.48 -16.80
C GLY F 134 -24.06 9.32 -18.20
N ILE F 135 -24.48 8.27 -18.88
CA ILE F 135 -24.10 8.02 -20.27
C ILE F 135 -25.27 8.21 -21.21
N ASN F 136 -26.46 7.78 -20.81
CA ASN F 136 -27.68 8.10 -21.54
C ASN F 136 -27.83 9.60 -21.70
N ALA F 137 -28.15 10.03 -22.92
CA ALA F 137 -28.13 11.45 -23.24
C ALA F 137 -29.20 12.23 -22.49
N SER F 138 -30.28 11.57 -22.09
CA SER F 138 -31.38 12.23 -21.41
C SER F 138 -31.17 12.37 -19.91
N PHE F 139 -30.14 11.73 -19.36
CA PHE F 139 -29.92 11.77 -17.91
C PHE F 139 -29.33 13.11 -17.51
N LYS F 140 -29.67 13.54 -16.29
CA LYS F 140 -29.11 14.76 -15.71
C LYS F 140 -28.56 14.44 -14.33
N ALA F 141 -27.57 15.23 -13.91
CA ALA F 141 -27.02 15.10 -12.57
C ALA F 141 -28.10 15.32 -11.53
N GLY F 142 -28.17 14.42 -10.55
CA GLY F 142 -29.23 14.40 -9.59
C GLY F 142 -30.28 13.34 -9.84
N ASP F 143 -30.43 12.91 -11.09
CA ASP F 143 -31.35 11.82 -11.41
C ASP F 143 -30.89 10.53 -10.74
N LEU F 144 -31.85 9.67 -10.44
CA LEU F 144 -31.58 8.29 -10.07
C LEU F 144 -31.86 7.38 -11.27
N MET F 145 -31.21 6.23 -11.27
CA MET F 145 -31.49 5.19 -12.25
C MET F 145 -31.62 3.85 -11.55
N CYS F 146 -32.83 3.31 -11.53
CA CYS F 146 -33.02 1.91 -11.20
C CYS F 146 -32.30 1.04 -12.22
N VAL F 147 -31.41 0.18 -11.74
CA VAL F 147 -30.71 -0.75 -12.62
C VAL F 147 -31.64 -1.91 -12.91
N TYR F 148 -31.92 -2.14 -14.20
CA TYR F 148 -32.67 -3.34 -14.60
C TYR F 148 -31.85 -4.24 -15.53
N ASP F 149 -30.57 -3.92 -15.74
CA ASP F 149 -29.66 -4.72 -16.55
C ASP F 149 -28.26 -4.16 -16.38
N HIS F 150 -27.27 -4.95 -16.78
CA HIS F 150 -25.89 -4.48 -16.69
C HIS F 150 -25.05 -5.07 -17.81
N ILE F 151 -23.90 -4.43 -18.06
CA ILE F 151 -22.87 -4.94 -18.94
C ILE F 151 -21.62 -5.11 -18.08
N ASN F 152 -21.22 -6.35 -17.86
CA ASN F 152 -20.01 -6.65 -17.07
C ASN F 152 -18.84 -6.79 -18.04
N PHE F 153 -18.30 -5.64 -18.44
CA PHE F 153 -17.17 -5.62 -19.38
C PHE F 153 -15.98 -6.42 -18.88
N PRO F 154 -15.44 -6.19 -17.67
CA PRO F 154 -14.28 -6.99 -17.26
C PRO F 154 -14.60 -8.47 -17.10
N GLY F 155 -15.83 -8.79 -16.68
CA GLY F 155 -16.24 -10.18 -16.57
C GLY F 155 -16.25 -10.89 -17.90
N LEU F 156 -16.55 -10.18 -18.98
CA LEU F 156 -16.40 -10.76 -20.31
C LEU F 156 -14.96 -11.10 -20.64
N CYS F 157 -13.99 -10.43 -20.01
CA CYS F 157 -12.59 -10.57 -20.37
C CYS F 157 -11.76 -11.39 -19.40
N GLY F 158 -12.27 -11.71 -18.21
CA GLY F 158 -11.53 -12.59 -17.34
C GLY F 158 -11.33 -12.05 -15.94
N PHE F 159 -11.99 -10.94 -15.63
CA PHE F 159 -11.98 -10.35 -14.29
C PHE F 159 -13.41 -10.52 -13.77
N HIS F 160 -13.66 -11.64 -13.10
CA HIS F 160 -15.00 -12.12 -12.82
C HIS F 160 -15.08 -12.66 -11.40
N PRO F 161 -16.12 -12.29 -10.63
CA PRO F 161 -16.22 -12.78 -9.25
C PRO F 161 -16.42 -14.28 -9.17
N LEU F 162 -16.86 -14.93 -10.23
CA LEU F 162 -17.08 -16.37 -10.24
C LEU F 162 -15.94 -17.14 -10.87
N ARG F 163 -14.90 -16.46 -11.36
CA ARG F 163 -13.74 -17.15 -11.91
C ARG F 163 -13.11 -18.04 -10.85
N GLY F 164 -12.62 -19.19 -11.28
CA GLY F 164 -12.08 -20.19 -10.37
C GLY F 164 -13.07 -21.31 -10.13
N ALA F 165 -12.67 -22.20 -9.21
CA ALA F 165 -13.54 -23.31 -8.85
C ALA F 165 -14.85 -22.81 -8.27
N ASN F 166 -15.95 -23.42 -8.68
CA ASN F 166 -17.26 -22.98 -8.24
C ASN F 166 -17.51 -23.38 -6.80
N PHE F 167 -18.24 -22.52 -6.09
CA PHE F 167 -18.74 -22.83 -4.75
C PHE F 167 -20.04 -23.62 -4.91
N ASP F 168 -19.89 -24.93 -5.15
CA ASP F 168 -21.03 -25.76 -5.52
C ASP F 168 -22.13 -25.74 -4.47
N GLU F 169 -21.79 -25.51 -3.21
CA GLU F 169 -22.81 -25.48 -2.16
C GLU F 169 -23.58 -24.17 -2.13
N PHE F 170 -23.15 -23.15 -2.87
CA PHE F 170 -23.88 -21.89 -2.97
C PHE F 170 -24.72 -21.79 -4.24
N GLY F 171 -24.15 -22.12 -5.39
CA GLY F 171 -24.85 -21.95 -6.64
C GLY F 171 -24.21 -22.70 -7.80
N PRO F 172 -24.72 -22.48 -9.00
CA PRO F 172 -24.30 -23.29 -10.16
C PRO F 172 -23.03 -22.77 -10.81
N ARG F 173 -22.38 -23.70 -11.52
CA ARG F 173 -21.14 -23.36 -12.23
C ARG F 173 -21.40 -22.32 -13.31
N PHE F 174 -22.54 -22.41 -14.00
CA PHE F 174 -22.90 -21.49 -15.07
C PHE F 174 -24.17 -20.76 -14.67
N LEU F 175 -24.02 -19.48 -14.35
CA LEU F 175 -25.10 -18.68 -13.80
C LEU F 175 -25.67 -17.74 -14.86
N ALA F 176 -26.99 -17.80 -15.06
CA ALA F 176 -27.65 -16.84 -15.93
C ALA F 176 -27.67 -15.47 -15.27
N THR F 177 -27.62 -14.42 -16.10
CA THR F 177 -27.74 -13.05 -15.63
C THR F 177 -28.79 -12.27 -16.39
N SER F 178 -29.59 -12.93 -17.23
CA SER F 178 -30.70 -12.26 -17.90
C SER F 178 -31.89 -12.05 -16.96
N ASP F 179 -31.89 -12.69 -15.80
CA ASP F 179 -32.92 -12.51 -14.78
C ASP F 179 -32.29 -11.97 -13.49
N ALA F 180 -31.34 -11.04 -13.63
CA ALA F 180 -30.57 -10.59 -12.48
C ALA F 180 -31.33 -9.58 -11.64
N TYR F 181 -32.19 -8.77 -12.24
CA TYR F 181 -32.79 -7.61 -11.58
C TYR F 181 -34.29 -7.85 -11.40
N ASP F 182 -34.63 -8.38 -10.22
CA ASP F 182 -36.00 -8.76 -9.85
C ASP F 182 -37.00 -7.69 -10.25
N LEU F 183 -38.08 -8.13 -10.91
CA LEU F 183 -39.09 -7.19 -11.39
C LEU F 183 -39.92 -6.63 -10.25
N GLU F 184 -40.32 -7.48 -9.30
CA GLU F 184 -41.20 -7.05 -8.22
C GLU F 184 -40.53 -5.98 -7.37
N LEU F 185 -39.23 -6.14 -7.08
CA LEU F 185 -38.52 -5.14 -6.30
C LEU F 185 -38.49 -3.80 -7.02
N ARG F 186 -38.35 -3.83 -8.35
CA ARG F 186 -38.37 -2.59 -9.11
C ARG F 186 -39.76 -1.96 -9.11
N LYS F 187 -40.80 -2.78 -9.26
CA LYS F 187 -42.16 -2.26 -9.13
C LYS F 187 -42.42 -1.71 -7.73
N LEU F 188 -41.86 -2.37 -6.71
CA LEU F 188 -42.00 -1.88 -5.34
C LEU F 188 -41.30 -0.53 -5.17
N LEU F 189 -40.09 -0.39 -5.71
CA LEU F 189 -39.36 0.87 -5.59
C LEU F 189 -40.14 2.02 -6.19
N PHE F 190 -40.73 1.81 -7.37
CA PHE F 190 -41.47 2.88 -8.03
C PHE F 190 -42.77 3.17 -7.29
N SER F 191 -43.40 2.13 -6.73
CA SER F 191 -44.60 2.36 -5.94
C SER F 191 -44.30 3.17 -4.70
N LYS F 192 -43.09 3.04 -4.15
CA LYS F 192 -42.68 3.86 -3.03
C LYS F 192 -42.34 5.28 -3.45
N LYS F 193 -41.81 5.46 -4.67
CA LYS F 193 -41.60 6.80 -5.20
C LYS F 193 -42.91 7.56 -5.27
N LYS F 194 -43.97 6.91 -5.76
CA LYS F 194 -45.28 7.54 -5.82
C LYS F 194 -45.84 7.77 -4.42
N GLU F 195 -45.67 6.79 -3.53
CA GLU F 195 -46.22 6.90 -2.19
C GLU F 195 -45.55 8.03 -1.40
N LEU F 196 -44.25 8.21 -1.59
CA LEU F 196 -43.52 9.28 -0.91
C LEU F 196 -43.58 10.60 -1.66
N ASN F 197 -44.18 10.62 -2.85
CA ASN F 197 -44.24 11.81 -3.70
C ASN F 197 -42.84 12.37 -3.94
N ILE F 198 -41.87 11.49 -4.10
CA ILE F 198 -40.52 11.91 -4.44
C ILE F 198 -40.49 12.36 -5.89
N GLU F 199 -40.17 13.63 -6.11
CA GLU F 199 -40.21 14.21 -7.45
C GLU F 199 -38.98 13.87 -8.28
N ARG F 200 -37.92 13.38 -7.63
CA ARG F 200 -36.68 13.08 -8.34
C ARG F 200 -36.91 12.04 -9.42
N LYS F 201 -36.43 12.33 -10.63
CA LYS F 201 -36.53 11.37 -11.73
C LYS F 201 -35.83 10.08 -11.37
N ILE F 202 -36.46 8.95 -11.68
CA ILE F 202 -35.88 7.63 -11.46
C ILE F 202 -36.01 6.87 -12.78
N HIS F 203 -34.97 6.94 -13.61
CA HIS F 203 -34.95 6.19 -14.84
C HIS F 203 -34.78 4.70 -14.56
N GLU F 204 -35.02 3.90 -15.59
CA GLU F 204 -34.72 2.49 -15.60
C GLU F 204 -33.70 2.26 -16.72
N GLY F 205 -32.60 1.58 -16.41
CA GLY F 205 -31.57 1.49 -17.44
C GLY F 205 -30.53 0.45 -17.16
N THR F 206 -29.54 0.41 -18.05
CA THR F 206 -28.43 -0.53 -18.03
C THR F 206 -27.22 0.13 -17.39
N TYR F 207 -26.64 -0.53 -16.40
CA TYR F 207 -25.43 -0.06 -15.72
C TYR F 207 -24.24 -0.81 -16.29
N SER F 208 -23.25 -0.07 -16.80
CA SER F 208 -22.04 -0.69 -17.30
C SER F 208 -20.94 -0.61 -16.26
N TYR F 209 -20.31 -1.75 -15.99
CA TYR F 209 -19.25 -1.86 -14.99
C TYR F 209 -17.92 -1.86 -15.72
N VAL F 210 -17.11 -0.83 -15.51
CA VAL F 210 -15.81 -0.72 -16.12
C VAL F 210 -14.76 -0.60 -15.01
N HIS F 211 -13.54 -0.95 -15.36
CA HIS F 211 -12.44 -0.91 -14.36
C HIS F 211 -11.58 0.28 -14.73
N GLY F 212 -12.16 1.21 -15.47
CA GLY F 212 -11.39 2.37 -15.94
C GLY F 212 -11.53 3.52 -14.97
N PRO F 213 -11.11 4.73 -15.34
CA PRO F 213 -11.15 5.84 -14.42
C PRO F 213 -12.62 6.28 -14.26
N THR F 214 -13.55 5.68 -14.99
CA THR F 214 -14.95 6.20 -14.98
C THR F 214 -14.88 7.60 -15.56
N PHE F 215 -14.03 8.47 -15.00
CA PHE F 215 -13.78 9.78 -15.63
C PHE F 215 -12.95 9.47 -16.88
N GLU F 216 -13.64 9.13 -17.97
CA GLU F 216 -12.91 8.66 -19.17
C GLU F 216 -12.88 9.70 -20.28
N SER F 217 -12.31 9.32 -21.42
CA SER F 217 -12.24 10.18 -22.58
C SER F 217 -13.62 10.32 -23.22
N ARG F 218 -13.77 11.35 -24.06
CA ARG F 218 -15.03 11.55 -24.76
C ARG F 218 -15.33 10.38 -25.68
N ALA F 219 -14.30 9.86 -26.37
CA ALA F 219 -14.51 8.71 -27.25
C ALA F 219 -14.85 7.46 -26.47
N GLU F 220 -14.38 7.34 -25.23
CA GLU F 220 -14.73 6.18 -24.42
C GLU F 220 -16.18 6.25 -23.96
N SER F 221 -16.65 7.45 -23.60
CA SER F 221 -18.06 7.63 -23.27
C SER F 221 -18.94 7.36 -24.49
N ARG F 222 -18.49 7.79 -25.67
CA ARG F 222 -19.25 7.53 -26.90
CA ARG F 222 -19.26 7.53 -26.88
C ARG F 222 -19.37 6.04 -27.16
N PHE F 223 -18.26 5.29 -27.00
CA PHE F 223 -18.30 3.86 -27.21
C PHE F 223 -19.24 3.19 -26.22
N LEU F 224 -19.22 3.63 -24.95
CA LEU F 224 -20.11 3.07 -23.96
C LEU F 224 -21.57 3.33 -24.33
N ARG F 225 -21.88 4.55 -24.76
CA ARG F 225 -23.27 4.87 -25.11
C ARG F 225 -23.77 3.99 -26.24
N LEU F 226 -23.00 3.86 -27.31
CA LEU F 226 -23.44 3.02 -28.43
C LEU F 226 -23.35 1.54 -28.11
N ALA F 227 -22.72 1.16 -26.99
CA ALA F 227 -22.74 -0.22 -26.53
C ALA F 227 -23.99 -0.54 -25.71
N GLY F 228 -24.84 0.44 -25.44
CA GLY F 228 -26.03 0.24 -24.66
C GLY F 228 -25.95 0.70 -23.23
N THR F 229 -24.92 1.45 -22.86
CA THR F 229 -24.73 1.90 -21.49
C THR F 229 -25.63 3.10 -21.18
N ASP F 230 -26.33 3.04 -20.05
CA ASP F 230 -27.06 4.19 -19.53
C ASP F 230 -26.35 4.87 -18.37
N ALA F 231 -25.67 4.09 -17.53
CA ALA F 231 -24.87 4.61 -16.43
C ALA F 231 -23.62 3.76 -16.29
N VAL F 232 -22.51 4.39 -15.91
CA VAL F 232 -21.20 3.75 -15.87
C VAL F 232 -20.57 3.98 -14.50
N GLY F 233 -19.85 2.97 -14.01
CA GLY F 233 -19.18 3.09 -12.74
C GLY F 233 -18.28 1.90 -12.48
N MET F 234 -17.70 1.87 -11.28
CA MET F 234 -16.73 0.85 -10.87
C MET F 234 -17.22 0.04 -9.67
N SER F 235 -18.51 -0.27 -9.61
CA SER F 235 -19.04 -0.98 -8.45
C SER F 235 -20.25 -1.83 -8.87
N THR F 236 -20.97 -2.32 -7.87
CA THR F 236 -22.30 -2.92 -8.02
C THR F 236 -22.29 -4.29 -8.69
N VAL F 237 -21.83 -4.37 -9.93
CA VAL F 237 -22.02 -5.60 -10.72
C VAL F 237 -21.36 -6.82 -10.08
N PRO F 238 -20.12 -6.77 -9.58
CA PRO F 238 -19.57 -7.96 -8.91
C PRO F 238 -20.41 -8.41 -7.73
N GLU F 239 -21.00 -7.48 -6.99
CA GLU F 239 -21.85 -7.85 -5.86
C GLU F 239 -23.19 -8.41 -6.35
N VAL F 240 -23.72 -7.85 -7.43
CA VAL F 240 -24.98 -8.36 -8.00
C VAL F 240 -24.80 -9.80 -8.45
N VAL F 241 -23.68 -10.10 -9.12
CA VAL F 241 -23.44 -11.44 -9.63
C VAL F 241 -23.33 -12.44 -8.48
N THR F 242 -22.55 -12.08 -7.45
CA THR F 242 -22.34 -12.99 -6.33
C THR F 242 -23.63 -13.23 -5.55
N ALA F 243 -24.46 -12.20 -5.38
CA ALA F 243 -25.74 -12.38 -4.71
C ALA F 243 -26.66 -13.28 -5.52
N ARG F 244 -26.66 -13.12 -6.85
CA ARG F 244 -27.48 -13.98 -7.70
C ARG F 244 -26.97 -15.42 -7.68
N HIS F 245 -25.65 -15.60 -7.66
CA HIS F 245 -25.11 -16.95 -7.53
C HIS F 245 -25.52 -17.60 -6.22
N CYS F 246 -25.76 -16.78 -5.19
CA CYS F 246 -26.27 -17.28 -3.91
C CYS F 246 -27.78 -17.51 -3.94
N GLY F 247 -28.47 -17.01 -4.97
CA GLY F 247 -29.90 -17.15 -5.09
C GLY F 247 -30.72 -15.98 -4.59
N TRP F 248 -30.09 -14.84 -4.30
CA TRP F 248 -30.80 -13.70 -3.74
C TRP F 248 -31.51 -12.90 -4.83
N ARG F 249 -32.57 -12.20 -4.43
CA ARG F 249 -33.15 -11.17 -5.28
CA ARG F 249 -33.15 -11.17 -5.28
C ARG F 249 -32.31 -9.90 -5.17
N VAL F 250 -32.27 -9.13 -6.25
CA VAL F 250 -31.40 -7.96 -6.31
C VAL F 250 -32.19 -6.73 -6.71
N LEU F 251 -32.00 -5.64 -5.98
CA LEU F 251 -32.44 -4.31 -6.36
C LEU F 251 -31.22 -3.40 -6.35
N ALA F 252 -31.02 -2.66 -7.43
CA ALA F 252 -29.86 -1.78 -7.57
C ALA F 252 -30.32 -0.40 -8.01
N LEU F 253 -29.73 0.62 -7.40
CA LEU F 253 -30.16 2.01 -7.63
C LEU F 253 -28.93 2.90 -7.77
N SER F 254 -28.84 3.59 -8.91
CA SER F 254 -27.71 4.46 -9.20
C SER F 254 -28.10 5.92 -8.99
N LEU F 255 -27.19 6.68 -8.38
CA LEU F 255 -27.28 8.13 -8.34
C LEU F 255 -26.40 8.69 -9.45
N ILE F 256 -27.00 9.50 -10.32
CA ILE F 256 -26.28 10.09 -11.45
C ILE F 256 -25.62 11.37 -10.94
N THR F 257 -24.29 11.36 -10.85
CA THR F 257 -23.56 12.50 -10.31
C THR F 257 -23.11 13.49 -11.38
N ASN F 258 -23.02 13.07 -12.63
CA ASN F 258 -22.60 13.98 -13.70
C ASN F 258 -22.92 13.37 -15.04
N GLU F 259 -23.15 14.25 -16.02
CA GLU F 259 -23.34 13.84 -17.41
C GLU F 259 -21.98 13.70 -18.08
N CYS F 260 -21.71 12.52 -18.65
CA CYS F 260 -20.45 12.28 -19.32
C CYS F 260 -20.43 12.98 -20.67
N VAL F 261 -19.37 13.74 -20.93
CA VAL F 261 -19.25 14.46 -22.19
C VAL F 261 -18.96 13.48 -23.31
N VAL F 262 -19.74 13.57 -24.39
CA VAL F 262 -19.59 12.70 -25.55
C VAL F 262 -19.22 13.47 -26.81
N ASP F 263 -19.07 14.77 -26.73
CA ASP F 263 -18.69 15.53 -27.91
C ASP F 263 -17.20 15.37 -28.19
N PRO F 264 -16.80 15.29 -29.46
CA PRO F 264 -15.39 15.12 -29.76
C PRO F 264 -14.60 16.37 -29.37
N PRO F 265 -13.31 16.23 -29.08
CA PRO F 265 -12.51 17.41 -28.73
C PRO F 265 -12.42 18.37 -29.91
N ALA F 266 -11.96 19.58 -29.61
CA ALA F 266 -11.85 20.61 -30.64
C ALA F 266 -10.90 20.17 -31.74
N SER F 267 -11.27 20.47 -32.98
CA SER F 267 -10.40 20.20 -34.11
C SER F 267 -9.38 21.33 -34.27
N ALA F 268 -8.17 20.98 -34.71
CA ALA F 268 -7.19 22.00 -35.02
C ALA F 268 -7.66 22.93 -36.11
N HIS F 269 -8.68 22.53 -36.87
CA HIS F 269 -9.30 23.39 -37.87
C HIS F 269 -10.64 23.93 -37.35
N VAL F 286 -23.72 21.84 -4.86
CA VAL F 286 -23.65 20.40 -5.01
C VAL F 286 -23.80 19.72 -3.66
N LEU F 287 -23.23 20.35 -2.63
CA LEU F 287 -23.37 19.83 -1.27
C LEU F 287 -24.83 19.68 -0.87
N GLU F 288 -25.67 20.62 -1.29
CA GLU F 288 -27.09 20.53 -1.00
C GLU F 288 -27.79 19.53 -1.92
N ASN F 289 -27.26 19.31 -3.12
CA ASN F 289 -27.93 18.43 -4.08
C ASN F 289 -27.62 16.97 -3.83
N SER F 290 -26.33 16.63 -3.65
CA SER F 290 -25.97 15.26 -3.37
C SER F 290 -26.56 14.78 -2.06
N ALA F 291 -26.64 15.67 -1.07
CA ALA F 291 -27.28 15.32 0.20
C ALA F 291 -28.79 15.21 0.04
N LYS F 292 -29.38 16.03 -0.83
CA LYS F 292 -30.82 15.95 -1.07
C LYS F 292 -31.17 14.66 -1.79
N ALA F 293 -30.41 14.32 -2.84
CA ALA F 293 -30.60 13.03 -3.49
C ALA F 293 -30.33 11.88 -2.54
N SER F 294 -29.38 12.08 -1.61
CA SER F 294 -29.15 11.07 -0.58
C SER F 294 -30.36 10.92 0.33
N LYS F 295 -30.99 12.04 0.69
CA LYS F 295 -32.21 11.97 1.49
C LYS F 295 -33.29 11.18 0.78
N ASP F 296 -33.46 11.42 -0.53
CA ASP F 296 -34.47 10.68 -1.30
C ASP F 296 -34.15 9.20 -1.33
N VAL F 297 -32.89 8.85 -1.58
CA VAL F 297 -32.49 7.44 -1.60
C VAL F 297 -32.76 6.79 -0.25
N GLN F 298 -32.43 7.50 0.84
CA GLN F 298 -32.70 6.99 2.18
C GLN F 298 -34.18 6.71 2.36
N GLU F 299 -35.03 7.67 2.00
CA GLU F 299 -36.47 7.50 2.15
C GLU F 299 -36.97 6.29 1.36
N LEU F 300 -36.48 6.11 0.14
CA LEU F 300 -36.95 5.03 -0.71
C LEU F 300 -36.59 3.67 -0.13
N ILE F 301 -35.35 3.51 0.31
CA ILE F 301 -34.92 2.22 0.86
C ILE F 301 -35.64 1.94 2.18
N PHE F 302 -35.80 2.97 3.02
CA PHE F 302 -36.58 2.84 4.25
C PHE F 302 -37.97 2.30 3.97
N SER F 303 -38.62 2.79 2.91
CA SER F 303 -39.96 2.34 2.57
C SER F 303 -39.93 0.94 1.97
N VAL F 304 -39.00 0.69 1.05
CA VAL F 304 -38.97 -0.59 0.34
C VAL F 304 -38.74 -1.74 1.31
N VAL F 305 -37.84 -1.56 2.27
CA VAL F 305 -37.41 -2.66 3.13
C VAL F 305 -38.54 -3.22 3.97
N ALA F 306 -39.58 -2.42 4.24
CA ALA F 306 -40.67 -2.89 5.09
C ALA F 306 -41.60 -3.87 4.39
N GLU F 307 -41.53 -3.97 3.07
CA GLU F 307 -42.39 -4.87 2.31
C GLU F 307 -41.54 -5.87 1.52
N ILE F 308 -40.47 -6.33 2.15
CA ILE F 308 -39.53 -7.25 1.51
C ILE F 308 -39.88 -8.69 1.81
N1 IM5 G . 20.07 21.01 24.78
C2 IM5 G . 20.49 19.80 24.27
N2 IM5 G . 19.54 18.91 23.96
N3 IM5 G . 21.76 19.50 24.09
C4 IM5 G . 22.67 20.46 24.43
C5 IM5 G . 22.30 21.70 24.95
C6 IM5 G . 20.93 22.03 25.16
O6 IM5 G . 20.48 23.08 25.60
N7 IM5 G . 23.47 22.39 25.18
C8 IM5 G . 24.51 21.60 24.82
C9 IM5 G . 24.04 20.41 24.34
N1' IM5 G . 25.11 19.25 22.42
C10 IM5 G . 24.83 19.24 23.86
C2' IM5 G . 24.00 19.75 21.60
C3' IM5 G . 24.65 19.88 20.25
O3' IM5 G . 24.85 18.61 19.67
C4' IM5 G . 25.97 20.57 20.62
C5' IM5 G . 25.91 22.08 20.51
O5' IM5 G . 24.82 22.51 19.71
C6' IM5 G . 26.25 20.09 22.05
S SO4 H . 28.08 16.61 22.51
O1 SO4 H . 27.00 15.84 23.14
O2 SO4 H . 28.47 17.71 23.38
O3 SO4 H . 29.23 15.74 22.27
O4 SO4 H . 27.60 17.14 21.24
N1 IM5 I . 11.28 -3.13 34.78
C2 IM5 I . 10.80 -3.47 33.54
N2 IM5 I . 10.86 -2.54 32.58
N3 IM5 I . 10.29 -4.66 33.28
C4 IM5 I . 10.28 -5.57 34.30
C5 IM5 I . 10.74 -5.26 35.59
C6 IM5 I . 11.29 -3.98 35.88
O6 IM5 I . 11.73 -3.59 36.97
N7 IM5 I . 10.56 -6.38 36.36
C8 IM5 I . 9.99 -7.35 35.59
C9 IM5 I . 9.81 -6.88 34.32
N1' IM5 I . 10.06 -8.54 32.40
C10 IM5 I . 9.21 -7.61 33.15
C2' IM5 I . 10.88 -7.98 31.33
C3' IM5 I . 11.64 -9.20 30.88
O3' IM5 I . 10.85 -10.00 29.99
C4' IM5 I . 11.88 -10.00 32.17
C5' IM5 I . 13.33 -10.14 32.58
O5' IM5 I . 13.91 -8.88 32.90
C6' IM5 I . 11.07 -9.22 33.21
N1 IM5 J . -22.99 -18.21 -23.81
C2 IM5 J . -21.68 -18.58 -23.70
N2 IM5 J . -20.79 -17.64 -23.37
N3 IM5 J . -21.28 -19.82 -23.90
C4 IM5 J . -22.22 -20.73 -24.22
C5 IM5 J . -23.57 -20.41 -24.35
C6 IM5 J . -24.03 -19.07 -24.13
O6 IM5 J . -25.20 -18.67 -24.21
N7 IM5 J . -24.22 -21.57 -24.69
C8 IM5 J . -23.29 -22.57 -24.77
C9 IM5 J . -22.07 -22.07 -24.47
N1' IM5 J . -20.43 -23.51 -23.24
C10 IM5 J . -20.74 -22.76 -24.45
C2' IM5 J . -19.76 -22.69 -22.21
C3' IM5 J . -19.74 -23.63 -21.03
O3' IM5 J . -18.63 -24.51 -21.10
C4' IM5 J . -21.09 -24.39 -21.12
C5' IM5 J . -22.09 -23.98 -20.06
O5' IM5 J . -23.32 -24.67 -20.20
C6' IM5 J . -21.59 -24.07 -22.53
S SO4 K . -17.56 -25.68 -24.71
O1 SO4 K . -18.33 -25.65 -23.47
O2 SO4 K . -16.31 -26.37 -24.44
O3 SO4 K . -17.31 -24.32 -25.17
O4 SO4 K . -18.31 -26.40 -25.72
N9 GUN L . 0.04 -1.41 -35.96
C8 GUN L . 0.20 -1.29 -37.30
N7 GUN L . -0.80 -1.80 -37.99
C5 GUN L . -1.66 -2.30 -37.02
C6 GUN L . -2.91 -2.97 -37.18
O6 GUN L . -3.50 -3.26 -38.23
N1 GUN L . -3.47 -3.30 -35.94
C2 GUN L . -2.89 -3.03 -34.72
N2 GUN L . -3.57 -3.42 -33.63
N3 GUN L . -1.73 -2.39 -34.59
C4 GUN L . -1.15 -2.05 -35.77
#